data_1IS1
# 
_entry.id   1IS1 
# 
_audit_conform.dict_name       mmcif_pdbx.dic 
_audit_conform.dict_version    5.383 
_audit_conform.dict_location   http://mmcif.pdb.org/dictionaries/ascii/mmcif_pdbx.dic 
# 
loop_
_database_2.database_id 
_database_2.database_code 
_database_2.pdbx_database_accession 
_database_2.pdbx_DOI 
PDB   1IS1         pdb_00001is1 10.2210/pdb1is1/pdb 
RCSB  RCSB005222   ?            ?                   
WWPDB D_1000005222 ?            ?                   
# 
loop_
_pdbx_audit_revision_history.ordinal 
_pdbx_audit_revision_history.data_content_type 
_pdbx_audit_revision_history.major_revision 
_pdbx_audit_revision_history.minor_revision 
_pdbx_audit_revision_history.revision_date 
1 'Structure model' 1 0 2003-06-17 
2 'Structure model' 1 1 2008-04-27 
3 'Structure model' 1 2 2011-07-13 
4 'Structure model' 1 3 2023-12-27 
# 
_pdbx_audit_revision_details.ordinal             1 
_pdbx_audit_revision_details.revision_ordinal    1 
_pdbx_audit_revision_details.data_content_type   'Structure model' 
_pdbx_audit_revision_details.provider            repository 
_pdbx_audit_revision_details.type                'Initial release' 
_pdbx_audit_revision_details.description         ? 
_pdbx_audit_revision_details.details             ? 
# 
loop_
_pdbx_audit_revision_group.ordinal 
_pdbx_audit_revision_group.revision_ordinal 
_pdbx_audit_revision_group.data_content_type 
_pdbx_audit_revision_group.group 
1 2 'Structure model' 'Version format compliance' 
2 3 'Structure model' 'Version format compliance' 
3 4 'Structure model' 'Data collection'           
4 4 'Structure model' 'Database references'       
# 
loop_
_pdbx_audit_revision_category.ordinal 
_pdbx_audit_revision_category.revision_ordinal 
_pdbx_audit_revision_category.data_content_type 
_pdbx_audit_revision_category.category 
1 4 'Structure model' chem_comp_atom 
2 4 'Structure model' chem_comp_bond 
3 4 'Structure model' database_2     
# 
loop_
_pdbx_audit_revision_item.ordinal 
_pdbx_audit_revision_item.revision_ordinal 
_pdbx_audit_revision_item.data_content_type 
_pdbx_audit_revision_item.item 
1 4 'Structure model' '_database_2.pdbx_DOI'                
2 4 'Structure model' '_database_2.pdbx_database_accession' 
# 
_pdbx_database_status.status_code                     REL 
_pdbx_database_status.entry_id                        1IS1 
_pdbx_database_status.recvd_initial_deposition_date   2001-11-05 
_pdbx_database_status.deposit_site                    PDBJ 
_pdbx_database_status.process_site                    PDBJ 
_pdbx_database_status.status_code_sf                  REL 
_pdbx_database_status.SG_entry                        . 
_pdbx_database_status.pdb_format_compatible           Y 
_pdbx_database_status.status_code_mr                  ? 
_pdbx_database_status.status_code_cs                  ? 
_pdbx_database_status.status_code_nmr_data            ? 
_pdbx_database_status.methods_development_category    ? 
# 
loop_
_audit_author.name 
_audit_author.pdbx_ordinal 
'Nakano, H.'    1  
'Yamaichi, Y.'  2  
'Uchiyama, S.'  3  
'Yoshida, T.'   4  
'Nishina, K.'   5  
'Kato, H.'      6  
'Ohkubo, T.'    7  
'Honda, T.'     8  
'Yamagata, Y.'  9  
'Kobayashi, Y.' 10 
# 
_citation.id                        primary 
_citation.title                     'Structure and binding mode of a ribosome recycling factor (RRF) from mesophilic bacterium' 
_citation.journal_abbrev            J.BIOL.CHEM. 
_citation.journal_volume            278 
_citation.page_first                3427 
_citation.page_last                 3436 
_citation.year                      2003 
_citation.journal_id_ASTM           JBCHA3 
_citation.country                   US 
_citation.journal_id_ISSN           0021-9258 
_citation.journal_id_CSD            0071 
_citation.book_publisher            ? 
_citation.pdbx_database_id_PubMed   12411440 
_citation.pdbx_database_id_DOI      10.1074/jbc.M208098200 
# 
loop_
_citation_author.citation_id 
_citation_author.name 
_citation_author.ordinal 
_citation_author.identifier_ORCID 
primary 'Nakano, H.'    1  ? 
primary 'Yoshida, T.'   2  ? 
primary 'Uchiyama, S.'  3  ? 
primary 'Kawachi, M.'   4  ? 
primary 'Matsuo, H.'    5  ? 
primary 'Kato, T.'      6  ? 
primary 'Ohshima, A.'   7  ? 
primary 'Yamaichi, Y.'  8  ? 
primary 'Honda, T.'     9  ? 
primary 'Kato, H.'      10 ? 
primary 'Yamagata, Y.'  11 ? 
primary 'Ohkubo, T.'    12 ? 
primary 'Kobayashi, Y.' 13 ? 
# 
loop_
_entity.id 
_entity.type 
_entity.src_method 
_entity.pdbx_description 
_entity.formula_weight 
_entity.pdbx_number_of_molecules 
_entity.pdbx_ec 
_entity.pdbx_mutation 
_entity.pdbx_fragment 
_entity.details 
1 polymer man 'RIBOSOME RECYCLING FACTOR' 20635.791 1   ? ? ? ? 
2 water   nat water                       18.015    227 ? ? ? ? 
# 
_entity_poly.entity_id                      1 
_entity_poly.type                           'polypeptide(L)' 
_entity_poly.nstd_linkage                   no 
_entity_poly.nstd_monomer                   no 
_entity_poly.pdbx_seq_one_letter_code       
;MINEIKKDAQERMDKSVEALKNNLSKVRTGRAHPSLLSGISVEYYGAATPLNQVANVVAEDARTLAITVFDKELTQKVEK
AIMMSDLGLNPMSAGTIIRVPLPPLTEERRKDLVKIVRGEAEGGRVAVRNIRRDANNDLKALLKDKEISEDEDRKAQEEI
QKLTDVAVKKIDEVLAAKEKELMEV
;
_entity_poly.pdbx_seq_one_letter_code_can   
;MINEIKKDAQERMDKSVEALKNNLSKVRTGRAHPSLLSGISVEYYGAATPLNQVANVVAEDARTLAITVFDKELTQKVEK
AIMMSDLGLNPMSAGTIIRVPLPPLTEERRKDLVKIVRGEAEGGRVAVRNIRRDANNDLKALLKDKEISEDEDRKAQEEI
QKLTDVAVKKIDEVLAAKEKELMEV
;
_entity_poly.pdbx_strand_id                 A 
_entity_poly.pdbx_target_identifier         ? 
# 
_pdbx_entity_nonpoly.entity_id   2 
_pdbx_entity_nonpoly.name        water 
_pdbx_entity_nonpoly.comp_id     HOH 
# 
loop_
_entity_poly_seq.entity_id 
_entity_poly_seq.num 
_entity_poly_seq.mon_id 
_entity_poly_seq.hetero 
1 1   MET n 
1 2   ILE n 
1 3   ASN n 
1 4   GLU n 
1 5   ILE n 
1 6   LYS n 
1 7   LYS n 
1 8   ASP n 
1 9   ALA n 
1 10  GLN n 
1 11  GLU n 
1 12  ARG n 
1 13  MET n 
1 14  ASP n 
1 15  LYS n 
1 16  SER n 
1 17  VAL n 
1 18  GLU n 
1 19  ALA n 
1 20  LEU n 
1 21  LYS n 
1 22  ASN n 
1 23  ASN n 
1 24  LEU n 
1 25  SER n 
1 26  LYS n 
1 27  VAL n 
1 28  ARG n 
1 29  THR n 
1 30  GLY n 
1 31  ARG n 
1 32  ALA n 
1 33  HIS n 
1 34  PRO n 
1 35  SER n 
1 36  LEU n 
1 37  LEU n 
1 38  SER n 
1 39  GLY n 
1 40  ILE n 
1 41  SER n 
1 42  VAL n 
1 43  GLU n 
1 44  TYR n 
1 45  TYR n 
1 46  GLY n 
1 47  ALA n 
1 48  ALA n 
1 49  THR n 
1 50  PRO n 
1 51  LEU n 
1 52  ASN n 
1 53  GLN n 
1 54  VAL n 
1 55  ALA n 
1 56  ASN n 
1 57  VAL n 
1 58  VAL n 
1 59  ALA n 
1 60  GLU n 
1 61  ASP n 
1 62  ALA n 
1 63  ARG n 
1 64  THR n 
1 65  LEU n 
1 66  ALA n 
1 67  ILE n 
1 68  THR n 
1 69  VAL n 
1 70  PHE n 
1 71  ASP n 
1 72  LYS n 
1 73  GLU n 
1 74  LEU n 
1 75  THR n 
1 76  GLN n 
1 77  LYS n 
1 78  VAL n 
1 79  GLU n 
1 80  LYS n 
1 81  ALA n 
1 82  ILE n 
1 83  MET n 
1 84  MET n 
1 85  SER n 
1 86  ASP n 
1 87  LEU n 
1 88  GLY n 
1 89  LEU n 
1 90  ASN n 
1 91  PRO n 
1 92  MET n 
1 93  SER n 
1 94  ALA n 
1 95  GLY n 
1 96  THR n 
1 97  ILE n 
1 98  ILE n 
1 99  ARG n 
1 100 VAL n 
1 101 PRO n 
1 102 LEU n 
1 103 PRO n 
1 104 PRO n 
1 105 LEU n 
1 106 THR n 
1 107 GLU n 
1 108 GLU n 
1 109 ARG n 
1 110 ARG n 
1 111 LYS n 
1 112 ASP n 
1 113 LEU n 
1 114 VAL n 
1 115 LYS n 
1 116 ILE n 
1 117 VAL n 
1 118 ARG n 
1 119 GLY n 
1 120 GLU n 
1 121 ALA n 
1 122 GLU n 
1 123 GLY n 
1 124 GLY n 
1 125 ARG n 
1 126 VAL n 
1 127 ALA n 
1 128 VAL n 
1 129 ARG n 
1 130 ASN n 
1 131 ILE n 
1 132 ARG n 
1 133 ARG n 
1 134 ASP n 
1 135 ALA n 
1 136 ASN n 
1 137 ASN n 
1 138 ASP n 
1 139 LEU n 
1 140 LYS n 
1 141 ALA n 
1 142 LEU n 
1 143 LEU n 
1 144 LYS n 
1 145 ASP n 
1 146 LYS n 
1 147 GLU n 
1 148 ILE n 
1 149 SER n 
1 150 GLU n 
1 151 ASP n 
1 152 GLU n 
1 153 ASP n 
1 154 ARG n 
1 155 LYS n 
1 156 ALA n 
1 157 GLN n 
1 158 GLU n 
1 159 GLU n 
1 160 ILE n 
1 161 GLN n 
1 162 LYS n 
1 163 LEU n 
1 164 THR n 
1 165 ASP n 
1 166 VAL n 
1 167 ALA n 
1 168 VAL n 
1 169 LYS n 
1 170 LYS n 
1 171 ILE n 
1 172 ASP n 
1 173 GLU n 
1 174 VAL n 
1 175 LEU n 
1 176 ALA n 
1 177 ALA n 
1 178 LYS n 
1 179 GLU n 
1 180 LYS n 
1 181 GLU n 
1 182 LEU n 
1 183 MET n 
1 184 GLU n 
1 185 VAL n 
# 
_entity_src_gen.entity_id                          1 
_entity_src_gen.pdbx_src_id                        1 
_entity_src_gen.pdbx_alt_source_flag               sample 
_entity_src_gen.pdbx_seq_type                      ? 
_entity_src_gen.pdbx_beg_seq_num                   ? 
_entity_src_gen.pdbx_end_seq_num                   ? 
_entity_src_gen.gene_src_common_name               ? 
_entity_src_gen.gene_src_genus                     Vibrio 
_entity_src_gen.pdbx_gene_src_gene                 ? 
_entity_src_gen.gene_src_species                   ? 
_entity_src_gen.gene_src_strain                    ? 
_entity_src_gen.gene_src_tissue                    ? 
_entity_src_gen.gene_src_tissue_fraction           ? 
_entity_src_gen.gene_src_details                   ? 
_entity_src_gen.pdbx_gene_src_fragment             ? 
_entity_src_gen.pdbx_gene_src_scientific_name      'Vibrio parahaemolyticus' 
_entity_src_gen.pdbx_gene_src_ncbi_taxonomy_id     670 
_entity_src_gen.pdbx_gene_src_variant              ? 
_entity_src_gen.pdbx_gene_src_cell_line            ? 
_entity_src_gen.pdbx_gene_src_atcc                 ? 
_entity_src_gen.pdbx_gene_src_organ                ? 
_entity_src_gen.pdbx_gene_src_organelle            ? 
_entity_src_gen.pdbx_gene_src_cell                 ? 
_entity_src_gen.pdbx_gene_src_cellular_location    ? 
_entity_src_gen.host_org_common_name               ? 
_entity_src_gen.pdbx_host_org_scientific_name      'Escherichia coli' 
_entity_src_gen.pdbx_host_org_ncbi_taxonomy_id     562 
_entity_src_gen.host_org_genus                     Escherichia 
_entity_src_gen.pdbx_host_org_gene                 ? 
_entity_src_gen.pdbx_host_org_organ                ? 
_entity_src_gen.host_org_species                   ? 
_entity_src_gen.pdbx_host_org_tissue               ? 
_entity_src_gen.pdbx_host_org_tissue_fraction      ? 
_entity_src_gen.pdbx_host_org_strain               ? 
_entity_src_gen.pdbx_host_org_variant              ? 
_entity_src_gen.pdbx_host_org_cell_line            ? 
_entity_src_gen.pdbx_host_org_atcc                 ? 
_entity_src_gen.pdbx_host_org_culture_collection   ? 
_entity_src_gen.pdbx_host_org_cell                 ? 
_entity_src_gen.pdbx_host_org_organelle            ? 
_entity_src_gen.pdbx_host_org_cellular_location    ? 
_entity_src_gen.pdbx_host_org_vector_type          PLASMID 
_entity_src_gen.pdbx_host_org_vector               ? 
_entity_src_gen.host_org_details                   ? 
_entity_src_gen.expression_system_id               ? 
_entity_src_gen.plasmid_name                       pET22B 
_entity_src_gen.plasmid_details                    ? 
_entity_src_gen.pdbx_description                   ? 
# 
loop_
_chem_comp.id 
_chem_comp.type 
_chem_comp.mon_nstd_flag 
_chem_comp.name 
_chem_comp.pdbx_synonyms 
_chem_comp.formula 
_chem_comp.formula_weight 
ALA 'L-peptide linking' y ALANINE         ? 'C3 H7 N O2'     89.093  
ARG 'L-peptide linking' y ARGININE        ? 'C6 H15 N4 O2 1' 175.209 
ASN 'L-peptide linking' y ASPARAGINE      ? 'C4 H8 N2 O3'    132.118 
ASP 'L-peptide linking' y 'ASPARTIC ACID' ? 'C4 H7 N O4'     133.103 
GLN 'L-peptide linking' y GLUTAMINE       ? 'C5 H10 N2 O3'   146.144 
GLU 'L-peptide linking' y 'GLUTAMIC ACID' ? 'C5 H9 N O4'     147.129 
GLY 'peptide linking'   y GLYCINE         ? 'C2 H5 N O2'     75.067  
HIS 'L-peptide linking' y HISTIDINE       ? 'C6 H10 N3 O2 1' 156.162 
HOH non-polymer         . WATER           ? 'H2 O'           18.015  
ILE 'L-peptide linking' y ISOLEUCINE      ? 'C6 H13 N O2'    131.173 
LEU 'L-peptide linking' y LEUCINE         ? 'C6 H13 N O2'    131.173 
LYS 'L-peptide linking' y LYSINE          ? 'C6 H15 N2 O2 1' 147.195 
MET 'L-peptide linking' y METHIONINE      ? 'C5 H11 N O2 S'  149.211 
PHE 'L-peptide linking' y PHENYLALANINE   ? 'C9 H11 N O2'    165.189 
PRO 'L-peptide linking' y PROLINE         ? 'C5 H9 N O2'     115.130 
SER 'L-peptide linking' y SERINE          ? 'C3 H7 N O3'     105.093 
THR 'L-peptide linking' y THREONINE       ? 'C4 H9 N O3'     119.119 
TYR 'L-peptide linking' y TYROSINE        ? 'C9 H11 N O3'    181.189 
VAL 'L-peptide linking' y VALINE          ? 'C5 H11 N O2'    117.146 
# 
loop_
_pdbx_poly_seq_scheme.asym_id 
_pdbx_poly_seq_scheme.entity_id 
_pdbx_poly_seq_scheme.seq_id 
_pdbx_poly_seq_scheme.mon_id 
_pdbx_poly_seq_scheme.ndb_seq_num 
_pdbx_poly_seq_scheme.pdb_seq_num 
_pdbx_poly_seq_scheme.auth_seq_num 
_pdbx_poly_seq_scheme.pdb_mon_id 
_pdbx_poly_seq_scheme.auth_mon_id 
_pdbx_poly_seq_scheme.pdb_strand_id 
_pdbx_poly_seq_scheme.pdb_ins_code 
_pdbx_poly_seq_scheme.hetero 
A 1 1   MET 1   1   1   MET MET A . n 
A 1 2   ILE 2   2   2   ILE ILE A . n 
A 1 3   ASN 3   3   3   ASN ASN A . n 
A 1 4   GLU 4   4   4   GLU GLU A . n 
A 1 5   ILE 5   5   5   ILE ILE A . n 
A 1 6   LYS 6   6   6   LYS LYS A . n 
A 1 7   LYS 7   7   7   LYS LYS A . n 
A 1 8   ASP 8   8   8   ASP ASP A . n 
A 1 9   ALA 9   9   9   ALA ALA A . n 
A 1 10  GLN 10  10  10  GLN GLN A . n 
A 1 11  GLU 11  11  11  GLU GLU A . n 
A 1 12  ARG 12  12  12  ARG ARG A . n 
A 1 13  MET 13  13  13  MET MET A . n 
A 1 14  ASP 14  14  14  ASP ASP A . n 
A 1 15  LYS 15  15  15  LYS LYS A . n 
A 1 16  SER 16  16  16  SER SER A . n 
A 1 17  VAL 17  17  17  VAL VAL A . n 
A 1 18  GLU 18  18  18  GLU GLU A . n 
A 1 19  ALA 19  19  19  ALA ALA A . n 
A 1 20  LEU 20  20  20  LEU LEU A . n 
A 1 21  LYS 21  21  21  LYS LYS A . n 
A 1 22  ASN 22  22  22  ASN ASN A . n 
A 1 23  ASN 23  23  23  ASN ASN A . n 
A 1 24  LEU 24  24  24  LEU LEU A . n 
A 1 25  SER 25  25  25  SER SER A . n 
A 1 26  LYS 26  26  26  LYS LYS A . n 
A 1 27  VAL 27  27  27  VAL VAL A . n 
A 1 28  ARG 28  28  28  ARG ARG A . n 
A 1 29  THR 29  29  29  THR THR A . n 
A 1 30  GLY 30  30  30  GLY GLY A . n 
A 1 31  ARG 31  31  31  ARG ARG A . n 
A 1 32  ALA 32  32  32  ALA ALA A . n 
A 1 33  HIS 33  33  33  HIS HIS A . n 
A 1 34  PRO 34  34  34  PRO PRO A . n 
A 1 35  SER 35  35  35  SER SER A . n 
A 1 36  LEU 36  36  36  LEU LEU A . n 
A 1 37  LEU 37  37  37  LEU LEU A . n 
A 1 38  SER 38  38  38  SER SER A . n 
A 1 39  GLY 39  39  39  GLY GLY A . n 
A 1 40  ILE 40  40  40  ILE ILE A . n 
A 1 41  SER 41  41  41  SER SER A . n 
A 1 42  VAL 42  42  42  VAL VAL A . n 
A 1 43  GLU 43  43  43  GLU GLU A . n 
A 1 44  TYR 44  44  44  TYR TYR A . n 
A 1 45  TYR 45  45  45  TYR TYR A . n 
A 1 46  GLY 46  46  46  GLY GLY A . n 
A 1 47  ALA 47  47  47  ALA ALA A . n 
A 1 48  ALA 48  48  48  ALA ALA A . n 
A 1 49  THR 49  49  49  THR THR A . n 
A 1 50  PRO 50  50  50  PRO PRO A . n 
A 1 51  LEU 51  51  51  LEU LEU A . n 
A 1 52  ASN 52  52  52  ASN ASN A . n 
A 1 53  GLN 53  53  53  GLN GLN A . n 
A 1 54  VAL 54  54  54  VAL VAL A . n 
A 1 55  ALA 55  55  55  ALA ALA A . n 
A 1 56  ASN 56  56  56  ASN ASN A . n 
A 1 57  VAL 57  57  57  VAL VAL A . n 
A 1 58  VAL 58  58  58  VAL VAL A . n 
A 1 59  ALA 59  59  59  ALA ALA A . n 
A 1 60  GLU 60  60  60  GLU GLU A . n 
A 1 61  ASP 61  61  61  ASP ASP A . n 
A 1 62  ALA 62  62  62  ALA ALA A . n 
A 1 63  ARG 63  63  63  ARG ARG A . n 
A 1 64  THR 64  64  64  THR THR A . n 
A 1 65  LEU 65  65  65  LEU LEU A . n 
A 1 66  ALA 66  66  66  ALA ALA A . n 
A 1 67  ILE 67  67  67  ILE ILE A . n 
A 1 68  THR 68  68  68  THR THR A . n 
A 1 69  VAL 69  69  69  VAL VAL A . n 
A 1 70  PHE 70  70  70  PHE PHE A . n 
A 1 71  ASP 71  71  71  ASP ASP A . n 
A 1 72  LYS 72  72  72  LYS LYS A . n 
A 1 73  GLU 73  73  73  GLU GLU A . n 
A 1 74  LEU 74  74  74  LEU LEU A . n 
A 1 75  THR 75  75  75  THR THR A . n 
A 1 76  GLN 76  76  76  GLN GLN A . n 
A 1 77  LYS 77  77  77  LYS LYS A . n 
A 1 78  VAL 78  78  78  VAL VAL A . n 
A 1 79  GLU 79  79  79  GLU GLU A . n 
A 1 80  LYS 80  80  80  LYS LYS A . n 
A 1 81  ALA 81  81  81  ALA ALA A . n 
A 1 82  ILE 82  82  82  ILE ILE A . n 
A 1 83  MET 83  83  83  MET MET A . n 
A 1 84  MET 84  84  84  MET MET A . n 
A 1 85  SER 85  85  85  SER SER A . n 
A 1 86  ASP 86  86  86  ASP ASP A . n 
A 1 87  LEU 87  87  87  LEU LEU A . n 
A 1 88  GLY 88  88  88  GLY GLY A . n 
A 1 89  LEU 89  89  89  LEU LEU A . n 
A 1 90  ASN 90  90  90  ASN ASN A . n 
A 1 91  PRO 91  91  91  PRO PRO A . n 
A 1 92  MET 92  92  92  MET MET A . n 
A 1 93  SER 93  93  93  SER SER A . n 
A 1 94  ALA 94  94  94  ALA ALA A . n 
A 1 95  GLY 95  95  95  GLY GLY A . n 
A 1 96  THR 96  96  96  THR THR A . n 
A 1 97  ILE 97  97  97  ILE ILE A . n 
A 1 98  ILE 98  98  98  ILE ILE A . n 
A 1 99  ARG 99  99  99  ARG ARG A . n 
A 1 100 VAL 100 100 100 VAL VAL A . n 
A 1 101 PRO 101 101 101 PRO PRO A . n 
A 1 102 LEU 102 102 102 LEU LEU A . n 
A 1 103 PRO 103 103 103 PRO PRO A . n 
A 1 104 PRO 104 104 104 PRO PRO A . n 
A 1 105 LEU 105 105 105 LEU LEU A . n 
A 1 106 THR 106 106 106 THR THR A . n 
A 1 107 GLU 107 107 107 GLU GLU A . n 
A 1 108 GLU 108 108 108 GLU GLU A . n 
A 1 109 ARG 109 109 109 ARG ARG A . n 
A 1 110 ARG 110 110 110 ARG ARG A . n 
A 1 111 LYS 111 111 111 LYS LYS A . n 
A 1 112 ASP 112 112 112 ASP ASP A . n 
A 1 113 LEU 113 113 113 LEU LEU A . n 
A 1 114 VAL 114 114 114 VAL VAL A . n 
A 1 115 LYS 115 115 115 LYS LYS A . n 
A 1 116 ILE 116 116 116 ILE ILE A . n 
A 1 117 VAL 117 117 117 VAL VAL A . n 
A 1 118 ARG 118 118 118 ARG ARG A . n 
A 1 119 GLY 119 119 119 GLY GLY A . n 
A 1 120 GLU 120 120 120 GLU GLU A . n 
A 1 121 ALA 121 121 121 ALA ALA A . n 
A 1 122 GLU 122 122 122 GLU GLU A . n 
A 1 123 GLY 123 123 123 GLY GLY A . n 
A 1 124 GLY 124 124 124 GLY GLY A . n 
A 1 125 ARG 125 125 125 ARG ARG A . n 
A 1 126 VAL 126 126 126 VAL VAL A . n 
A 1 127 ALA 127 127 127 ALA ALA A . n 
A 1 128 VAL 128 128 128 VAL VAL A . n 
A 1 129 ARG 129 129 129 ARG ARG A . n 
A 1 130 ASN 130 130 130 ASN ASN A . n 
A 1 131 ILE 131 131 131 ILE ILE A . n 
A 1 132 ARG 132 132 132 ARG ARG A . n 
A 1 133 ARG 133 133 133 ARG ARG A . n 
A 1 134 ASP 134 134 134 ASP ASP A . n 
A 1 135 ALA 135 135 135 ALA ALA A . n 
A 1 136 ASN 136 136 136 ASN ASN A . n 
A 1 137 ASN 137 137 137 ASN ASN A . n 
A 1 138 ASP 138 138 138 ASP ASP A . n 
A 1 139 LEU 139 139 139 LEU LEU A . n 
A 1 140 LYS 140 140 140 LYS LYS A . n 
A 1 141 ALA 141 141 141 ALA ALA A . n 
A 1 142 LEU 142 142 142 LEU LEU A . n 
A 1 143 LEU 143 143 143 LEU LEU A . n 
A 1 144 LYS 144 144 144 LYS LYS A . n 
A 1 145 ASP 145 145 145 ASP ASP A . n 
A 1 146 LYS 146 146 146 LYS LYS A . n 
A 1 147 GLU 147 147 147 GLU GLU A . n 
A 1 148 ILE 148 148 148 ILE ILE A . n 
A 1 149 SER 149 149 149 SER SER A . n 
A 1 150 GLU 150 150 150 GLU GLU A . n 
A 1 151 ASP 151 151 151 ASP ASP A . n 
A 1 152 GLU 152 152 152 GLU GLU A . n 
A 1 153 ASP 153 153 153 ASP ASP A . n 
A 1 154 ARG 154 154 154 ARG ARG A . n 
A 1 155 LYS 155 155 155 LYS LYS A . n 
A 1 156 ALA 156 156 156 ALA ALA A . n 
A 1 157 GLN 157 157 157 GLN GLN A . n 
A 1 158 GLU 158 158 158 GLU GLU A . n 
A 1 159 GLU 159 159 159 GLU GLU A . n 
A 1 160 ILE 160 160 160 ILE ILE A . n 
A 1 161 GLN 161 161 161 GLN GLN A . n 
A 1 162 LYS 162 162 162 LYS LYS A . n 
A 1 163 LEU 163 163 163 LEU LEU A . n 
A 1 164 THR 164 164 164 THR THR A . n 
A 1 165 ASP 165 165 165 ASP ASP A . n 
A 1 166 VAL 166 166 166 VAL VAL A . n 
A 1 167 ALA 167 167 167 ALA ALA A . n 
A 1 168 VAL 168 168 168 VAL VAL A . n 
A 1 169 LYS 169 169 169 LYS LYS A . n 
A 1 170 LYS 170 170 170 LYS LYS A . n 
A 1 171 ILE 171 171 171 ILE ILE A . n 
A 1 172 ASP 172 172 172 ASP ASP A . n 
A 1 173 GLU 173 173 173 GLU GLU A . n 
A 1 174 VAL 174 174 174 VAL VAL A . n 
A 1 175 LEU 175 175 175 LEU LEU A . n 
A 1 176 ALA 176 176 176 ALA ALA A . n 
A 1 177 ALA 177 177 177 ALA ALA A . n 
A 1 178 LYS 178 178 178 LYS LYS A . n 
A 1 179 GLU 179 179 179 GLU GLU A . n 
A 1 180 LYS 180 180 180 LYS LYS A . n 
A 1 181 GLU 181 181 181 GLU GLU A . n 
A 1 182 LEU 182 182 182 LEU LEU A . n 
A 1 183 MET 183 183 183 MET MET A . n 
A 1 184 GLU 184 184 184 GLU GLU A . n 
A 1 185 VAL 185 185 185 VAL VAL A . n 
# 
loop_
_pdbx_nonpoly_scheme.asym_id 
_pdbx_nonpoly_scheme.entity_id 
_pdbx_nonpoly_scheme.mon_id 
_pdbx_nonpoly_scheme.ndb_seq_num 
_pdbx_nonpoly_scheme.pdb_seq_num 
_pdbx_nonpoly_scheme.auth_seq_num 
_pdbx_nonpoly_scheme.pdb_mon_id 
_pdbx_nonpoly_scheme.auth_mon_id 
_pdbx_nonpoly_scheme.pdb_strand_id 
_pdbx_nonpoly_scheme.pdb_ins_code 
B 2 HOH 1   186 1   HOH HOH A . 
B 2 HOH 2   187 2   HOH HOH A . 
B 2 HOH 3   188 3   HOH HOH A . 
B 2 HOH 4   189 4   HOH HOH A . 
B 2 HOH 5   190 5   HOH HOH A . 
B 2 HOH 6   191 6   HOH HOH A . 
B 2 HOH 7   192 7   HOH HOH A . 
B 2 HOH 8   193 8   HOH HOH A . 
B 2 HOH 9   194 9   HOH HOH A . 
B 2 HOH 10  195 10  HOH HOH A . 
B 2 HOH 11  196 11  HOH HOH A . 
B 2 HOH 12  197 12  HOH HOH A . 
B 2 HOH 13  198 13  HOH HOH A . 
B 2 HOH 14  199 14  HOH HOH A . 
B 2 HOH 15  200 15  HOH HOH A . 
B 2 HOH 16  201 16  HOH HOH A . 
B 2 HOH 17  202 17  HOH HOH A . 
B 2 HOH 18  203 18  HOH HOH A . 
B 2 HOH 19  204 19  HOH HOH A . 
B 2 HOH 20  205 20  HOH HOH A . 
B 2 HOH 21  206 21  HOH HOH A . 
B 2 HOH 22  207 22  HOH HOH A . 
B 2 HOH 23  208 23  HOH HOH A . 
B 2 HOH 24  209 24  HOH HOH A . 
B 2 HOH 25  210 25  HOH HOH A . 
B 2 HOH 26  211 26  HOH HOH A . 
B 2 HOH 27  212 27  HOH HOH A . 
B 2 HOH 28  213 28  HOH HOH A . 
B 2 HOH 29  214 29  HOH HOH A . 
B 2 HOH 30  215 30  HOH HOH A . 
B 2 HOH 31  216 31  HOH HOH A . 
B 2 HOH 32  217 32  HOH HOH A . 
B 2 HOH 33  218 33  HOH HOH A . 
B 2 HOH 34  219 34  HOH HOH A . 
B 2 HOH 35  220 35  HOH HOH A . 
B 2 HOH 36  221 36  HOH HOH A . 
B 2 HOH 37  222 37  HOH HOH A . 
B 2 HOH 38  223 38  HOH HOH A . 
B 2 HOH 39  224 39  HOH HOH A . 
B 2 HOH 40  225 40  HOH HOH A . 
B 2 HOH 41  226 41  HOH HOH A . 
B 2 HOH 42  227 42  HOH HOH A . 
B 2 HOH 43  228 43  HOH HOH A . 
B 2 HOH 44  229 44  HOH HOH A . 
B 2 HOH 45  230 45  HOH HOH A . 
B 2 HOH 46  231 46  HOH HOH A . 
B 2 HOH 47  232 47  HOH HOH A . 
B 2 HOH 48  233 48  HOH HOH A . 
B 2 HOH 49  234 49  HOH HOH A . 
B 2 HOH 50  235 50  HOH HOH A . 
B 2 HOH 51  236 51  HOH HOH A . 
B 2 HOH 52  237 52  HOH HOH A . 
B 2 HOH 53  238 53  HOH HOH A . 
B 2 HOH 54  239 54  HOH HOH A . 
B 2 HOH 55  240 55  HOH HOH A . 
B 2 HOH 56  241 56  HOH HOH A . 
B 2 HOH 57  242 57  HOH HOH A . 
B 2 HOH 58  243 58  HOH HOH A . 
B 2 HOH 59  244 59  HOH HOH A . 
B 2 HOH 60  245 60  HOH HOH A . 
B 2 HOH 61  246 61  HOH HOH A . 
B 2 HOH 62  247 62  HOH HOH A . 
B 2 HOH 63  248 63  HOH HOH A . 
B 2 HOH 64  249 64  HOH HOH A . 
B 2 HOH 65  250 65  HOH HOH A . 
B 2 HOH 66  251 66  HOH HOH A . 
B 2 HOH 67  252 67  HOH HOH A . 
B 2 HOH 68  253 68  HOH HOH A . 
B 2 HOH 69  254 69  HOH HOH A . 
B 2 HOH 70  255 70  HOH HOH A . 
B 2 HOH 71  256 71  HOH HOH A . 
B 2 HOH 72  257 72  HOH HOH A . 
B 2 HOH 73  258 73  HOH HOH A . 
B 2 HOH 74  259 74  HOH HOH A . 
B 2 HOH 75  260 75  HOH HOH A . 
B 2 HOH 76  261 76  HOH HOH A . 
B 2 HOH 77  262 77  HOH HOH A . 
B 2 HOH 78  263 78  HOH HOH A . 
B 2 HOH 79  264 79  HOH HOH A . 
B 2 HOH 80  265 80  HOH HOH A . 
B 2 HOH 81  266 81  HOH HOH A . 
B 2 HOH 82  267 82  HOH HOH A . 
B 2 HOH 83  268 83  HOH HOH A . 
B 2 HOH 84  269 84  HOH HOH A . 
B 2 HOH 85  270 85  HOH HOH A . 
B 2 HOH 86  271 86  HOH HOH A . 
B 2 HOH 87  272 87  HOH HOH A . 
B 2 HOH 88  273 88  HOH HOH A . 
B 2 HOH 89  274 89  HOH HOH A . 
B 2 HOH 90  275 90  HOH HOH A . 
B 2 HOH 91  276 91  HOH HOH A . 
B 2 HOH 92  277 92  HOH HOH A . 
B 2 HOH 93  278 93  HOH HOH A . 
B 2 HOH 94  279 94  HOH HOH A . 
B 2 HOH 95  280 95  HOH HOH A . 
B 2 HOH 96  281 96  HOH HOH A . 
B 2 HOH 97  282 97  HOH HOH A . 
B 2 HOH 98  283 98  HOH HOH A . 
B 2 HOH 99  284 99  HOH HOH A . 
B 2 HOH 100 285 100 HOH HOH A . 
B 2 HOH 101 286 101 HOH HOH A . 
B 2 HOH 102 287 102 HOH HOH A . 
B 2 HOH 103 288 103 HOH HOH A . 
B 2 HOH 104 289 104 HOH HOH A . 
B 2 HOH 105 290 105 HOH HOH A . 
B 2 HOH 106 291 106 HOH HOH A . 
B 2 HOH 107 292 107 HOH HOH A . 
B 2 HOH 108 293 108 HOH HOH A . 
B 2 HOH 109 294 109 HOH HOH A . 
B 2 HOH 110 295 110 HOH HOH A . 
B 2 HOH 111 296 111 HOH HOH A . 
B 2 HOH 112 297 112 HOH HOH A . 
B 2 HOH 113 298 113 HOH HOH A . 
B 2 HOH 114 299 114 HOH HOH A . 
B 2 HOH 115 300 115 HOH HOH A . 
B 2 HOH 116 301 116 HOH HOH A . 
B 2 HOH 117 302 117 HOH HOH A . 
B 2 HOH 118 303 118 HOH HOH A . 
B 2 HOH 119 304 119 HOH HOH A . 
B 2 HOH 120 305 120 HOH HOH A . 
B 2 HOH 121 306 121 HOH HOH A . 
B 2 HOH 122 307 122 HOH HOH A . 
B 2 HOH 123 308 123 HOH HOH A . 
B 2 HOH 124 309 124 HOH HOH A . 
B 2 HOH 125 310 125 HOH HOH A . 
B 2 HOH 126 311 126 HOH HOH A . 
B 2 HOH 127 312 127 HOH HOH A . 
B 2 HOH 128 313 128 HOH HOH A . 
B 2 HOH 129 314 129 HOH HOH A . 
B 2 HOH 130 315 130 HOH HOH A . 
B 2 HOH 131 316 131 HOH HOH A . 
B 2 HOH 132 317 132 HOH HOH A . 
B 2 HOH 133 318 133 HOH HOH A . 
B 2 HOH 134 319 134 HOH HOH A . 
B 2 HOH 135 320 135 HOH HOH A . 
B 2 HOH 136 321 136 HOH HOH A . 
B 2 HOH 137 322 137 HOH HOH A . 
B 2 HOH 138 323 138 HOH HOH A . 
B 2 HOH 139 324 139 HOH HOH A . 
B 2 HOH 140 325 140 HOH HOH A . 
B 2 HOH 141 326 141 HOH HOH A . 
B 2 HOH 142 327 142 HOH HOH A . 
B 2 HOH 143 328 143 HOH HOH A . 
B 2 HOH 144 329 144 HOH HOH A . 
B 2 HOH 145 330 145 HOH HOH A . 
B 2 HOH 146 331 146 HOH HOH A . 
B 2 HOH 147 332 147 HOH HOH A . 
B 2 HOH 148 333 148 HOH HOH A . 
B 2 HOH 149 334 149 HOH HOH A . 
B 2 HOH 150 335 150 HOH HOH A . 
B 2 HOH 151 336 151 HOH HOH A . 
B 2 HOH 152 337 152 HOH HOH A . 
B 2 HOH 153 338 153 HOH HOH A . 
B 2 HOH 154 339 154 HOH HOH A . 
B 2 HOH 155 340 155 HOH HOH A . 
B 2 HOH 156 341 156 HOH HOH A . 
B 2 HOH 157 342 157 HOH HOH A . 
B 2 HOH 158 343 158 HOH HOH A . 
B 2 HOH 159 344 159 HOH HOH A . 
B 2 HOH 160 345 160 HOH HOH A . 
B 2 HOH 161 346 161 HOH HOH A . 
B 2 HOH 162 347 162 HOH HOH A . 
B 2 HOH 163 348 163 HOH HOH A . 
B 2 HOH 164 349 164 HOH HOH A . 
B 2 HOH 165 350 165 HOH HOH A . 
B 2 HOH 166 351 166 HOH HOH A . 
B 2 HOH 167 352 167 HOH HOH A . 
B 2 HOH 168 353 168 HOH HOH A . 
B 2 HOH 169 354 169 HOH HOH A . 
B 2 HOH 170 355 170 HOH HOH A . 
B 2 HOH 171 356 171 HOH HOH A . 
B 2 HOH 172 357 172 HOH HOH A . 
B 2 HOH 173 358 173 HOH HOH A . 
B 2 HOH 174 359 174 HOH HOH A . 
B 2 HOH 175 360 175 HOH HOH A . 
B 2 HOH 176 361 176 HOH HOH A . 
B 2 HOH 177 362 177 HOH HOH A . 
B 2 HOH 178 363 178 HOH HOH A . 
B 2 HOH 179 364 179 HOH HOH A . 
B 2 HOH 180 365 180 HOH HOH A . 
B 2 HOH 181 366 181 HOH HOH A . 
B 2 HOH 182 367 182 HOH HOH A . 
B 2 HOH 183 368 183 HOH HOH A . 
B 2 HOH 184 369 184 HOH HOH A . 
B 2 HOH 185 370 185 HOH HOH A . 
B 2 HOH 186 371 186 HOH HOH A . 
B 2 HOH 187 372 187 HOH HOH A . 
B 2 HOH 188 373 188 HOH HOH A . 
B 2 HOH 189 374 189 HOH HOH A . 
B 2 HOH 190 375 190 HOH HOH A . 
B 2 HOH 191 376 191 HOH HOH A . 
B 2 HOH 192 377 192 HOH HOH A . 
B 2 HOH 193 378 193 HOH HOH A . 
B 2 HOH 194 379 194 HOH HOH A . 
B 2 HOH 195 380 195 HOH HOH A . 
B 2 HOH 196 381 196 HOH HOH A . 
B 2 HOH 197 382 197 HOH HOH A . 
B 2 HOH 198 383 198 HOH HOH A . 
B 2 HOH 199 384 199 HOH HOH A . 
B 2 HOH 200 385 200 HOH HOH A . 
B 2 HOH 201 386 201 HOH HOH A . 
B 2 HOH 202 387 202 HOH HOH A . 
B 2 HOH 203 388 203 HOH HOH A . 
B 2 HOH 204 389 204 HOH HOH A . 
B 2 HOH 205 390 205 HOH HOH A . 
B 2 HOH 206 391 206 HOH HOH A . 
B 2 HOH 207 392 207 HOH HOH A . 
B 2 HOH 208 393 208 HOH HOH A . 
B 2 HOH 209 394 209 HOH HOH A . 
B 2 HOH 210 395 210 HOH HOH A . 
B 2 HOH 211 396 211 HOH HOH A . 
B 2 HOH 212 397 212 HOH HOH A . 
B 2 HOH 213 398 213 HOH HOH A . 
B 2 HOH 214 399 214 HOH HOH A . 
B 2 HOH 215 400 215 HOH HOH A . 
B 2 HOH 216 401 216 HOH HOH A . 
B 2 HOH 217 402 217 HOH HOH A . 
B 2 HOH 218 403 218 HOH HOH A . 
B 2 HOH 219 404 219 HOH HOH A . 
B 2 HOH 220 405 220 HOH HOH A . 
B 2 HOH 221 406 221 HOH HOH A . 
B 2 HOH 222 407 222 HOH HOH A . 
B 2 HOH 223 408 223 HOH HOH A . 
B 2 HOH 224 409 224 HOH HOH A . 
B 2 HOH 225 410 225 HOH HOH A . 
B 2 HOH 226 411 226 HOH HOH A . 
B 2 HOH 227 412 227 HOH HOH A . 
# 
loop_
_software.name 
_software.classification 
_software.version 
_software.citation_id 
_software.pdbx_ordinal 
DENZO     'data reduction' .   ? 1 
SCALEPACK 'data scaling'   .   ? 2 
AMoRE     phasing          .   ? 3 
CNS       refinement       1.0 ? 4 
# 
_cell.entry_id           1IS1 
_cell.length_a           84.799 
_cell.length_b           84.799 
_cell.length_c           142.727 
_cell.angle_alpha        90.00 
_cell.angle_beta         90.00 
_cell.angle_gamma        120.00 
_cell.Z_PDB              18 
_cell.pdbx_unique_axis   ? 
# 
_symmetry.entry_id                         1IS1 
_symmetry.space_group_name_H-M             'H 3 2' 
_symmetry.pdbx_full_space_group_name_H-M   ? 
_symmetry.cell_setting                     ? 
_symmetry.Int_Tables_number                155 
# 
_exptl.entry_id          1IS1 
_exptl.method            'X-RAY DIFFRACTION' 
_exptl.crystals_number   1 
# 
_exptl_crystal.id                    1 
_exptl_crystal.density_meas          ? 
_exptl_crystal.density_Matthews      2.39 
_exptl_crystal.density_percent_sol   48.58 
_exptl_crystal.description           ? 
# 
_exptl_crystal_grow.crystal_id      1 
_exptl_crystal_grow.method          'VAPOR DIFFUSION, HANGING DROP' 
_exptl_crystal_grow.temp            277 
_exptl_crystal_grow.temp_details    ? 
_exptl_crystal_grow.pH              6.2 
_exptl_crystal_grow.pdbx_details    
'PEG 8000, sodium acetate, GDP, fusidic acid, pH 6.2, VAPOR DIFFUSION, HANGING DROP, temperature 277K' 
_exptl_crystal_grow.pdbx_pH_range   . 
# 
_diffrn.id                     1 
_diffrn.ambient_temp           100.0 
_diffrn.ambient_temp_details   ? 
_diffrn.crystal_id             1 
# 
_diffrn_detector.diffrn_id              1 
_diffrn_detector.detector               DIFFRACTOMETER 
_diffrn_detector.type                   WEISSENBERG 
_diffrn_detector.pdbx_collection_date   ? 
_diffrn_detector.details                ? 
# 
_diffrn_radiation.diffrn_id                        1 
_diffrn_radiation.wavelength_id                    1 
_diffrn_radiation.pdbx_monochromatic_or_laue_m_l   M 
_diffrn_radiation.monochromator                    ? 
_diffrn_radiation.pdbx_diffrn_protocol             'SINGLE WAVELENGTH' 
_diffrn_radiation.pdbx_scattering_type             x-ray 
# 
_diffrn_radiation_wavelength.id           1 
_diffrn_radiation_wavelength.wavelength   1.000 
_diffrn_radiation_wavelength.wt           1.0 
# 
_diffrn_source.diffrn_id                   1 
_diffrn_source.source                      SYNCHROTRON 
_diffrn_source.type                        'PHOTON FACTORY BEAMLINE BL-6A' 
_diffrn_source.pdbx_synchrotron_site       'Photon Factory' 
_diffrn_source.pdbx_synchrotron_beamline   BL-6A 
_diffrn_source.pdbx_wavelength             ? 
_diffrn_source.pdbx_wavelength_list        1.000 
# 
_reflns.entry_id                     1IS1 
_reflns.observed_criterion_sigma_I   2.0 
_reflns.observed_criterion_sigma_F   2.0 
_reflns.d_resolution_low             40 
_reflns.d_resolution_high            2.2 
_reflns.number_obs                   10326 
_reflns.number_all                   ? 
_reflns.percent_possible_obs         99.6 
_reflns.pdbx_Rmerge_I_obs            0.073 
_reflns.pdbx_Rsym_value              ? 
_reflns.pdbx_netI_over_sigmaI        ? 
_reflns.B_iso_Wilson_estimate        ? 
_reflns.pdbx_redundancy              ? 
_reflns.R_free_details               ? 
_reflns.limit_h_max                  ? 
_reflns.limit_h_min                  ? 
_reflns.limit_k_max                  ? 
_reflns.limit_k_min                  ? 
_reflns.limit_l_max                  ? 
_reflns.limit_l_min                  ? 
_reflns.observed_criterion_F_max     ? 
_reflns.observed_criterion_F_min     ? 
_reflns.pdbx_diffrn_id               1 
_reflns.pdbx_ordinal                 1 
# 
_reflns_shell.d_res_high             2.20 
_reflns_shell.d_res_low              2.24 
_reflns_shell.percent_possible_all   93.7 
_reflns_shell.Rmerge_I_obs           ? 
_reflns_shell.pdbx_Rsym_value        ? 
_reflns_shell.meanI_over_sigI_obs    ? 
_reflns_shell.pdbx_redundancy        ? 
_reflns_shell.percent_possible_obs   ? 
_reflns_shell.number_unique_all      ? 
_reflns_shell.pdbx_diffrn_id         ? 
_reflns_shell.pdbx_ordinal           1 
# 
_refine.entry_id                                 1IS1 
_refine.ls_number_reflns_obs                     9422 
_refine.ls_number_reflns_all                     10271 
_refine.pdbx_ls_sigma_I                          ? 
_refine.pdbx_ls_sigma_F                          2.0 
_refine.pdbx_data_cutoff_high_absF               ? 
_refine.pdbx_data_cutoff_low_absF                ? 
_refine.ls_d_res_low                             20 
_refine.ls_d_res_high                            2.20 
_refine.ls_percent_reflns_obs                    ? 
_refine.ls_R_factor_obs                          ? 
_refine.ls_R_factor_all                          ? 
_refine.ls_R_factor_R_work                       0.203 
_refine.ls_R_factor_R_free                       0.273 
_refine.ls_R_factor_R_free_error                 ? 
_refine.ls_R_factor_R_free_error_details         ? 
_refine.ls_percent_reflns_R_free                 5.58 
_refine.ls_number_reflns_R_free                  526 
_refine.ls_number_parameters                     ? 
_refine.ls_number_restraints                     ? 
_refine.occupancy_min                            ? 
_refine.occupancy_max                            ? 
_refine.B_iso_mean                               ? 
_refine.aniso_B[1][1]                            ? 
_refine.aniso_B[2][2]                            ? 
_refine.aniso_B[3][3]                            ? 
_refine.aniso_B[1][2]                            ? 
_refine.aniso_B[1][3]                            ? 
_refine.aniso_B[2][3]                            ? 
_refine.solvent_model_details                    ? 
_refine.solvent_model_param_ksol                 ? 
_refine.solvent_model_param_bsol                 ? 
_refine.pdbx_ls_cross_valid_method               ? 
_refine.details                                  ? 
_refine.pdbx_starting_model                      ? 
_refine.pdbx_method_to_determine_struct          'MOLECULAR REPLACEMENT' 
_refine.pdbx_isotropic_thermal_model             ? 
_refine.pdbx_stereochemistry_target_values       'Engh & Huber' 
_refine.pdbx_stereochem_target_val_spec_case     ? 
_refine.pdbx_R_Free_selection_details            RANDAM 
_refine.pdbx_overall_ESU_R_Free                  ? 
_refine.overall_SU_B                             ? 
_refine.ls_redundancy_reflns_obs                 ? 
_refine.B_iso_min                                ? 
_refine.B_iso_max                                ? 
_refine.correlation_coeff_Fo_to_Fc               ? 
_refine.overall_SU_R_Cruickshank_DPI             ? 
_refine.overall_SU_R_free                        ? 
_refine.overall_SU_ML                            ? 
_refine.pdbx_overall_ESU_R                       ? 
_refine.pdbx_data_cutoff_high_rms_absF           ? 
_refine.correlation_coeff_Fo_to_Fc_free          ? 
_refine.pdbx_solvent_vdw_probe_radii             ? 
_refine.pdbx_solvent_ion_probe_radii             ? 
_refine.pdbx_solvent_shrinkage_radii             ? 
_refine.pdbx_refine_id                           'X-RAY DIFFRACTION' 
_refine.pdbx_diffrn_id                           1 
_refine.pdbx_TLS_residual_ADP_flag               ? 
_refine.pdbx_overall_phase_error                 ? 
_refine.pdbx_overall_SU_R_free_Cruickshank_DPI   ? 
_refine.pdbx_overall_SU_R_Blow_DPI               ? 
_refine.pdbx_overall_SU_R_free_Blow_DPI          ? 
# 
_refine_hist.pdbx_refine_id                   'X-RAY DIFFRACTION' 
_refine_hist.cycle_id                         LAST 
_refine_hist.pdbx_number_atoms_protein        1441 
_refine_hist.pdbx_number_atoms_nucleic_acid   0 
_refine_hist.pdbx_number_atoms_ligand         0 
_refine_hist.number_atoms_solvent             227 
_refine_hist.number_atoms_total               1668 
_refine_hist.d_res_high                       2.20 
_refine_hist.d_res_low                        20 
# 
_struct.entry_id                  1IS1 
_struct.title                     'Crystal structure of ribosome recycling factor from Vibrio parahaemolyticus' 
_struct.pdbx_model_details        ? 
_struct.pdbx_CASP_flag            ? 
_struct.pdbx_model_type_details   ? 
# 
_struct_keywords.entry_id        1IS1 
_struct_keywords.pdbx_keywords   TRANSLATION 
_struct_keywords.text            TRANSLATION 
# 
loop_
_struct_asym.id 
_struct_asym.pdbx_blank_PDB_chainid_flag 
_struct_asym.pdbx_modified 
_struct_asym.entity_id 
_struct_asym.details 
A N N 1 ? 
B N N 2 ? 
# 
_struct_ref.id                         1 
_struct_ref.db_name                    UNP 
_struct_ref.db_code                    RRF_VIBPA 
_struct_ref.entity_id                  1 
_struct_ref.pdbx_seq_one_letter_code   
;MINEIKKDAQERMDKSVEALKNNLSKVRTGRAHPSLLSGISVEYYGAATPLNQVANVVAEDARTLAITVFDKELTQKVEK
AIMMSDLGLNPMSAGTIIRVPLPPLTEERRKDLVKIVRGEAEGGRVAVRNIRRDANNDLKALLKDKEISEDEDRKAQEEI
QKLTDVAVKKIDEVLAAKEKELMEV
;
_struct_ref.pdbx_align_begin           1 
_struct_ref.pdbx_db_accession          Q8GRF5 
_struct_ref.pdbx_db_isoform            ? 
# 
_struct_ref_seq.align_id                      1 
_struct_ref_seq.ref_id                        1 
_struct_ref_seq.pdbx_PDB_id_code              1IS1 
_struct_ref_seq.pdbx_strand_id                A 
_struct_ref_seq.seq_align_beg                 1 
_struct_ref_seq.pdbx_seq_align_beg_ins_code   ? 
_struct_ref_seq.seq_align_end                 185 
_struct_ref_seq.pdbx_seq_align_end_ins_code   ? 
_struct_ref_seq.pdbx_db_accession             Q8GRF5 
_struct_ref_seq.db_align_beg                  1 
_struct_ref_seq.pdbx_db_align_beg_ins_code    ? 
_struct_ref_seq.db_align_end                  185 
_struct_ref_seq.pdbx_db_align_end_ins_code    ? 
_struct_ref_seq.pdbx_auth_seq_align_beg       1 
_struct_ref_seq.pdbx_auth_seq_align_end       185 
# 
_pdbx_struct_assembly.id                   1 
_pdbx_struct_assembly.details              author_defined_assembly 
_pdbx_struct_assembly.method_details       ? 
_pdbx_struct_assembly.oligomeric_details   monomeric 
_pdbx_struct_assembly.oligomeric_count     1 
# 
_pdbx_struct_assembly_gen.assembly_id       1 
_pdbx_struct_assembly_gen.oper_expression   1 
_pdbx_struct_assembly_gen.asym_id_list      A,B 
# 
_pdbx_struct_oper_list.id                   1 
_pdbx_struct_oper_list.type                 'identity operation' 
_pdbx_struct_oper_list.name                 1_555 
_pdbx_struct_oper_list.symmetry_operation   x,y,z 
_pdbx_struct_oper_list.matrix[1][1]         1.0000000000 
_pdbx_struct_oper_list.matrix[1][2]         0.0000000000 
_pdbx_struct_oper_list.matrix[1][3]         0.0000000000 
_pdbx_struct_oper_list.vector[1]            0.0000000000 
_pdbx_struct_oper_list.matrix[2][1]         0.0000000000 
_pdbx_struct_oper_list.matrix[2][2]         1.0000000000 
_pdbx_struct_oper_list.matrix[2][3]         0.0000000000 
_pdbx_struct_oper_list.vector[2]            0.0000000000 
_pdbx_struct_oper_list.matrix[3][1]         0.0000000000 
_pdbx_struct_oper_list.matrix[3][2]         0.0000000000 
_pdbx_struct_oper_list.matrix[3][3]         1.0000000000 
_pdbx_struct_oper_list.vector[3]            0.0000000000 
# 
_struct_biol.id                    1 
_struct_biol.pdbx_parent_biol_id   ? 
_struct_biol.details               ? 
# 
loop_
_struct_conf.conf_type_id 
_struct_conf.id 
_struct_conf.pdbx_PDB_helix_id 
_struct_conf.beg_label_comp_id 
_struct_conf.beg_label_asym_id 
_struct_conf.beg_label_seq_id 
_struct_conf.pdbx_beg_PDB_ins_code 
_struct_conf.end_label_comp_id 
_struct_conf.end_label_asym_id 
_struct_conf.end_label_seq_id 
_struct_conf.pdbx_end_PDB_ins_code 
_struct_conf.beg_auth_comp_id 
_struct_conf.beg_auth_asym_id 
_struct_conf.beg_auth_seq_id 
_struct_conf.end_auth_comp_id 
_struct_conf.end_auth_asym_id 
_struct_conf.end_auth_seq_id 
_struct_conf.pdbx_PDB_helix_class 
_struct_conf.details 
_struct_conf.pdbx_PDB_helix_length 
HELX_P HELX_P1 1 MET A 1   ? SER A 25  ? MET A 1   SER A 25  1 ? 25 
HELX_P HELX_P2 2 HIS A 33  ? SER A 38  ? HIS A 33  SER A 38  5 ? 6  
HELX_P HELX_P3 3 LEU A 74  ? SER A 85  ? LEU A 74  SER A 85  1 ? 12 
HELX_P HELX_P4 4 THR A 106 ? ASP A 145 ? THR A 106 ASP A 145 1 ? 40 
HELX_P HELX_P5 5 SER A 149 ? GLU A 184 ? SER A 149 GLU A 184 1 ? 36 
# 
_struct_conf_type.id          HELX_P 
_struct_conf_type.criteria    ? 
_struct_conf_type.reference   ? 
# 
loop_
_struct_sheet.id 
_struct_sheet.type 
_struct_sheet.number_strands 
_struct_sheet.details 
A ? 2 ? 
B ? 4 ? 
# 
loop_
_struct_sheet_order.sheet_id 
_struct_sheet_order.range_id_1 
_struct_sheet_order.range_id_2 
_struct_sheet_order.offset 
_struct_sheet_order.sense 
A 1 2 ? anti-parallel 
B 1 2 ? anti-parallel 
B 2 3 ? anti-parallel 
B 3 4 ? anti-parallel 
# 
loop_
_struct_sheet_range.sheet_id 
_struct_sheet_range.id 
_struct_sheet_range.beg_label_comp_id 
_struct_sheet_range.beg_label_asym_id 
_struct_sheet_range.beg_label_seq_id 
_struct_sheet_range.pdbx_beg_PDB_ins_code 
_struct_sheet_range.end_label_comp_id 
_struct_sheet_range.end_label_asym_id 
_struct_sheet_range.end_label_seq_id 
_struct_sheet_range.pdbx_end_PDB_ins_code 
_struct_sheet_range.beg_auth_comp_id 
_struct_sheet_range.beg_auth_asym_id 
_struct_sheet_range.beg_auth_seq_id 
_struct_sheet_range.end_auth_comp_id 
_struct_sheet_range.end_auth_asym_id 
_struct_sheet_range.end_auth_seq_id 
A 1 SER A 41 ? TYR A 44  ? SER A 41 TYR A 44  
A 2 ALA A 47 ? PRO A 50  ? ALA A 47 PRO A 50  
B 1 ALA A 55 ? ASP A 61  ? ALA A 55 ASP A 61  
B 2 THR A 64 ? VAL A 69  ? THR A 64 VAL A 69  
B 3 ILE A 97 ? PRO A 101 ? ILE A 97 PRO A 101 
B 4 MET A 92 ? ALA A 94  ? MET A 92 ALA A 94  
# 
loop_
_pdbx_struct_sheet_hbond.sheet_id 
_pdbx_struct_sheet_hbond.range_id_1 
_pdbx_struct_sheet_hbond.range_id_2 
_pdbx_struct_sheet_hbond.range_1_label_atom_id 
_pdbx_struct_sheet_hbond.range_1_label_comp_id 
_pdbx_struct_sheet_hbond.range_1_label_asym_id 
_pdbx_struct_sheet_hbond.range_1_label_seq_id 
_pdbx_struct_sheet_hbond.range_1_PDB_ins_code 
_pdbx_struct_sheet_hbond.range_1_auth_atom_id 
_pdbx_struct_sheet_hbond.range_1_auth_comp_id 
_pdbx_struct_sheet_hbond.range_1_auth_asym_id 
_pdbx_struct_sheet_hbond.range_1_auth_seq_id 
_pdbx_struct_sheet_hbond.range_2_label_atom_id 
_pdbx_struct_sheet_hbond.range_2_label_comp_id 
_pdbx_struct_sheet_hbond.range_2_label_asym_id 
_pdbx_struct_sheet_hbond.range_2_label_seq_id 
_pdbx_struct_sheet_hbond.range_2_PDB_ins_code 
_pdbx_struct_sheet_hbond.range_2_auth_atom_id 
_pdbx_struct_sheet_hbond.range_2_auth_comp_id 
_pdbx_struct_sheet_hbond.range_2_auth_asym_id 
_pdbx_struct_sheet_hbond.range_2_auth_seq_id 
A 1 2 N VAL A 42 ? N VAL A 42 O THR A 49  ? O THR A 49  
B 1 2 N VAL A 58 ? N VAL A 58 O ALA A 66  ? O ALA A 66  
B 2 3 N LEU A 65 ? N LEU A 65 O VAL A 100 ? O VAL A 100 
B 3 4 O ARG A 99 ? O ARG A 99 N MET A 92  ? N MET A 92  
# 
_pdbx_validate_torsion.id              1 
_pdbx_validate_torsion.PDB_model_num   1 
_pdbx_validate_torsion.auth_comp_id    ALA 
_pdbx_validate_torsion.auth_asym_id    A 
_pdbx_validate_torsion.auth_seq_id     94 
_pdbx_validate_torsion.PDB_ins_code    ? 
_pdbx_validate_torsion.label_alt_id    ? 
_pdbx_validate_torsion.phi             -163.14 
_pdbx_validate_torsion.psi             118.48 
# 
loop_
_pdbx_struct_special_symmetry.id 
_pdbx_struct_special_symmetry.PDB_model_num 
_pdbx_struct_special_symmetry.auth_asym_id 
_pdbx_struct_special_symmetry.auth_comp_id 
_pdbx_struct_special_symmetry.auth_seq_id 
_pdbx_struct_special_symmetry.PDB_ins_code 
_pdbx_struct_special_symmetry.label_asym_id 
_pdbx_struct_special_symmetry.label_comp_id 
_pdbx_struct_special_symmetry.label_seq_id 
1 1 A HOH 252 ? B HOH . 
2 1 A HOH 299 ? B HOH . 
3 1 A HOH 314 ? B HOH . 
4 1 A HOH 352 ? B HOH . 
# 
loop_
_chem_comp_atom.comp_id 
_chem_comp_atom.atom_id 
_chem_comp_atom.type_symbol 
_chem_comp_atom.pdbx_aromatic_flag 
_chem_comp_atom.pdbx_stereo_config 
_chem_comp_atom.pdbx_ordinal 
ALA N    N N N 1   
ALA CA   C N S 2   
ALA C    C N N 3   
ALA O    O N N 4   
ALA CB   C N N 5   
ALA OXT  O N N 6   
ALA H    H N N 7   
ALA H2   H N N 8   
ALA HA   H N N 9   
ALA HB1  H N N 10  
ALA HB2  H N N 11  
ALA HB3  H N N 12  
ALA HXT  H N N 13  
ARG N    N N N 14  
ARG CA   C N S 15  
ARG C    C N N 16  
ARG O    O N N 17  
ARG CB   C N N 18  
ARG CG   C N N 19  
ARG CD   C N N 20  
ARG NE   N N N 21  
ARG CZ   C N N 22  
ARG NH1  N N N 23  
ARG NH2  N N N 24  
ARG OXT  O N N 25  
ARG H    H N N 26  
ARG H2   H N N 27  
ARG HA   H N N 28  
ARG HB2  H N N 29  
ARG HB3  H N N 30  
ARG HG2  H N N 31  
ARG HG3  H N N 32  
ARG HD2  H N N 33  
ARG HD3  H N N 34  
ARG HE   H N N 35  
ARG HH11 H N N 36  
ARG HH12 H N N 37  
ARG HH21 H N N 38  
ARG HH22 H N N 39  
ARG HXT  H N N 40  
ASN N    N N N 41  
ASN CA   C N S 42  
ASN C    C N N 43  
ASN O    O N N 44  
ASN CB   C N N 45  
ASN CG   C N N 46  
ASN OD1  O N N 47  
ASN ND2  N N N 48  
ASN OXT  O N N 49  
ASN H    H N N 50  
ASN H2   H N N 51  
ASN HA   H N N 52  
ASN HB2  H N N 53  
ASN HB3  H N N 54  
ASN HD21 H N N 55  
ASN HD22 H N N 56  
ASN HXT  H N N 57  
ASP N    N N N 58  
ASP CA   C N S 59  
ASP C    C N N 60  
ASP O    O N N 61  
ASP CB   C N N 62  
ASP CG   C N N 63  
ASP OD1  O N N 64  
ASP OD2  O N N 65  
ASP OXT  O N N 66  
ASP H    H N N 67  
ASP H2   H N N 68  
ASP HA   H N N 69  
ASP HB2  H N N 70  
ASP HB3  H N N 71  
ASP HD2  H N N 72  
ASP HXT  H N N 73  
GLN N    N N N 74  
GLN CA   C N S 75  
GLN C    C N N 76  
GLN O    O N N 77  
GLN CB   C N N 78  
GLN CG   C N N 79  
GLN CD   C N N 80  
GLN OE1  O N N 81  
GLN NE2  N N N 82  
GLN OXT  O N N 83  
GLN H    H N N 84  
GLN H2   H N N 85  
GLN HA   H N N 86  
GLN HB2  H N N 87  
GLN HB3  H N N 88  
GLN HG2  H N N 89  
GLN HG3  H N N 90  
GLN HE21 H N N 91  
GLN HE22 H N N 92  
GLN HXT  H N N 93  
GLU N    N N N 94  
GLU CA   C N S 95  
GLU C    C N N 96  
GLU O    O N N 97  
GLU CB   C N N 98  
GLU CG   C N N 99  
GLU CD   C N N 100 
GLU OE1  O N N 101 
GLU OE2  O N N 102 
GLU OXT  O N N 103 
GLU H    H N N 104 
GLU H2   H N N 105 
GLU HA   H N N 106 
GLU HB2  H N N 107 
GLU HB3  H N N 108 
GLU HG2  H N N 109 
GLU HG3  H N N 110 
GLU HE2  H N N 111 
GLU HXT  H N N 112 
GLY N    N N N 113 
GLY CA   C N N 114 
GLY C    C N N 115 
GLY O    O N N 116 
GLY OXT  O N N 117 
GLY H    H N N 118 
GLY H2   H N N 119 
GLY HA2  H N N 120 
GLY HA3  H N N 121 
GLY HXT  H N N 122 
HIS N    N N N 123 
HIS CA   C N S 124 
HIS C    C N N 125 
HIS O    O N N 126 
HIS CB   C N N 127 
HIS CG   C Y N 128 
HIS ND1  N Y N 129 
HIS CD2  C Y N 130 
HIS CE1  C Y N 131 
HIS NE2  N Y N 132 
HIS OXT  O N N 133 
HIS H    H N N 134 
HIS H2   H N N 135 
HIS HA   H N N 136 
HIS HB2  H N N 137 
HIS HB3  H N N 138 
HIS HD1  H N N 139 
HIS HD2  H N N 140 
HIS HE1  H N N 141 
HIS HE2  H N N 142 
HIS HXT  H N N 143 
HOH O    O N N 144 
HOH H1   H N N 145 
HOH H2   H N N 146 
ILE N    N N N 147 
ILE CA   C N S 148 
ILE C    C N N 149 
ILE O    O N N 150 
ILE CB   C N S 151 
ILE CG1  C N N 152 
ILE CG2  C N N 153 
ILE CD1  C N N 154 
ILE OXT  O N N 155 
ILE H    H N N 156 
ILE H2   H N N 157 
ILE HA   H N N 158 
ILE HB   H N N 159 
ILE HG12 H N N 160 
ILE HG13 H N N 161 
ILE HG21 H N N 162 
ILE HG22 H N N 163 
ILE HG23 H N N 164 
ILE HD11 H N N 165 
ILE HD12 H N N 166 
ILE HD13 H N N 167 
ILE HXT  H N N 168 
LEU N    N N N 169 
LEU CA   C N S 170 
LEU C    C N N 171 
LEU O    O N N 172 
LEU CB   C N N 173 
LEU CG   C N N 174 
LEU CD1  C N N 175 
LEU CD2  C N N 176 
LEU OXT  O N N 177 
LEU H    H N N 178 
LEU H2   H N N 179 
LEU HA   H N N 180 
LEU HB2  H N N 181 
LEU HB3  H N N 182 
LEU HG   H N N 183 
LEU HD11 H N N 184 
LEU HD12 H N N 185 
LEU HD13 H N N 186 
LEU HD21 H N N 187 
LEU HD22 H N N 188 
LEU HD23 H N N 189 
LEU HXT  H N N 190 
LYS N    N N N 191 
LYS CA   C N S 192 
LYS C    C N N 193 
LYS O    O N N 194 
LYS CB   C N N 195 
LYS CG   C N N 196 
LYS CD   C N N 197 
LYS CE   C N N 198 
LYS NZ   N N N 199 
LYS OXT  O N N 200 
LYS H    H N N 201 
LYS H2   H N N 202 
LYS HA   H N N 203 
LYS HB2  H N N 204 
LYS HB3  H N N 205 
LYS HG2  H N N 206 
LYS HG3  H N N 207 
LYS HD2  H N N 208 
LYS HD3  H N N 209 
LYS HE2  H N N 210 
LYS HE3  H N N 211 
LYS HZ1  H N N 212 
LYS HZ2  H N N 213 
LYS HZ3  H N N 214 
LYS HXT  H N N 215 
MET N    N N N 216 
MET CA   C N S 217 
MET C    C N N 218 
MET O    O N N 219 
MET CB   C N N 220 
MET CG   C N N 221 
MET SD   S N N 222 
MET CE   C N N 223 
MET OXT  O N N 224 
MET H    H N N 225 
MET H2   H N N 226 
MET HA   H N N 227 
MET HB2  H N N 228 
MET HB3  H N N 229 
MET HG2  H N N 230 
MET HG3  H N N 231 
MET HE1  H N N 232 
MET HE2  H N N 233 
MET HE3  H N N 234 
MET HXT  H N N 235 
PHE N    N N N 236 
PHE CA   C N S 237 
PHE C    C N N 238 
PHE O    O N N 239 
PHE CB   C N N 240 
PHE CG   C Y N 241 
PHE CD1  C Y N 242 
PHE CD2  C Y N 243 
PHE CE1  C Y N 244 
PHE CE2  C Y N 245 
PHE CZ   C Y N 246 
PHE OXT  O N N 247 
PHE H    H N N 248 
PHE H2   H N N 249 
PHE HA   H N N 250 
PHE HB2  H N N 251 
PHE HB3  H N N 252 
PHE HD1  H N N 253 
PHE HD2  H N N 254 
PHE HE1  H N N 255 
PHE HE2  H N N 256 
PHE HZ   H N N 257 
PHE HXT  H N N 258 
PRO N    N N N 259 
PRO CA   C N S 260 
PRO C    C N N 261 
PRO O    O N N 262 
PRO CB   C N N 263 
PRO CG   C N N 264 
PRO CD   C N N 265 
PRO OXT  O N N 266 
PRO H    H N N 267 
PRO HA   H N N 268 
PRO HB2  H N N 269 
PRO HB3  H N N 270 
PRO HG2  H N N 271 
PRO HG3  H N N 272 
PRO HD2  H N N 273 
PRO HD3  H N N 274 
PRO HXT  H N N 275 
SER N    N N N 276 
SER CA   C N S 277 
SER C    C N N 278 
SER O    O N N 279 
SER CB   C N N 280 
SER OG   O N N 281 
SER OXT  O N N 282 
SER H    H N N 283 
SER H2   H N N 284 
SER HA   H N N 285 
SER HB2  H N N 286 
SER HB3  H N N 287 
SER HG   H N N 288 
SER HXT  H N N 289 
THR N    N N N 290 
THR CA   C N S 291 
THR C    C N N 292 
THR O    O N N 293 
THR CB   C N R 294 
THR OG1  O N N 295 
THR CG2  C N N 296 
THR OXT  O N N 297 
THR H    H N N 298 
THR H2   H N N 299 
THR HA   H N N 300 
THR HB   H N N 301 
THR HG1  H N N 302 
THR HG21 H N N 303 
THR HG22 H N N 304 
THR HG23 H N N 305 
THR HXT  H N N 306 
TYR N    N N N 307 
TYR CA   C N S 308 
TYR C    C N N 309 
TYR O    O N N 310 
TYR CB   C N N 311 
TYR CG   C Y N 312 
TYR CD1  C Y N 313 
TYR CD2  C Y N 314 
TYR CE1  C Y N 315 
TYR CE2  C Y N 316 
TYR CZ   C Y N 317 
TYR OH   O N N 318 
TYR OXT  O N N 319 
TYR H    H N N 320 
TYR H2   H N N 321 
TYR HA   H N N 322 
TYR HB2  H N N 323 
TYR HB3  H N N 324 
TYR HD1  H N N 325 
TYR HD2  H N N 326 
TYR HE1  H N N 327 
TYR HE2  H N N 328 
TYR HH   H N N 329 
TYR HXT  H N N 330 
VAL N    N N N 331 
VAL CA   C N S 332 
VAL C    C N N 333 
VAL O    O N N 334 
VAL CB   C N N 335 
VAL CG1  C N N 336 
VAL CG2  C N N 337 
VAL OXT  O N N 338 
VAL H    H N N 339 
VAL H2   H N N 340 
VAL HA   H N N 341 
VAL HB   H N N 342 
VAL HG11 H N N 343 
VAL HG12 H N N 344 
VAL HG13 H N N 345 
VAL HG21 H N N 346 
VAL HG22 H N N 347 
VAL HG23 H N N 348 
VAL HXT  H N N 349 
# 
loop_
_chem_comp_bond.comp_id 
_chem_comp_bond.atom_id_1 
_chem_comp_bond.atom_id_2 
_chem_comp_bond.value_order 
_chem_comp_bond.pdbx_aromatic_flag 
_chem_comp_bond.pdbx_stereo_config 
_chem_comp_bond.pdbx_ordinal 
ALA N   CA   sing N N 1   
ALA N   H    sing N N 2   
ALA N   H2   sing N N 3   
ALA CA  C    sing N N 4   
ALA CA  CB   sing N N 5   
ALA CA  HA   sing N N 6   
ALA C   O    doub N N 7   
ALA C   OXT  sing N N 8   
ALA CB  HB1  sing N N 9   
ALA CB  HB2  sing N N 10  
ALA CB  HB3  sing N N 11  
ALA OXT HXT  sing N N 12  
ARG N   CA   sing N N 13  
ARG N   H    sing N N 14  
ARG N   H2   sing N N 15  
ARG CA  C    sing N N 16  
ARG CA  CB   sing N N 17  
ARG CA  HA   sing N N 18  
ARG C   O    doub N N 19  
ARG C   OXT  sing N N 20  
ARG CB  CG   sing N N 21  
ARG CB  HB2  sing N N 22  
ARG CB  HB3  sing N N 23  
ARG CG  CD   sing N N 24  
ARG CG  HG2  sing N N 25  
ARG CG  HG3  sing N N 26  
ARG CD  NE   sing N N 27  
ARG CD  HD2  sing N N 28  
ARG CD  HD3  sing N N 29  
ARG NE  CZ   sing N N 30  
ARG NE  HE   sing N N 31  
ARG CZ  NH1  sing N N 32  
ARG CZ  NH2  doub N N 33  
ARG NH1 HH11 sing N N 34  
ARG NH1 HH12 sing N N 35  
ARG NH2 HH21 sing N N 36  
ARG NH2 HH22 sing N N 37  
ARG OXT HXT  sing N N 38  
ASN N   CA   sing N N 39  
ASN N   H    sing N N 40  
ASN N   H2   sing N N 41  
ASN CA  C    sing N N 42  
ASN CA  CB   sing N N 43  
ASN CA  HA   sing N N 44  
ASN C   O    doub N N 45  
ASN C   OXT  sing N N 46  
ASN CB  CG   sing N N 47  
ASN CB  HB2  sing N N 48  
ASN CB  HB3  sing N N 49  
ASN CG  OD1  doub N N 50  
ASN CG  ND2  sing N N 51  
ASN ND2 HD21 sing N N 52  
ASN ND2 HD22 sing N N 53  
ASN OXT HXT  sing N N 54  
ASP N   CA   sing N N 55  
ASP N   H    sing N N 56  
ASP N   H2   sing N N 57  
ASP CA  C    sing N N 58  
ASP CA  CB   sing N N 59  
ASP CA  HA   sing N N 60  
ASP C   O    doub N N 61  
ASP C   OXT  sing N N 62  
ASP CB  CG   sing N N 63  
ASP CB  HB2  sing N N 64  
ASP CB  HB3  sing N N 65  
ASP CG  OD1  doub N N 66  
ASP CG  OD2  sing N N 67  
ASP OD2 HD2  sing N N 68  
ASP OXT HXT  sing N N 69  
GLN N   CA   sing N N 70  
GLN N   H    sing N N 71  
GLN N   H2   sing N N 72  
GLN CA  C    sing N N 73  
GLN CA  CB   sing N N 74  
GLN CA  HA   sing N N 75  
GLN C   O    doub N N 76  
GLN C   OXT  sing N N 77  
GLN CB  CG   sing N N 78  
GLN CB  HB2  sing N N 79  
GLN CB  HB3  sing N N 80  
GLN CG  CD   sing N N 81  
GLN CG  HG2  sing N N 82  
GLN CG  HG3  sing N N 83  
GLN CD  OE1  doub N N 84  
GLN CD  NE2  sing N N 85  
GLN NE2 HE21 sing N N 86  
GLN NE2 HE22 sing N N 87  
GLN OXT HXT  sing N N 88  
GLU N   CA   sing N N 89  
GLU N   H    sing N N 90  
GLU N   H2   sing N N 91  
GLU CA  C    sing N N 92  
GLU CA  CB   sing N N 93  
GLU CA  HA   sing N N 94  
GLU C   O    doub N N 95  
GLU C   OXT  sing N N 96  
GLU CB  CG   sing N N 97  
GLU CB  HB2  sing N N 98  
GLU CB  HB3  sing N N 99  
GLU CG  CD   sing N N 100 
GLU CG  HG2  sing N N 101 
GLU CG  HG3  sing N N 102 
GLU CD  OE1  doub N N 103 
GLU CD  OE2  sing N N 104 
GLU OE2 HE2  sing N N 105 
GLU OXT HXT  sing N N 106 
GLY N   CA   sing N N 107 
GLY N   H    sing N N 108 
GLY N   H2   sing N N 109 
GLY CA  C    sing N N 110 
GLY CA  HA2  sing N N 111 
GLY CA  HA3  sing N N 112 
GLY C   O    doub N N 113 
GLY C   OXT  sing N N 114 
GLY OXT HXT  sing N N 115 
HIS N   CA   sing N N 116 
HIS N   H    sing N N 117 
HIS N   H2   sing N N 118 
HIS CA  C    sing N N 119 
HIS CA  CB   sing N N 120 
HIS CA  HA   sing N N 121 
HIS C   O    doub N N 122 
HIS C   OXT  sing N N 123 
HIS CB  CG   sing N N 124 
HIS CB  HB2  sing N N 125 
HIS CB  HB3  sing N N 126 
HIS CG  ND1  sing Y N 127 
HIS CG  CD2  doub Y N 128 
HIS ND1 CE1  doub Y N 129 
HIS ND1 HD1  sing N N 130 
HIS CD2 NE2  sing Y N 131 
HIS CD2 HD2  sing N N 132 
HIS CE1 NE2  sing Y N 133 
HIS CE1 HE1  sing N N 134 
HIS NE2 HE2  sing N N 135 
HIS OXT HXT  sing N N 136 
HOH O   H1   sing N N 137 
HOH O   H2   sing N N 138 
ILE N   CA   sing N N 139 
ILE N   H    sing N N 140 
ILE N   H2   sing N N 141 
ILE CA  C    sing N N 142 
ILE CA  CB   sing N N 143 
ILE CA  HA   sing N N 144 
ILE C   O    doub N N 145 
ILE C   OXT  sing N N 146 
ILE CB  CG1  sing N N 147 
ILE CB  CG2  sing N N 148 
ILE CB  HB   sing N N 149 
ILE CG1 CD1  sing N N 150 
ILE CG1 HG12 sing N N 151 
ILE CG1 HG13 sing N N 152 
ILE CG2 HG21 sing N N 153 
ILE CG2 HG22 sing N N 154 
ILE CG2 HG23 sing N N 155 
ILE CD1 HD11 sing N N 156 
ILE CD1 HD12 sing N N 157 
ILE CD1 HD13 sing N N 158 
ILE OXT HXT  sing N N 159 
LEU N   CA   sing N N 160 
LEU N   H    sing N N 161 
LEU N   H2   sing N N 162 
LEU CA  C    sing N N 163 
LEU CA  CB   sing N N 164 
LEU CA  HA   sing N N 165 
LEU C   O    doub N N 166 
LEU C   OXT  sing N N 167 
LEU CB  CG   sing N N 168 
LEU CB  HB2  sing N N 169 
LEU CB  HB3  sing N N 170 
LEU CG  CD1  sing N N 171 
LEU CG  CD2  sing N N 172 
LEU CG  HG   sing N N 173 
LEU CD1 HD11 sing N N 174 
LEU CD1 HD12 sing N N 175 
LEU CD1 HD13 sing N N 176 
LEU CD2 HD21 sing N N 177 
LEU CD2 HD22 sing N N 178 
LEU CD2 HD23 sing N N 179 
LEU OXT HXT  sing N N 180 
LYS N   CA   sing N N 181 
LYS N   H    sing N N 182 
LYS N   H2   sing N N 183 
LYS CA  C    sing N N 184 
LYS CA  CB   sing N N 185 
LYS CA  HA   sing N N 186 
LYS C   O    doub N N 187 
LYS C   OXT  sing N N 188 
LYS CB  CG   sing N N 189 
LYS CB  HB2  sing N N 190 
LYS CB  HB3  sing N N 191 
LYS CG  CD   sing N N 192 
LYS CG  HG2  sing N N 193 
LYS CG  HG3  sing N N 194 
LYS CD  CE   sing N N 195 
LYS CD  HD2  sing N N 196 
LYS CD  HD3  sing N N 197 
LYS CE  NZ   sing N N 198 
LYS CE  HE2  sing N N 199 
LYS CE  HE3  sing N N 200 
LYS NZ  HZ1  sing N N 201 
LYS NZ  HZ2  sing N N 202 
LYS NZ  HZ3  sing N N 203 
LYS OXT HXT  sing N N 204 
MET N   CA   sing N N 205 
MET N   H    sing N N 206 
MET N   H2   sing N N 207 
MET CA  C    sing N N 208 
MET CA  CB   sing N N 209 
MET CA  HA   sing N N 210 
MET C   O    doub N N 211 
MET C   OXT  sing N N 212 
MET CB  CG   sing N N 213 
MET CB  HB2  sing N N 214 
MET CB  HB3  sing N N 215 
MET CG  SD   sing N N 216 
MET CG  HG2  sing N N 217 
MET CG  HG3  sing N N 218 
MET SD  CE   sing N N 219 
MET CE  HE1  sing N N 220 
MET CE  HE2  sing N N 221 
MET CE  HE3  sing N N 222 
MET OXT HXT  sing N N 223 
PHE N   CA   sing N N 224 
PHE N   H    sing N N 225 
PHE N   H2   sing N N 226 
PHE CA  C    sing N N 227 
PHE CA  CB   sing N N 228 
PHE CA  HA   sing N N 229 
PHE C   O    doub N N 230 
PHE C   OXT  sing N N 231 
PHE CB  CG   sing N N 232 
PHE CB  HB2  sing N N 233 
PHE CB  HB3  sing N N 234 
PHE CG  CD1  doub Y N 235 
PHE CG  CD2  sing Y N 236 
PHE CD1 CE1  sing Y N 237 
PHE CD1 HD1  sing N N 238 
PHE CD2 CE2  doub Y N 239 
PHE CD2 HD2  sing N N 240 
PHE CE1 CZ   doub Y N 241 
PHE CE1 HE1  sing N N 242 
PHE CE2 CZ   sing Y N 243 
PHE CE2 HE2  sing N N 244 
PHE CZ  HZ   sing N N 245 
PHE OXT HXT  sing N N 246 
PRO N   CA   sing N N 247 
PRO N   CD   sing N N 248 
PRO N   H    sing N N 249 
PRO CA  C    sing N N 250 
PRO CA  CB   sing N N 251 
PRO CA  HA   sing N N 252 
PRO C   O    doub N N 253 
PRO C   OXT  sing N N 254 
PRO CB  CG   sing N N 255 
PRO CB  HB2  sing N N 256 
PRO CB  HB3  sing N N 257 
PRO CG  CD   sing N N 258 
PRO CG  HG2  sing N N 259 
PRO CG  HG3  sing N N 260 
PRO CD  HD2  sing N N 261 
PRO CD  HD3  sing N N 262 
PRO OXT HXT  sing N N 263 
SER N   CA   sing N N 264 
SER N   H    sing N N 265 
SER N   H2   sing N N 266 
SER CA  C    sing N N 267 
SER CA  CB   sing N N 268 
SER CA  HA   sing N N 269 
SER C   O    doub N N 270 
SER C   OXT  sing N N 271 
SER CB  OG   sing N N 272 
SER CB  HB2  sing N N 273 
SER CB  HB3  sing N N 274 
SER OG  HG   sing N N 275 
SER OXT HXT  sing N N 276 
THR N   CA   sing N N 277 
THR N   H    sing N N 278 
THR N   H2   sing N N 279 
THR CA  C    sing N N 280 
THR CA  CB   sing N N 281 
THR CA  HA   sing N N 282 
THR C   O    doub N N 283 
THR C   OXT  sing N N 284 
THR CB  OG1  sing N N 285 
THR CB  CG2  sing N N 286 
THR CB  HB   sing N N 287 
THR OG1 HG1  sing N N 288 
THR CG2 HG21 sing N N 289 
THR CG2 HG22 sing N N 290 
THR CG2 HG23 sing N N 291 
THR OXT HXT  sing N N 292 
TYR N   CA   sing N N 293 
TYR N   H    sing N N 294 
TYR N   H2   sing N N 295 
TYR CA  C    sing N N 296 
TYR CA  CB   sing N N 297 
TYR CA  HA   sing N N 298 
TYR C   O    doub N N 299 
TYR C   OXT  sing N N 300 
TYR CB  CG   sing N N 301 
TYR CB  HB2  sing N N 302 
TYR CB  HB3  sing N N 303 
TYR CG  CD1  doub Y N 304 
TYR CG  CD2  sing Y N 305 
TYR CD1 CE1  sing Y N 306 
TYR CD1 HD1  sing N N 307 
TYR CD2 CE2  doub Y N 308 
TYR CD2 HD2  sing N N 309 
TYR CE1 CZ   doub Y N 310 
TYR CE1 HE1  sing N N 311 
TYR CE2 CZ   sing Y N 312 
TYR CE2 HE2  sing N N 313 
TYR CZ  OH   sing N N 314 
TYR OH  HH   sing N N 315 
TYR OXT HXT  sing N N 316 
VAL N   CA   sing N N 317 
VAL N   H    sing N N 318 
VAL N   H2   sing N N 319 
VAL CA  C    sing N N 320 
VAL CA  CB   sing N N 321 
VAL CA  HA   sing N N 322 
VAL C   O    doub N N 323 
VAL C   OXT  sing N N 324 
VAL CB  CG1  sing N N 325 
VAL CB  CG2  sing N N 326 
VAL CB  HB   sing N N 327 
VAL CG1 HG11 sing N N 328 
VAL CG1 HG12 sing N N 329 
VAL CG1 HG13 sing N N 330 
VAL CG2 HG21 sing N N 331 
VAL CG2 HG22 sing N N 332 
VAL CG2 HG23 sing N N 333 
VAL OXT HXT  sing N N 334 
# 
_atom_sites.entry_id                    1IS1 
_atom_sites.fract_transf_matrix[1][1]   -0.00296826 
_atom_sites.fract_transf_matrix[1][2]   -0.00395582 
_atom_sites.fract_transf_matrix[1][3]   0.01268718 
_atom_sites.fract_transf_matrix[2][1]   -0.00918754 
_atom_sites.fract_transf_matrix[2][2]   0.00689905 
_atom_sites.fract_transf_matrix[2][3]   0.00730855 
_atom_sites.fract_transf_matrix[3][1]   -0.00508007 
_atom_sites.fract_transf_matrix[3][2]   -0.00413900 
_atom_sites.fract_transf_matrix[3][3]   -0.00247904 
_atom_sites.fract_transf_vector[1]      0.161307 
_atom_sites.fract_transf_vector[2]      0.446410 
_atom_sites.fract_transf_vector[3]      0.408756 
# 
loop_
_atom_type.symbol 
C 
N 
O 
S 
# 
loop_
_atom_site.group_PDB 
_atom_site.id 
_atom_site.type_symbol 
_atom_site.label_atom_id 
_atom_site.label_alt_id 
_atom_site.label_comp_id 
_atom_site.label_asym_id 
_atom_site.label_entity_id 
_atom_site.label_seq_id 
_atom_site.pdbx_PDB_ins_code 
_atom_site.Cartn_x 
_atom_site.Cartn_y 
_atom_site.Cartn_z 
_atom_site.occupancy 
_atom_site.B_iso_or_equiv 
_atom_site.pdbx_formal_charge 
_atom_site.auth_seq_id 
_atom_site.auth_comp_id 
_atom_site.auth_asym_id 
_atom_site.auth_atom_id 
_atom_site.pdbx_PDB_model_num 
ATOM   1    N N   . MET A 1 1   ? -9.596  -30.490 8.170   1.00 22.74 ? 1   MET A N   1 
ATOM   2    C CA  . MET A 1 1   ? -8.507  -29.551 7.789   1.00 22.55 ? 1   MET A CA  1 
ATOM   3    C C   . MET A 1 1   ? -9.002  -28.509 6.780   1.00 19.67 ? 1   MET A C   1 
ATOM   4    O O   . MET A 1 1   ? -8.313  -27.522 6.507   1.00 14.91 ? 1   MET A O   1 
ATOM   5    C CB  . MET A 1 1   ? -7.328  -30.325 7.199   1.00 26.51 ? 1   MET A CB  1 
ATOM   6    C CG  . MET A 1 1   ? -7.030  -31.640 7.922   1.00 32.04 ? 1   MET A CG  1 
ATOM   7    S SD  . MET A 1 1   ? -8.267  -32.921 7.591   1.00 31.95 ? 1   MET A SD  1 
ATOM   8    C CE  . MET A 1 1   ? -7.266  -34.176 6.847   1.00 36.54 ? 1   MET A CE  1 
ATOM   9    N N   . ILE A 1 2   ? -10.197 -28.728 6.237   1.00 16.26 ? 2   ILE A N   1 
ATOM   10   C CA  . ILE A 1 2   ? -10.765 -27.795 5.274   1.00 16.53 ? 2   ILE A CA  1 
ATOM   11   C C   . ILE A 1 2   ? -10.826 -26.378 5.842   1.00 14.36 ? 2   ILE A C   1 
ATOM   12   O O   . ILE A 1 2   ? -10.420 -25.423 5.183   1.00 13.03 ? 2   ILE A O   1 
ATOM   13   C CB  . ILE A 1 2   ? -12.185 -28.231 4.831   1.00 17.47 ? 2   ILE A CB  1 
ATOM   14   C CG1 . ILE A 1 2   ? -12.094 -29.497 3.973   1.00 17.58 ? 2   ILE A CG1 1 
ATOM   15   C CG2 . ILE A 1 2   ? -12.865 -27.102 4.049   1.00 17.24 ? 2   ILE A CG2 1 
ATOM   16   C CD1 . ILE A 1 2   ? -13.431 -29.970 3.426   1.00 17.68 ? 2   ILE A CD1 1 
ATOM   17   N N   . ASN A 1 3   ? -11.323 -26.249 7.069   1.00 14.30 ? 3   ASN A N   1 
ATOM   18   C CA  . ASN A 1 3   ? -11.426 -24.950 7.725   1.00 14.01 ? 3   ASN A CA  1 
ATOM   19   C C   . ASN A 1 3   ? -10.077 -24.252 7.882   1.00 13.57 ? 3   ASN A C   1 
ATOM   20   O O   . ASN A 1 3   ? -9.985  -23.033 7.714   1.00 10.90 ? 3   ASN A O   1 
ATOM   21   C CB  . ASN A 1 3   ? -12.090 -25.110 9.089   1.00 16.84 ? 3   ASN A CB  1 
ATOM   22   C CG  . ASN A 1 3   ? -13.563 -25.399 8.974   1.00 18.79 ? 3   ASN A CG  1 
ATOM   23   O OD1 . ASN A 1 3   ? -14.219 -25.761 9.949   1.00 22.16 ? 3   ASN A OD1 1 
ATOM   24   N ND2 . ASN A 1 3   ? -14.101 -25.226 7.772   1.00 18.61 ? 3   ASN A ND2 1 
ATOM   25   N N   . GLU A 1 4   ? -9.035  -25.011 8.214   1.00 11.71 ? 4   GLU A N   1 
ATOM   26   C CA  . GLU A 1 4   ? -7.709  -24.419 8.357   1.00 12.65 ? 4   GLU A CA  1 
ATOM   27   C C   . GLU A 1 4   ? -7.255  -23.893 6.996   1.00 12.99 ? 4   GLU A C   1 
ATOM   28   O O   . GLU A 1 4   ? -6.665  -22.817 6.905   1.00 11.00 ? 4   GLU A O   1 
ATOM   29   C CB  . GLU A 1 4   ? -6.693  -25.446 8.869   1.00 14.09 ? 4   GLU A CB  1 
ATOM   30   C CG  . GLU A 1 4   ? -6.895  -25.889 10.320  1.00 18.85 ? 4   GLU A CG  1 
ATOM   31   C CD  . GLU A 1 4   ? -8.150  -26.714 10.499  1.00 18.94 ? 4   GLU A CD  1 
ATOM   32   O OE1 . GLU A 1 4   ? -8.308  -27.708 9.770   1.00 20.19 ? 4   GLU A OE1 1 
ATOM   33   O OE2 . GLU A 1 4   ? -8.978  -26.375 11.365  1.00 21.94 ? 4   GLU A OE2 1 
ATOM   34   N N   . ILE A 1 5   ? -7.525  -24.659 5.941   1.00 13.61 ? 5   ILE A N   1 
ATOM   35   C CA  . ILE A 1 5   ? -7.145  -24.245 4.594   1.00 15.65 ? 5   ILE A CA  1 
ATOM   36   C C   . ILE A 1 5   ? -7.851  -22.946 4.196   1.00 15.11 ? 5   ILE A C   1 
ATOM   37   O O   . ILE A 1 5   ? -7.230  -22.047 3.636   1.00 16.79 ? 5   ILE A O   1 
ATOM   38   C CB  . ILE A 1 5   ? -7.476  -25.342 3.556   1.00 15.51 ? 5   ILE A CB  1 
ATOM   39   C CG1 . ILE A 1 5   ? -6.517  -26.523 3.733   1.00 16.47 ? 5   ILE A CG1 1 
ATOM   40   C CG2 . ILE A 1 5   ? -7.362  -24.781 2.139   1.00 16.31 ? 5   ILE A CG2 1 
ATOM   41   C CD1 . ILE A 1 5   ? -6.874  -27.740 2.917   1.00 13.79 ? 5   ILE A CD1 1 
ATOM   42   N N   . LYS A 1 6   ? -9.142  -22.848 4.497   1.00 14.19 ? 6   LYS A N   1 
ATOM   43   C CA  . LYS A 1 6   ? -9.920  -21.655 4.169   1.00 14.75 ? 6   LYS A CA  1 
ATOM   44   C C   . LYS A 1 6   ? -9.461  -20.419 4.922   1.00 13.54 ? 6   LYS A C   1 
ATOM   45   O O   . LYS A 1 6   ? -9.356  -19.335 4.345   1.00 12.96 ? 6   LYS A O   1 
ATOM   46   C CB  . LYS A 1 6   ? -11.404 -21.899 4.451   1.00 14.74 ? 6   LYS A CB  1 
ATOM   47   C CG  . LYS A 1 6   ? -12.190 -22.340 3.229   1.00 15.75 ? 6   LYS A CG  1 
ATOM   48   C CD  . LYS A 1 6   ? -13.205 -23.416 3.556   1.00 16.51 ? 6   LYS A CD  1 
ATOM   49   C CE  . LYS A 1 6   ? -14.129 -23.002 4.680   1.00 17.65 ? 6   LYS A CE  1 
ATOM   50   N NZ  . LYS A 1 6   ? -15.107 -24.080 4.975   1.00 18.73 ? 6   LYS A NZ  1 
ATOM   51   N N   . LYS A 1 7   ? -9.193  -20.584 6.213   1.00 13.14 ? 7   LYS A N   1 
ATOM   52   C CA  . LYS A 1 7   ? -8.745  -19.476 7.046   1.00 13.75 ? 7   LYS A CA  1 
ATOM   53   C C   . LYS A 1 7   ? -7.377  -19.016 6.564   1.00 13.09 ? 7   LYS A C   1 
ATOM   54   O O   . LYS A 1 7   ? -7.133  -17.819 6.412   1.00 15.02 ? 7   LYS A O   1 
ATOM   55   C CB  . LYS A 1 7   ? -8.669  -19.904 8.511   1.00 16.87 ? 7   LYS A CB  1 
ATOM   56   C CG  . LYS A 1 7   ? -8.391  -18.766 9.487   1.00 20.69 ? 7   LYS A CG  1 
ATOM   57   C CD  . LYS A 1 7   ? -8.253  -19.316 10.902  1.00 26.50 ? 7   LYS A CD  1 
ATOM   58   C CE  . LYS A 1 7   ? -7.823  -18.251 11.900  1.00 28.87 ? 7   LYS A CE  1 
ATOM   59   N NZ  . LYS A 1 7   ? -7.417  -18.867 13.201  1.00 32.09 ? 7   LYS A NZ  1 
ATOM   60   N N   . ASP A 1 8   ? -6.483  -19.964 6.315   1.00 9.89  ? 8   ASP A N   1 
ATOM   61   C CA  . ASP A 1 8   ? -5.164  -19.606 5.822   1.00 10.23 ? 8   ASP A CA  1 
ATOM   62   C C   . ASP A 1 8   ? -5.296  -18.781 4.534   1.00 9.50  ? 8   ASP A C   1 
ATOM   63   O O   . ASP A 1 8   ? -4.733  -17.691 4.424   1.00 8.03  ? 8   ASP A O   1 
ATOM   64   C CB  . ASP A 1 8   ? -4.339  -20.860 5.538   1.00 12.92 ? 8   ASP A CB  1 
ATOM   65   C CG  . ASP A 1 8   ? -2.978  -20.536 4.950   1.00 16.32 ? 8   ASP A CG  1 
ATOM   66   O OD1 . ASP A 1 8   ? -2.146  -19.936 5.663   1.00 15.26 ? 8   ASP A OD1 1 
ATOM   67   O OD2 . ASP A 1 8   ? -2.751  -20.873 3.771   1.00 15.90 ? 8   ASP A OD2 1 
ATOM   68   N N   . ALA A 1 9   ? -6.047  -19.300 3.565   1.00 8.43  ? 9   ALA A N   1 
ATOM   69   C CA  . ALA A 1 9   ? -6.239  -18.606 2.290   1.00 8.90  ? 9   ALA A CA  1 
ATOM   70   C C   . ALA A 1 9   ? -6.776  -17.200 2.516   1.00 10.58 ? 9   ALA A C   1 
ATOM   71   O O   . ALA A 1 9   ? -6.356  -16.247 1.866   1.00 12.52 ? 9   ALA A O   1 
ATOM   72   C CB  . ALA A 1 9   ? -7.202  -19.380 1.400   1.00 5.87  ? 9   ALA A CB  1 
ATOM   73   N N   . GLN A 1 10  ? -7.723  -17.069 3.429   1.00 12.54 ? 10  GLN A N   1 
ATOM   74   C CA  . GLN A 1 10  ? -8.292  -15.762 3.694   1.00 14.22 ? 10  GLN A CA  1 
ATOM   75   C C   . GLN A 1 10  ? -7.246  -14.800 4.279   1.00 14.81 ? 10  GLN A C   1 
ATOM   76   O O   . GLN A 1 10  ? -7.152  -13.641 3.859   1.00 13.80 ? 10  GLN A O   1 
ATOM   77   C CB  . GLN A 1 10  ? -9.484  -15.902 4.635   1.00 15.82 ? 10  GLN A CB  1 
ATOM   78   C CG  . GLN A 1 10  ? -10.217 -14.612 4.862   1.00 22.56 ? 10  GLN A CG  1 
ATOM   79   C CD  . GLN A 1 10  ? -10.094 -14.142 6.281   1.00 26.67 ? 10  GLN A CD  1 
ATOM   80   O OE1 . GLN A 1 10  ? -8.985  -13.991 6.804   1.00 29.53 ? 10  GLN A OE1 1 
ATOM   81   N NE2 . GLN A 1 10  ? -11.232 -13.908 6.926   1.00 28.88 ? 10  GLN A NE2 1 
ATOM   82   N N   . GLU A 1 11  ? -6.451  -15.273 5.235   1.00 14.04 ? 11  GLU A N   1 
ATOM   83   C CA  . GLU A 1 11  ? -5.434  -14.409 5.825   1.00 15.76 ? 11  GLU A CA  1 
ATOM   84   C C   . GLU A 1 11  ? -4.392  -14.020 4.776   1.00 14.76 ? 11  GLU A C   1 
ATOM   85   O O   . GLU A 1 11  ? -3.969  -12.864 4.714   1.00 14.16 ? 11  GLU A O   1 
ATOM   86   C CB  . GLU A 1 11  ? -4.751  -15.093 7.015   1.00 16.91 ? 11  GLU A CB  1 
ATOM   87   C CG  . GLU A 1 11  ? -5.727  -15.598 8.081   1.00 24.20 ? 11  GLU A CG  1 
ATOM   88   C CD  . GLU A 1 11  ? -5.035  -16.118 9.332   1.00 25.59 ? 11  GLU A CD  1 
ATOM   89   O OE1 . GLU A 1 11  ? -3.873  -16.575 9.244   1.00 27.68 ? 11  GLU A OE1 1 
ATOM   90   O OE2 . GLU A 1 11  ? -5.666  -16.084 10.407  1.00 29.97 ? 11  GLU A OE2 1 
ATOM   91   N N   . ARG A 1 12  ? -3.993  -14.975 3.942   1.00 14.31 ? 12  ARG A N   1 
ATOM   92   C CA  . ARG A 1 12  ? -2.995  -14.704 2.905   1.00 14.74 ? 12  ARG A CA  1 
ATOM   93   C C   . ARG A 1 12  ? -3.504  -13.679 1.887   1.00 13.85 ? 12  ARG A C   1 
ATOM   94   O O   . ARG A 1 12  ? -2.759  -12.798 1.451   1.00 13.73 ? 12  ARG A O   1 
ATOM   95   C CB  . ARG A 1 12  ? -2.606  -15.995 2.176   1.00 16.51 ? 12  ARG A CB  1 
ATOM   96   C CG  . ARG A 1 12  ? -2.266  -17.166 3.091   1.00 21.60 ? 12  ARG A CG  1 
ATOM   97   C CD  . ARG A 1 12  ? -0.809  -17.575 3.021   1.00 23.95 ? 12  ARG A CD  1 
ATOM   98   N NE  . ARG A 1 12  ? -0.392  -18.085 1.712   1.00 26.65 ? 12  ARG A NE  1 
ATOM   99   C CZ  . ARG A 1 12  ? -0.875  -19.175 1.122   1.00 27.96 ? 12  ARG A CZ  1 
ATOM   100  N NH1 . ARG A 1 12  ? -1.818  -19.893 1.714   1.00 29.95 ? 12  ARG A NH1 1 
ATOM   101  N NH2 . ARG A 1 12  ? -0.394  -19.563 -0.057  1.00 26.21 ? 12  ARG A NH2 1 
ATOM   102  N N   . MET A 1 13  ? -4.770  -13.788 1.500   1.00 11.64 ? 13  MET A N   1 
ATOM   103  C CA  . MET A 1 13  ? -5.301  -12.846 0.524   1.00 13.01 ? 13  MET A CA  1 
ATOM   104  C C   . MET A 1 13  ? -5.441  -11.457 1.140   1.00 12.63 ? 13  MET A C   1 
ATOM   105  O O   . MET A 1 13  ? -5.095  -10.455 0.509   1.00 11.76 ? 13  MET A O   1 
ATOM   106  C CB  . MET A 1 13  ? -6.649  -13.323 -0.020  1.00 11.67 ? 13  MET A CB  1 
ATOM   107  C CG  . MET A 1 13  ? -6.577  -14.678 -0.714  1.00 11.99 ? 13  MET A CG  1 
ATOM   108  S SD  . MET A 1 13  ? -8.105  -15.130 -1.585  1.00 11.04 ? 13  MET A SD  1 
ATOM   109  C CE  . MET A 1 13  ? -7.576  -16.704 -2.371  1.00 7.46  ? 13  MET A CE  1 
ATOM   110  N N   . ASP A 1 14  ? -5.946  -11.396 2.369   1.00 11.97 ? 14  ASP A N   1 
ATOM   111  C CA  . ASP A 1 14  ? -6.099  -10.116 3.051   1.00 15.68 ? 14  ASP A CA  1 
ATOM   112  C C   . ASP A 1 14  ? -4.758  -9.400  3.117   1.00 16.52 ? 14  ASP A C   1 
ATOM   113  O O   . ASP A 1 14  ? -4.680  -8.194  2.888   1.00 17.21 ? 14  ASP A O   1 
ATOM   114  C CB  . ASP A 1 14  ? -6.626  -10.301 4.476   1.00 15.98 ? 14  ASP A CB  1 
ATOM   115  C CG  . ASP A 1 14  ? -8.126  -10.522 4.524   1.00 19.01 ? 14  ASP A CG  1 
ATOM   116  O OD1 . ASP A 1 14  ? -8.814  -10.207 3.529   1.00 20.44 ? 14  ASP A OD1 1 
ATOM   117  O OD2 . ASP A 1 14  ? -8.621  -10.999 5.568   1.00 19.61 ? 14  ASP A OD2 1 
ATOM   118  N N   . LYS A 1 15  ? -3.699  -10.142 3.428   1.00 17.23 ? 15  LYS A N   1 
ATOM   119  C CA  . LYS A 1 15  ? -2.389  -9.528  3.516   1.00 19.18 ? 15  LYS A CA  1 
ATOM   120  C C   . LYS A 1 15  ? -1.859  -9.132  2.148   1.00 17.91 ? 15  LYS A C   1 
ATOM   121  O O   . LYS A 1 15  ? -1.132  -8.148  2.030   1.00 18.04 ? 15  LYS A O   1 
ATOM   122  C CB  . LYS A 1 15  ? -1.401  -10.440 4.261   1.00 22.45 ? 15  LYS A CB  1 
ATOM   123  C CG  . LYS A 1 15  ? -1.248  -11.845 3.723   1.00 27.27 ? 15  LYS A CG  1 
ATOM   124  C CD  . LYS A 1 15  ? -0.977  -12.829 4.865   1.00 29.73 ? 15  LYS A CD  1 
ATOM   125  C CE  . LYS A 1 15  ? 0.224   -12.417 5.703   1.00 30.15 ? 15  LYS A CE  1 
ATOM   126  N NZ  . LYS A 1 15  ? 0.266   -13.131 7.019   1.00 30.29 ? 15  LYS A NZ  1 
ATOM   127  N N   . SER A 1 16  ? -2.232  -9.877  1.111   1.00 16.77 ? 16  SER A N   1 
ATOM   128  C CA  . SER A 1 16  ? -1.785  -9.524  -0.232  1.00 16.90 ? 16  SER A CA  1 
ATOM   129  C C   . SER A 1 16  ? -2.406  -8.182  -0.593  1.00 15.78 ? 16  SER A C   1 
ATOM   130  O O   . SER A 1 16  ? -1.769  -7.343  -1.232  1.00 16.12 ? 16  SER A O   1 
ATOM   131  C CB  . SER A 1 16  ? -2.201  -10.587 -1.249  1.00 17.81 ? 16  SER A CB  1 
ATOM   132  O OG  . SER A 1 16  ? -1.383  -11.740 -1.127  1.00 22.14 ? 16  SER A OG  1 
ATOM   133  N N   . VAL A 1 17  ? -3.650  -7.983  -0.169  1.00 14.36 ? 17  VAL A N   1 
ATOM   134  C CA  . VAL A 1 17  ? -4.356  -6.731  -0.423  1.00 13.47 ? 17  VAL A CA  1 
ATOM   135  C C   . VAL A 1 17  ? -3.633  -5.593  0.304   1.00 14.37 ? 17  VAL A C   1 
ATOM   136  O O   . VAL A 1 17  ? -3.338  -4.558  -0.288  1.00 11.81 ? 17  VAL A O   1 
ATOM   137  C CB  . VAL A 1 17  ? -5.817  -6.793  0.092   1.00 11.61 ? 17  VAL A CB  1 
ATOM   138  C CG1 . VAL A 1 17  ? -6.486  -5.428  -0.046  1.00 12.49 ? 17  VAL A CG1 1 
ATOM   139  C CG2 . VAL A 1 17  ? -6.595  -7.834  -0.682  1.00 14.32 ? 17  VAL A CG2 1 
ATOM   140  N N   . GLU A 1 18  ? -3.354  -5.791  1.591   1.00 15.06 ? 18  GLU A N   1 
ATOM   141  C CA  . GLU A 1 18  ? -2.667  -4.766  2.370   1.00 18.28 ? 18  GLU A CA  1 
ATOM   142  C C   . GLU A 1 18  ? -1.314  -4.433  1.756   1.00 17.76 ? 18  GLU A C   1 
ATOM   143  O O   . GLU A 1 18  ? -0.915  -3.267  1.710   1.00 18.31 ? 18  GLU A O   1 
ATOM   144  C CB  . GLU A 1 18  ? -2.485  -5.222  3.820   1.00 18.84 ? 18  GLU A CB  1 
ATOM   145  C CG  . GLU A 1 18  ? -3.799  -5.326  4.579   1.00 24.40 ? 18  GLU A CG  1 
ATOM   146  C CD  . GLU A 1 18  ? -4.617  -4.047  4.483   1.00 28.07 ? 18  GLU A CD  1 
ATOM   147  O OE1 . GLU A 1 18  ? -4.130  -2.989  4.942   1.00 28.60 ? 18  GLU A OE1 1 
ATOM   148  O OE2 . GLU A 1 18  ? -5.744  -4.098  3.944   1.00 30.19 ? 18  GLU A OE2 1 
ATOM   149  N N   . ALA A 1 19  ? -0.613  -5.461  1.285   1.00 15.79 ? 19  ALA A N   1 
ATOM   150  C CA  . ALA A 1 19  ? 0.686   -5.269  0.660   1.00 14.79 ? 19  ALA A CA  1 
ATOM   151  C C   . ALA A 1 19  ? 0.534   -4.331  -0.535  1.00 14.36 ? 19  ALA A C   1 
ATOM   152  O O   . ALA A 1 19  ? 1.346   -3.428  -0.731  1.00 14.98 ? 19  ALA A O   1 
ATOM   153  C CB  . ALA A 1 19  ? 1.253   -6.607  0.201   1.00 14.50 ? 19  ALA A CB  1 
ATOM   154  N N   . LEU A 1 20  ? -0.506  -4.553  -1.333  1.00 12.32 ? 20  LEU A N   1 
ATOM   155  C CA  . LEU A 1 20  ? -0.753  -3.713  -2.498  1.00 13.16 ? 20  LEU A CA  1 
ATOM   156  C C   . LEU A 1 20  ? -0.994  -2.278  -2.077  1.00 13.26 ? 20  LEU A C   1 
ATOM   157  O O   . LEU A 1 20  ? -0.402  -1.358  -2.637  1.00 14.35 ? 20  LEU A O   1 
ATOM   158  C CB  . LEU A 1 20  ? -1.971  -4.194  -3.294  1.00 12.17 ? 20  LEU A CB  1 
ATOM   159  C CG  . LEU A 1 20  ? -2.421  -3.210  -4.388  1.00 10.74 ? 20  LEU A CG  1 
ATOM   160  C CD1 . LEU A 1 20  ? -1.283  -2.997  -5.374  1.00 11.91 ? 20  LEU A CD1 1 
ATOM   161  C CD2 . LEU A 1 20  ? -3.652  -3.743  -5.111  1.00 12.79 ? 20  LEU A CD2 1 
ATOM   162  N N   . LYS A 1 21  ? -1.878  -2.085  -1.103  1.00 12.28 ? 21  LYS A N   1 
ATOM   163  C CA  . LYS A 1 21  ? -2.172  -0.739  -0.640  1.00 14.45 ? 21  LYS A CA  1 
ATOM   164  C C   . LYS A 1 21  ? -0.894  -0.060  -0.151  1.00 15.58 ? 21  LYS A C   1 
ATOM   165  O O   . LYS A 1 21  ? -0.624  1.081   -0.504  1.00 16.21 ? 21  LYS A O   1 
ATOM   166  C CB  . LYS A 1 21  ? -3.238  -0.776  0.459   1.00 12.53 ? 21  LYS A CB  1 
ATOM   167  C CG  . LYS A 1 21  ? -4.582  -1.295  -0.040  1.00 12.01 ? 21  LYS A CG  1 
ATOM   168  C CD  . LYS A 1 21  ? -5.733  -1.034  0.926   1.00 14.36 ? 21  LYS A CD  1 
ATOM   169  C CE  . LYS A 1 21  ? -5.544  -1.750  2.239   1.00 17.59 ? 21  LYS A CE  1 
ATOM   170  N NZ  . LYS A 1 21  ? -6.788  -1.737  3.057   1.00 20.44 ? 21  LYS A NZ  1 
ATOM   171  N N   . ASN A 1 22  ? -0.096  -0.775  0.637   1.00 17.15 ? 22  ASN A N   1 
ATOM   172  C CA  . ASN A 1 22  ? 1.155   -0.222  1.147   1.00 18.36 ? 22  ASN A CA  1 
ATOM   173  C C   . ASN A 1 22  ? 2.038   0.253   0.003   1.00 16.96 ? 22  ASN A C   1 
ATOM   174  O O   . ASN A 1 22  ? 2.568   1.361   0.041   1.00 14.26 ? 22  ASN A O   1 
ATOM   175  C CB  . ASN A 1 22  ? 1.910   -1.271  1.976   1.00 22.01 ? 22  ASN A CB  1 
ATOM   176  C CG  . ASN A 1 22  ? 3.236   -0.746  2.518   1.00 25.60 ? 22  ASN A CG  1 
ATOM   177  O OD1 . ASN A 1 22  ? 4.301   -1.026  1.968   1.00 26.82 ? 22  ASN A OD1 1 
ATOM   178  N ND2 . ASN A 1 22  ? 3.171   0.027   3.596   1.00 27.16 ? 22  ASN A ND2 1 
ATOM   179  N N   . ASN A 1 23  ? 2.191   -0.589  -1.016  1.00 16.36 ? 23  ASN A N   1 
ATOM   180  C CA  . ASN A 1 23  ? 3.017   -0.247  -2.172  1.00 15.88 ? 23  ASN A CA  1 
ATOM   181  C C   . ASN A 1 23  ? 2.525   1.016   -2.864  1.00 15.17 ? 23  ASN A C   1 
ATOM   182  O O   . ASN A 1 23  ? 3.313   1.909   -3.173  1.00 14.52 ? 23  ASN A O   1 
ATOM   183  C CB  . ASN A 1 23  ? 3.031   -1.389  -3.189  1.00 18.70 ? 23  ASN A CB  1 
ATOM   184  C CG  . ASN A 1 23  ? 3.964   -2.517  -2.793  1.00 23.24 ? 23  ASN A CG  1 
ATOM   185  O OD1 . ASN A 1 23  ? 4.114   -3.492  -3.532  1.00 24.86 ? 23  ASN A OD1 1 
ATOM   186  N ND2 . ASN A 1 23  ? 4.597   -2.394  -1.628  1.00 21.61 ? 23  ASN A ND2 1 
ATOM   187  N N   . LEU A 1 24  ? 1.222   1.080   -3.111  1.00 11.76 ? 24  LEU A N   1 
ATOM   188  C CA  . LEU A 1 24  ? 0.641   2.235   -3.779  1.00 11.93 ? 24  LEU A CA  1 
ATOM   189  C C   . LEU A 1 24  ? 0.805   3.508   -2.960  1.00 11.12 ? 24  LEU A C   1 
ATOM   190  O O   . LEU A 1 24  ? 0.901   4.597   -3.520  1.00 11.38 ? 24  LEU A O   1 
ATOM   191  C CB  . LEU A 1 24  ? -0.845  1.992   -4.067  1.00 8.90  ? 24  LEU A CB  1 
ATOM   192  C CG  . LEU A 1 24  ? -1.162  0.823   -5.008  1.00 9.43  ? 24  LEU A CG  1 
ATOM   193  C CD1 . LEU A 1 24  ? -2.652  0.821   -5.330  1.00 6.18  ? 24  LEU A CD1 1 
ATOM   194  C CD2 . LEU A 1 24  ? -0.337  0.944   -6.288  1.00 7.34  ? 24  LEU A CD2 1 
ATOM   195  N N   . SER A 1 25  ? 0.836   3.373   -1.638  1.00 11.72 ? 25  SER A N   1 
ATOM   196  C CA  . SER A 1 25  ? 0.987   4.540   -0.766  1.00 13.21 ? 25  SER A CA  1 
ATOM   197  C C   . SER A 1 25  ? 2.310   5.260   -0.998  1.00 12.97 ? 25  SER A C   1 
ATOM   198  O O   . SER A 1 25  ? 2.462   6.417   -0.623  1.00 14.44 ? 25  SER A O   1 
ATOM   199  C CB  . SER A 1 25  ? 0.895   4.132   0.705   1.00 13.23 ? 25  SER A CB  1 
ATOM   200  O OG  . SER A 1 25  ? 2.089   3.502   1.138   1.00 16.66 ? 25  SER A OG  1 
ATOM   201  N N   . LYS A 1 26  ? 3.268   4.574   -1.611  1.00 13.77 ? 26  LYS A N   1 
ATOM   202  C CA  . LYS A 1 26  ? 4.573   5.168   -1.880  1.00 15.86 ? 26  LYS A CA  1 
ATOM   203  C C   . LYS A 1 26  ? 4.607   5.882   -3.226  1.00 15.33 ? 26  LYS A C   1 
ATOM   204  O O   . LYS A 1 26  ? 5.642   6.403   -3.644  1.00 14.92 ? 26  LYS A O   1 
ATOM   205  C CB  . LYS A 1 26  ? 5.661   4.091   -1.814  1.00 18.82 ? 26  LYS A CB  1 
ATOM   206  C CG  . LYS A 1 26  ? 5.874   3.530   -0.407  1.00 22.16 ? 26  LYS A CG  1 
ATOM   207  C CD  . LYS A 1 26  ? 6.873   4.352   0.424   1.00 29.42 ? 26  LYS A CD  1 
ATOM   208  C CE  . LYS A 1 26  ? 6.602   5.866   0.418   1.00 33.51 ? 26  LYS A CE  1 
ATOM   209  N NZ  . LYS A 1 26  ? 7.021   6.551   -0.860  1.00 34.78 ? 26  LYS A NZ  1 
ATOM   210  N N   . VAL A 1 27  ? 3.457   5.913   -3.892  1.00 13.77 ? 27  VAL A N   1 
ATOM   211  C CA  . VAL A 1 27  ? 3.327   6.568   -5.184  1.00 12.37 ? 27  VAL A CA  1 
ATOM   212  C C   . VAL A 1 27  ? 2.713   7.956   -5.001  1.00 11.05 ? 27  VAL A C   1 
ATOM   213  O O   . VAL A 1 27  ? 1.527   8.081   -4.688  1.00 9.77  ? 27  VAL A O   1 
ATOM   214  C CB  . VAL A 1 27  ? 2.430   5.731   -6.125  1.00 12.54 ? 27  VAL A CB  1 
ATOM   215  C CG1 . VAL A 1 27  ? 2.083   6.530   -7.379  1.00 15.50 ? 27  VAL A CG1 1 
ATOM   216  C CG2 . VAL A 1 27  ? 3.151   4.428   -6.493  1.00 13.46 ? 27  VAL A CG2 1 
ATOM   217  N N   . ARG A 1 28  ? 3.522   8.995   -5.186  1.00 10.98 ? 28  ARG A N   1 
ATOM   218  C CA  . ARG A 1 28  ? 3.038   10.366  -5.049  1.00 12.76 ? 28  ARG A CA  1 
ATOM   219  C C   . ARG A 1 28  ? 1.937   10.709  -6.058  1.00 12.86 ? 28  ARG A C   1 
ATOM   220  O O   . ARG A 1 28  ? 1.966   10.258  -7.199  1.00 14.37 ? 28  ARG A O   1 
ATOM   221  C CB  . ARG A 1 28  ? 4.194   11.361  -5.218  1.00 13.63 ? 28  ARG A CB  1 
ATOM   222  C CG  . ARG A 1 28  ? 3.765   12.838  -5.123  1.00 15.34 ? 28  ARG A CG  1 
ATOM   223  C CD  . ARG A 1 28  ? 4.975   13.768  -4.955  1.00 15.21 ? 28  ARG A CD  1 
ATOM   224  N NE  . ARG A 1 28  ? 5.930   13.637  -6.051  1.00 14.61 ? 28  ARG A NE  1 
ATOM   225  C CZ  . ARG A 1 28  ? 5.780   14.197  -7.248  1.00 17.55 ? 28  ARG A CZ  1 
ATOM   226  N NH1 . ARG A 1 28  ? 4.706   14.935  -7.516  1.00 17.04 ? 28  ARG A NH1 1 
ATOM   227  N NH2 . ARG A 1 28  ? 6.709   14.020  -8.181  1.00 18.65 ? 28  ARG A NH2 1 
ATOM   228  N N   . THR A 1 29  ? 0.962   11.499  -5.620  1.00 12.06 ? 29  THR A N   1 
ATOM   229  C CA  . THR A 1 29  ? -0.127  11.938  -6.482  1.00 13.11 ? 29  THR A CA  1 
ATOM   230  C C   . THR A 1 29  ? -0.289  13.429  -6.235  1.00 15.19 ? 29  THR A C   1 
ATOM   231  O O   . THR A 1 29  ? 0.467   14.023  -5.461  1.00 16.01 ? 29  THR A O   1 
ATOM   232  C CB  . THR A 1 29  ? -1.461  11.236  -6.136  1.00 13.47 ? 29  THR A CB  1 
ATOM   233  O OG1 . THR A 1 29  ? -1.964  11.734  -4.885  1.00 10.11 ? 29  THR A OG1 1 
ATOM   234  C CG2 . THR A 1 29  ? -1.257  9.722   -6.028  1.00 13.51 ? 29  THR A CG2 1 
ATOM   235  N N   . GLY A 1 30  ? -1.274  14.036  -6.884  1.00 15.52 ? 30  GLY A N   1 
ATOM   236  C CA  . GLY A 1 30  ? -1.505  15.450  -6.683  1.00 14.24 ? 30  GLY A CA  1 
ATOM   237  C C   . GLY A 1 30  ? -2.200  15.720  -5.357  1.00 15.60 ? 30  GLY A C   1 
ATOM   238  O O   . GLY A 1 30  ? -2.460  16.872  -5.023  1.00 14.03 ? 30  GLY A O   1 
ATOM   239  N N   . ARG A 1 31  ? -2.502  14.670  -4.594  1.00 14.06 ? 31  ARG A N   1 
ATOM   240  C CA  . ARG A 1 31  ? -3.180  14.852  -3.311  1.00 16.61 ? 31  ARG A CA  1 
ATOM   241  C C   . ARG A 1 31  ? -2.337  14.528  -2.086  1.00 16.69 ? 31  ARG A C   1 
ATOM   242  O O   . ARG A 1 31  ? -1.520  13.603  -2.101  1.00 16.07 ? 31  ARG A O   1 
ATOM   243  C CB  . ARG A 1 31  ? -4.466  14.028  -3.261  1.00 18.56 ? 31  ARG A CB  1 
ATOM   244  C CG  . ARG A 1 31  ? -5.529  14.516  -4.214  1.00 23.53 ? 31  ARG A CG  1 
ATOM   245  C CD  . ARG A 1 31  ? -6.880  14.558  -3.529  1.00 27.88 ? 31  ARG A CD  1 
ATOM   246  N NE  . ARG A 1 31  ? -7.904  15.112  -4.407  1.00 31.46 ? 31  ARG A NE  1 
ATOM   247  C CZ  . ARG A 1 31  ? -9.086  15.550  -3.991  1.00 32.61 ? 31  ARG A CZ  1 
ATOM   248  N NH1 . ARG A 1 31  ? -9.397  15.497  -2.702  1.00 30.32 ? 31  ARG A NH1 1 
ATOM   249  N NH2 . ARG A 1 31  ? -9.957  16.041  -4.865  1.00 33.09 ? 31  ARG A NH2 1 
ATOM   250  N N   . ALA A 1 32  ? -2.576  15.287  -1.018  1.00 15.35 ? 32  ALA A N   1 
ATOM   251  C CA  . ALA A 1 32  ? -1.853  15.136  0.240   1.00 14.16 ? 32  ALA A CA  1 
ATOM   252  C C   . ALA A 1 32  ? -2.179  13.854  1.006   1.00 11.41 ? 32  ALA A C   1 
ATOM   253  O O   . ALA A 1 32  ? -3.325  13.607  1.364   1.00 11.03 ? 32  ALA A O   1 
ATOM   254  C CB  . ALA A 1 32  ? -2.120  16.353  1.127   1.00 13.73 ? 32  ALA A CB  1 
ATOM   255  N N   . HIS A 1 33  ? -1.159  13.042  1.252   1.00 10.13 ? 33  HIS A N   1 
ATOM   256  C CA  . HIS A 1 33  ? -1.312  11.795  1.994   1.00 9.36  ? 33  HIS A CA  1 
ATOM   257  C C   . HIS A 1 33  ? -0.096  11.645  2.908   1.00 9.99  ? 33  HIS A C   1 
ATOM   258  O O   . HIS A 1 33  ? 1.024   11.411  2.440   1.00 7.91  ? 33  HIS A O   1 
ATOM   259  C CB  . HIS A 1 33  ? -1.397  10.607  1.033   1.00 9.74  ? 33  HIS A CB  1 
ATOM   260  C CG  . HIS A 1 33  ? -2.674  10.540  0.257   1.00 9.86  ? 33  HIS A CG  1 
ATOM   261  N ND1 . HIS A 1 33  ? -3.895  10.263  0.850   1.00 10.73 ? 33  HIS A ND1 1 
ATOM   262  C CD2 . HIS A 1 33  ? -2.931  10.688  -1.062  1.00 9.79  ? 33  HIS A CD2 1 
ATOM   263  C CE1 . HIS A 1 33  ? -4.834  10.240  -0.073  1.00 10.66 ? 33  HIS A CE1 1 
ATOM   264  N NE2 . HIS A 1 33  ? -4.277  10.496  -1.246  1.00 10.65 ? 33  HIS A NE2 1 
ATOM   265  N N   . PRO A 1 34  ? -0.294  11.800  4.226   1.00 7.89  ? 34  PRO A N   1 
ATOM   266  C CA  . PRO A 1 34  ? 0.831   11.673  5.156   1.00 10.12 ? 34  PRO A CA  1 
ATOM   267  C C   . PRO A 1 34  ? 1.610   10.377  4.955   1.00 10.27 ? 34  PRO A C   1 
ATOM   268  O O   . PRO A 1 34  ? 2.823   10.330  5.162   1.00 8.76  ? 34  PRO A O   1 
ATOM   269  C CB  . PRO A 1 34  ? 0.152   11.749  6.522   1.00 10.55 ? 34  PRO A CB  1 
ATOM   270  C CG  . PRO A 1 34  ? -0.958  12.719  6.265   1.00 9.22  ? 34  PRO A CG  1 
ATOM   271  C CD  . PRO A 1 34  ? -1.510  12.229  4.932   1.00 10.05 ? 34  PRO A CD  1 
ATOM   272  N N   . SER A 1 35  ? 0.899   9.335   4.534   1.00 12.14 ? 35  SER A N   1 
ATOM   273  C CA  . SER A 1 35  ? 1.487   8.022   4.309   1.00 12.29 ? 35  SER A CA  1 
ATOM   274  C C   . SER A 1 35  ? 2.631   8.073   3.314   1.00 11.46 ? 35  SER A C   1 
ATOM   275  O O   . SER A 1 35  ? 3.555   7.267   3.381   1.00 11.86 ? 35  SER A O   1 
ATOM   276  C CB  . SER A 1 35  ? 0.423   7.050   3.795   1.00 14.17 ? 35  SER A CB  1 
ATOM   277  O OG  . SER A 1 35  ? -0.027  7.437   2.505   1.00 15.58 ? 35  SER A OG  1 
ATOM   278  N N   . LEU A 1 36  ? 2.574   9.017   2.383   1.00 11.31 ? 36  LEU A N   1 
ATOM   279  C CA  . LEU A 1 36  ? 3.637   9.123   1.389   1.00 12.01 ? 36  LEU A CA  1 
ATOM   280  C C   . LEU A 1 36  ? 5.011   9.249   2.057   1.00 11.68 ? 36  LEU A C   1 
ATOM   281  O O   . LEU A 1 36  ? 6.012   8.749   1.539   1.00 10.68 ? 36  LEU A O   1 
ATOM   282  C CB  . LEU A 1 36  ? 3.404   10.334  0.476   1.00 10.77 ? 36  LEU A CB  1 
ATOM   283  C CG  . LEU A 1 36  ? 4.508   10.597  -0.561  1.00 8.24  ? 36  LEU A CG  1 
ATOM   284  C CD1 . LEU A 1 36  ? 4.556   9.445   -1.565  1.00 9.76  ? 36  LEU A CD1 1 
ATOM   285  C CD2 . LEU A 1 36  ? 4.246   11.919  -1.281  1.00 4.53  ? 36  LEU A CD2 1 
ATOM   286  N N   . LEU A 1 37  ? 5.054   9.900   3.216   1.00 10.21 ? 37  LEU A N   1 
ATOM   287  C CA  . LEU A 1 37  ? 6.319   10.100  3.905   1.00 12.70 ? 37  LEU A CA  1 
ATOM   288  C C   . LEU A 1 37  ? 6.647   9.064   4.979   1.00 12.60 ? 37  LEU A C   1 
ATOM   289  O O   . LEU A 1 37  ? 7.568   9.266   5.766   1.00 17.16 ? 37  LEU A O   1 
ATOM   290  C CB  . LEU A 1 37  ? 6.344   11.503  4.521   1.00 11.72 ? 37  LEU A CB  1 
ATOM   291  C CG  . LEU A 1 37  ? 5.987   12.663  3.584   1.00 12.18 ? 37  LEU A CG  1 
ATOM   292  C CD1 . LEU A 1 37  ? 6.185   13.974  4.325   1.00 12.50 ? 37  LEU A CD1 1 
ATOM   293  C CD2 . LEU A 1 37  ? 6.862   12.624  2.339   1.00 9.11  ? 37  LEU A CD2 1 
ATOM   294  N N   . SER A 1 38  ? 5.915   7.959   5.013   1.00 11.96 ? 38  SER A N   1 
ATOM   295  C CA  . SER A 1 38  ? 6.163   6.924   6.018   1.00 16.12 ? 38  SER A CA  1 
ATOM   296  C C   . SER A 1 38  ? 7.584   6.374   6.026   1.00 15.86 ? 38  SER A C   1 
ATOM   297  O O   . SER A 1 38  ? 8.082   5.963   7.068   1.00 19.74 ? 38  SER A O   1 
ATOM   298  C CB  . SER A 1 38  ? 5.196   5.749   5.838   1.00 15.41 ? 38  SER A CB  1 
ATOM   299  O OG  . SER A 1 38  ? 3.937   6.035   6.416   1.00 22.94 ? 38  SER A OG  1 
ATOM   300  N N   . GLY A 1 39  ? 8.229   6.355   4.865   1.00 16.55 ? 39  GLY A N   1 
ATOM   301  C CA  . GLY A 1 39  ? 9.575   5.823   4.783   1.00 16.72 ? 39  GLY A CA  1 
ATOM   302  C C   . GLY A 1 39  ? 10.688  6.796   5.116   1.00 16.47 ? 39  GLY A C   1 
ATOM   303  O O   . GLY A 1 39  ? 11.862  6.436   5.051   1.00 14.81 ? 39  GLY A O   1 
ATOM   304  N N   . ILE A 1 40  ? 10.332  8.027   5.468   1.00 17.14 ? 40  ILE A N   1 
ATOM   305  C CA  . ILE A 1 40  ? 11.339  9.030   5.801   1.00 16.64 ? 40  ILE A CA  1 
ATOM   306  C C   . ILE A 1 40  ? 12.032  8.736   7.141   1.00 17.77 ? 40  ILE A C   1 
ATOM   307  O O   . ILE A 1 40  ? 11.373  8.467   8.150   1.00 14.54 ? 40  ILE A O   1 
ATOM   308  C CB  . ILE A 1 40  ? 10.716  10.450  5.885   1.00 17.74 ? 40  ILE A CB  1 
ATOM   309  C CG1 . ILE A 1 40  ? 10.057  10.829  4.551   1.00 20.37 ? 40  ILE A CG1 1 
ATOM   310  C CG2 . ILE A 1 40  ? 11.795  11.469  6.257   1.00 17.83 ? 40  ILE A CG2 1 
ATOM   311  C CD1 . ILE A 1 40  ? 11.028  11.037  3.401   1.00 20.21 ? 40  ILE A CD1 1 
ATOM   312  N N   . SER A 1 41  ? 13.362  8.792   7.134   1.00 18.17 ? 41  SER A N   1 
ATOM   313  C CA  . SER A 1 41  ? 14.157  8.569   8.334   1.00 20.51 ? 41  SER A CA  1 
ATOM   314  C C   . SER A 1 41  ? 15.110  9.729   8.553   1.00 20.28 ? 41  SER A C   1 
ATOM   315  O O   . SER A 1 41  ? 15.637  10.315  7.605   1.00 21.49 ? 41  SER A O   1 
ATOM   316  C CB  . SER A 1 41  ? 14.953  7.270   8.233   1.00 23.51 ? 41  SER A CB  1 
ATOM   317  O OG  . SER A 1 41  ? 14.080  6.155   8.269   1.00 29.05 ? 41  SER A OG  1 
ATOM   318  N N   . VAL A 1 42  ? 15.322  10.057  9.818   1.00 20.05 ? 42  VAL A N   1 
ATOM   319  C CA  . VAL A 1 42  ? 16.197  11.148  10.195  1.00 21.05 ? 42  VAL A CA  1 
ATOM   320  C C   . VAL A 1 42  ? 17.193  10.674  11.244  1.00 20.67 ? 42  VAL A C   1 
ATOM   321  O O   . VAL A 1 42  ? 16.855  9.890   12.129  1.00 20.73 ? 42  VAL A O   1 
ATOM   322  C CB  . VAL A 1 42  ? 15.376  12.328  10.769  1.00 21.42 ? 42  VAL A CB  1 
ATOM   323  C CG1 . VAL A 1 42  ? 16.295  13.460  11.171  1.00 23.30 ? 42  VAL A CG1 1 
ATOM   324  C CG2 . VAL A 1 42  ? 14.370  12.808  9.733   1.00 24.19 ? 42  VAL A CG2 1 
ATOM   325  N N   . GLU A 1 43  ? 18.429  11.141  11.121  1.00 20.03 ? 43  GLU A N   1 
ATOM   326  C CA  . GLU A 1 43  ? 19.482  10.803  12.066  1.00 21.14 ? 43  GLU A CA  1 
ATOM   327  C C   . GLU A 1 43  ? 19.157  11.551  13.351  1.00 18.93 ? 43  GLU A C   1 
ATOM   328  O O   . GLU A 1 43  ? 19.089  12.774  13.350  1.00 18.34 ? 43  GLU A O   1 
ATOM   329  C CB  . GLU A 1 43  ? 20.828  11.275  11.518  1.00 25.11 ? 43  GLU A CB  1 
ATOM   330  C CG  . GLU A 1 43  ? 22.004  11.145  12.472  1.00 31.47 ? 43  GLU A CG  1 
ATOM   331  C CD  . GLU A 1 43  ? 22.736  9.831   12.323  1.00 36.00 ? 43  GLU A CD  1 
ATOM   332  O OE1 . GLU A 1 43  ? 22.189  8.787   12.742  1.00 38.57 ? 43  GLU A OE1 1 
ATOM   333  O OE2 . GLU A 1 43  ? 23.859  9.843   11.775  1.00 37.23 ? 43  GLU A OE2 1 
ATOM   334  N N   . TYR A 1 44  ? 18.942  10.819  14.439  1.00 16.81 ? 44  TYR A N   1 
ATOM   335  C CA  . TYR A 1 44  ? 18.615  11.444  15.715  1.00 17.70 ? 44  TYR A CA  1 
ATOM   336  C C   . TYR A 1 44  ? 19.462  10.846  16.828  1.00 18.37 ? 44  TYR A C   1 
ATOM   337  O O   . TYR A 1 44  ? 19.311  9.675   17.177  1.00 18.34 ? 44  TYR A O   1 
ATOM   338  C CB  . TYR A 1 44  ? 17.134  11.251  16.037  1.00 16.99 ? 44  TYR A CB  1 
ATOM   339  C CG  . TYR A 1 44  ? 16.667  11.986  17.276  1.00 18.30 ? 44  TYR A CG  1 
ATOM   340  C CD1 . TYR A 1 44  ? 16.292  11.292  18.426  1.00 18.38 ? 44  TYR A CD1 1 
ATOM   341  C CD2 . TYR A 1 44  ? 16.583  13.378  17.292  1.00 18.62 ? 44  TYR A CD2 1 
ATOM   342  C CE1 . TYR A 1 44  ? 15.835  11.972  19.560  1.00 20.36 ? 44  TYR A CE1 1 
ATOM   343  C CE2 . TYR A 1 44  ? 16.130  14.065  18.416  1.00 19.52 ? 44  TYR A CE2 1 
ATOM   344  C CZ  . TYR A 1 44  ? 15.757  13.360  19.547  1.00 20.92 ? 44  TYR A CZ  1 
ATOM   345  O OH  . TYR A 1 44  ? 15.302  14.039  20.660  1.00 20.48 ? 44  TYR A OH  1 
ATOM   346  N N   . TYR A 1 45  ? 20.350  11.655  17.387  1.00 19.17 ? 45  TYR A N   1 
ATOM   347  C CA  . TYR A 1 45  ? 21.225  11.179  18.441  1.00 19.93 ? 45  TYR A CA  1 
ATOM   348  C C   . TYR A 1 45  ? 21.968  9.935   17.963  1.00 19.58 ? 45  TYR A C   1 
ATOM   349  O O   . TYR A 1 45  ? 22.061  8.933   18.677  1.00 17.44 ? 45  TYR A O   1 
ATOM   350  C CB  . TYR A 1 45  ? 20.413  10.877  19.704  1.00 22.71 ? 45  TYR A CB  1 
ATOM   351  C CG  . TYR A 1 45  ? 20.133  12.110  20.532  1.00 23.80 ? 45  TYR A CG  1 
ATOM   352  C CD1 . TYR A 1 45  ? 21.020  12.517  21.527  1.00 25.43 ? 45  TYR A CD1 1 
ATOM   353  C CD2 . TYR A 1 45  ? 19.011  12.899  20.285  1.00 23.22 ? 45  TYR A CD2 1 
ATOM   354  C CE1 . TYR A 1 45  ? 20.802  13.684  22.254  1.00 27.03 ? 45  TYR A CE1 1 
ATOM   355  C CE2 . TYR A 1 45  ? 18.782  14.071  21.004  1.00 26.51 ? 45  TYR A CE2 1 
ATOM   356  C CZ  . TYR A 1 45  ? 19.684  14.458  21.986  1.00 28.10 ? 45  TYR A CZ  1 
ATOM   357  O OH  . TYR A 1 45  ? 19.488  15.629  22.684  1.00 29.02 ? 45  TYR A OH  1 
ATOM   358  N N   . GLY A 1 46  ? 22.460  10.006  16.728  1.00 17.84 ? 46  GLY A N   1 
ATOM   359  C CA  . GLY A 1 46  ? 23.237  8.919   16.160  1.00 16.62 ? 46  GLY A CA  1 
ATOM   360  C C   . GLY A 1 46  ? 22.519  7.769   15.489  1.00 14.98 ? 46  GLY A C   1 
ATOM   361  O O   . GLY A 1 46  ? 23.153  6.974   14.801  1.00 15.40 ? 46  GLY A O   1 
ATOM   362  N N   . ALA A 1 47  ? 21.208  7.666   15.668  1.00 15.44 ? 47  ALA A N   1 
ATOM   363  C CA  . ALA A 1 47  ? 20.478  6.557   15.061  1.00 14.28 ? 47  ALA A CA  1 
ATOM   364  C C   . ALA A 1 47  ? 19.393  6.967   14.077  1.00 13.67 ? 47  ALA A C   1 
ATOM   365  O O   . ALA A 1 47  ? 18.698  7.969   14.274  1.00 14.66 ? 47  ALA A O   1 
ATOM   366  C CB  . ALA A 1 47  ? 19.881  5.683   16.150  1.00 13.29 ? 47  ALA A CB  1 
ATOM   367  N N   . ALA A 1 48  ? 19.257  6.175   13.015  1.00 13.34 ? 48  ALA A N   1 
ATOM   368  C CA  . ALA A 1 48  ? 18.242  6.407   11.989  1.00 12.46 ? 48  ALA A CA  1 
ATOM   369  C C   . ALA A 1 48  ? 16.876  6.248   12.653  1.00 10.44 ? 48  ALA A C   1 
ATOM   370  O O   . ALA A 1 48  ? 16.530  5.162   13.102  1.00 12.07 ? 48  ALA A O   1 
ATOM   371  C CB  . ALA A 1 48  ? 18.401  5.393   10.864  1.00 9.85  ? 48  ALA A CB  1 
ATOM   372  N N   . THR A 1 49  ? 16.108  7.332   12.700  1.00 12.12 ? 49  THR A N   1 
ATOM   373  C CA  . THR A 1 49  ? 14.792  7.347   13.343  1.00 12.74 ? 49  THR A CA  1 
ATOM   374  C C   . THR A 1 49  ? 13.632  7.664   12.394  1.00 12.84 ? 49  THR A C   1 
ATOM   375  O O   . THR A 1 49  ? 13.727  8.571   11.566  1.00 11.91 ? 49  THR A O   1 
ATOM   376  C CB  . THR A 1 49  ? 14.770  8.394   14.469  1.00 12.68 ? 49  THR A CB  1 
ATOM   377  O OG1 . THR A 1 49  ? 15.885  8.174   15.338  1.00 14.53 ? 49  THR A OG1 1 
ATOM   378  C CG2 . THR A 1 49  ? 13.480  8.306   15.260  1.00 13.78 ? 49  THR A CG2 1 
ATOM   379  N N   . PRO A 1 50  ? 12.517  6.920   12.513  1.00 12.69 ? 50  PRO A N   1 
ATOM   380  C CA  . PRO A 1 50  ? 11.337  7.127   11.664  1.00 12.85 ? 50  PRO A CA  1 
ATOM   381  C C   . PRO A 1 50  ? 10.766  8.533   11.827  1.00 11.52 ? 50  PRO A C   1 
ATOM   382  O O   . PRO A 1 50  ? 10.740  9.080   12.923  1.00 11.66 ? 50  PRO A O   1 
ATOM   383  C CB  . PRO A 1 50  ? 10.364  6.048   12.145  1.00 13.18 ? 50  PRO A CB  1 
ATOM   384  C CG  . PRO A 1 50  ? 11.283  4.949   12.605  1.00 14.22 ? 50  PRO A CG  1 
ATOM   385  C CD  . PRO A 1 50  ? 12.341  5.728   13.363  1.00 14.63 ? 50  PRO A CD  1 
ATOM   386  N N   . LEU A 1 51  ? 10.307  9.102   10.724  1.00 10.84 ? 51  LEU A N   1 
ATOM   387  C CA  . LEU A 1 51  ? 9.750   10.445  10.720  1.00 10.46 ? 51  LEU A CA  1 
ATOM   388  C C   . LEU A 1 51  ? 8.645   10.617  11.758  1.00 10.59 ? 51  LEU A C   1 
ATOM   389  O O   . LEU A 1 51  ? 8.606   11.626  12.464  1.00 11.82 ? 51  LEU A O   1 
ATOM   390  C CB  . LEU A 1 51  ? 9.184   10.768  9.334   1.00 10.93 ? 51  LEU A CB  1 
ATOM   391  C CG  . LEU A 1 51  ? 9.172   12.210  8.809   1.00 14.54 ? 51  LEU A CG  1 
ATOM   392  C CD1 . LEU A 1 51  ? 8.074   12.331  7.764   1.00 11.84 ? 51  LEU A CD1 1 
ATOM   393  C CD2 . LEU A 1 51  ? 8.938   13.214  9.926   1.00 13.62 ? 51  LEU A CD2 1 
ATOM   394  N N   . ASN A 1 52  ? 7.760   9.629   11.859  1.00 10.40 ? 52  ASN A N   1 
ATOM   395  C CA  . ASN A 1 52  ? 6.641   9.708   12.783  1.00 11.63 ? 52  ASN A CA  1 
ATOM   396  C C   . ASN A 1 52  ? 7.014   9.737   14.264  1.00 13.40 ? 52  ASN A C   1 
ATOM   397  O O   . ASN A 1 52  ? 6.166   10.030  15.105  1.00 14.38 ? 52  ASN A O   1 
ATOM   398  C CB  . ASN A 1 52  ? 5.641   8.578   12.496  1.00 12.09 ? 52  ASN A CB  1 
ATOM   399  C CG  . ASN A 1 52  ? 6.052   7.252   13.094  1.00 13.82 ? 52  ASN A CG  1 
ATOM   400  O OD1 . ASN A 1 52  ? 7.234   6.927   13.180  1.00 14.36 ? 52  ASN A OD1 1 
ATOM   401  N ND2 . ASN A 1 52  ? 5.064   6.465   13.498  1.00 15.49 ? 52  ASN A ND2 1 
ATOM   402  N N   . GLN A 1 53  ? 8.274   9.450   14.583  1.00 11.78 ? 53  GLN A N   1 
ATOM   403  C CA  . GLN A 1 53  ? 8.729   9.473   15.970  1.00 11.75 ? 53  GLN A CA  1 
ATOM   404  C C   . GLN A 1 53  ? 9.301   10.847  16.336  1.00 12.74 ? 53  GLN A C   1 
ATOM   405  O O   . GLN A 1 53  ? 9.537   11.140  17.510  1.00 14.04 ? 53  GLN A O   1 
ATOM   406  C CB  . GLN A 1 53  ? 9.802   8.400   16.207  1.00 9.90  ? 53  GLN A CB  1 
ATOM   407  C CG  . GLN A 1 53  ? 9.278   6.967   16.224  1.00 8.58  ? 53  GLN A CG  1 
ATOM   408  C CD  . GLN A 1 53  ? 10.349  5.958   16.631  1.00 9.91  ? 53  GLN A CD  1 
ATOM   409  O OE1 . GLN A 1 53  ? 11.309  6.301   17.324  1.00 8.04  ? 53  GLN A OE1 1 
ATOM   410  N NE2 . GLN A 1 53  ? 10.178  4.708   16.217  1.00 8.90  ? 53  GLN A NE2 1 
ATOM   411  N N   . VAL A 1 54  ? 9.527   11.689  15.332  1.00 11.99 ? 54  VAL A N   1 
ATOM   412  C CA  . VAL A 1 54  ? 10.077  13.012  15.590  1.00 11.54 ? 54  VAL A CA  1 
ATOM   413  C C   . VAL A 1 54  ? 9.187   14.138  15.083  1.00 12.39 ? 54  VAL A C   1 
ATOM   414  O O   . VAL A 1 54  ? 9.541   15.311  15.208  1.00 12.07 ? 54  VAL A O   1 
ATOM   415  C CB  . VAL A 1 54  ? 11.493  13.170  14.969  1.00 10.71 ? 54  VAL A CB  1 
ATOM   416  C CG1 . VAL A 1 54  ? 12.453  12.184  15.608  1.00 13.12 ? 54  VAL A CG1 1 
ATOM   417  C CG2 . VAL A 1 54  ? 11.441  12.954  13.453  1.00 11.74 ? 54  VAL A CG2 1 
ATOM   418  N N   . ALA A 1 55  ? 8.031   13.788  14.520  1.00 12.61 ? 55  ALA A N   1 
ATOM   419  C CA  . ALA A 1 55  ? 7.105   14.798  14.011  1.00 13.51 ? 55  ALA A CA  1 
ATOM   420  C C   . ALA A 1 55  ? 5.719   14.248  13.680  1.00 15.51 ? 55  ALA A C   1 
ATOM   421  O O   . ALA A 1 55  ? 5.543   13.041  13.495  1.00 15.89 ? 55  ALA A O   1 
ATOM   422  C CB  . ALA A 1 55  ? 7.698   15.461  12.769  1.00 15.30 ? 55  ALA A CB  1 
ATOM   423  N N   . ASN A 1 56  ? 4.731   15.140  13.630  1.00 17.03 ? 56  ASN A N   1 
ATOM   424  C CA  . ASN A 1 56  ? 3.366   14.761  13.267  1.00 17.85 ? 56  ASN A CA  1 
ATOM   425  C C   . ASN A 1 56  ? 3.208   15.192  11.808  1.00 15.96 ? 56  ASN A C   1 
ATOM   426  O O   . ASN A 1 56  ? 3.667   16.265  11.422  1.00 14.21 ? 56  ASN A O   1 
ATOM   427  C CB  . ASN A 1 56  ? 2.314   15.502  14.112  1.00 21.45 ? 56  ASN A CB  1 
ATOM   428  C CG  . ASN A 1 56  ? 2.207   14.971  15.534  1.00 25.74 ? 56  ASN A CG  1 
ATOM   429  O OD1 . ASN A 1 56  ? 2.202   13.761  15.768  1.00 25.10 ? 56  ASN A OD1 1 
ATOM   430  N ND2 . ASN A 1 56  ? 2.095   15.884  16.493  1.00 28.31 ? 56  ASN A ND2 1 
ATOM   431  N N   . VAL A 1 57  ? 2.566   14.359  11.003  1.00 14.91 ? 57  VAL A N   1 
ATOM   432  C CA  . VAL A 1 57  ? 2.362   14.676  9.597   1.00 15.00 ? 57  VAL A CA  1 
ATOM   433  C C   . VAL A 1 57  ? 0.865   14.716  9.325   1.00 15.89 ? 57  VAL A C   1 
ATOM   434  O O   . VAL A 1 57  ? 0.162   13.723  9.518   1.00 16.58 ? 57  VAL A O   1 
ATOM   435  C CB  . VAL A 1 57  ? 3.023   13.611  8.683   1.00 14.17 ? 57  VAL A CB  1 
ATOM   436  C CG1 . VAL A 1 57  ? 2.892   14.012  7.223   1.00 12.29 ? 57  VAL A CG1 1 
ATOM   437  C CG2 . VAL A 1 57  ? 4.491   13.436  9.066   1.00 14.33 ? 57  VAL A CG2 1 
ATOM   438  N N   . VAL A 1 58  ? 0.374   15.866  8.891   1.00 15.32 ? 58  VAL A N   1 
ATOM   439  C CA  . VAL A 1 58  ? -1.046  16.008  8.603   1.00 15.85 ? 58  VAL A CA  1 
ATOM   440  C C   . VAL A 1 58  ? -1.284  16.661  7.246   1.00 16.83 ? 58  VAL A C   1 
ATOM   441  O O   . VAL A 1 58  ? -0.398  17.307  6.679   1.00 15.43 ? 58  VAL A O   1 
ATOM   442  C CB  . VAL A 1 58  ? -1.764  16.866  9.684   1.00 16.02 ? 58  VAL A CB  1 
ATOM   443  C CG1 . VAL A 1 58  ? -1.540  16.260  11.067  1.00 13.76 ? 58  VAL A CG1 1 
ATOM   444  C CG2 . VAL A 1 58  ? -1.253  18.308  9.644   1.00 14.90 ? 58  VAL A CG2 1 
ATOM   445  N N   . ALA A 1 59  ? -2.484  16.465  6.719   1.00 15.46 ? 59  ALA A N   1 
ATOM   446  C CA  . ALA A 1 59  ? -2.852  17.072  5.460   1.00 16.63 ? 59  ALA A CA  1 
ATOM   447  C C   . ALA A 1 59  ? -3.437  18.431  5.846   1.00 17.22 ? 59  ALA A C   1 
ATOM   448  O O   . ALA A 1 59  ? -4.493  18.491  6.472   1.00 17.96 ? 59  ALA A O   1 
ATOM   449  C CB  . ALA A 1 59  ? -3.899  16.223  4.755   1.00 15.81 ? 59  ALA A CB  1 
ATOM   450  N N   . GLU A 1 60  ? -2.736  19.511  5.516   1.00 17.18 ? 60  GLU A N   1 
ATOM   451  C CA  . GLU A 1 60  ? -3.230  20.850  5.834   1.00 19.45 ? 60  GLU A CA  1 
ATOM   452  C C   . GLU A 1 60  ? -4.508  21.066  5.027   1.00 19.42 ? 60  GLU A C   1 
ATOM   453  O O   . GLU A 1 60  ? -5.504  21.584  5.538   1.00 18.40 ? 60  GLU A O   1 
ATOM   454  C CB  . GLU A 1 60  ? -2.185  21.900  5.479   1.00 19.80 ? 60  GLU A CB  1 
ATOM   455  C CG  . GLU A 1 60  ? -2.605  23.307  5.823   1.00 20.39 ? 60  GLU A CG  1 
ATOM   456  C CD  . GLU A 1 60  ? -1.497  24.292  5.581   1.00 19.49 ? 60  GLU A CD  1 
ATOM   457  O OE1 . GLU A 1 60  ? -0.534  24.312  6.376   1.00 20.75 ? 60  GLU A OE1 1 
ATOM   458  O OE2 . GLU A 1 60  ? -1.577  25.032  4.584   1.00 22.96 ? 60  GLU A OE2 1 
ATOM   459  N N   . ASP A 1 61  ? -4.456  20.679  3.755   1.00 18.06 ? 61  ASP A N   1 
ATOM   460  C CA  . ASP A 1 61  ? -5.614  20.729  2.870   1.00 18.81 ? 61  ASP A CA  1 
ATOM   461  C C   . ASP A 1 61  ? -5.449  19.578  1.889   1.00 19.51 ? 61  ASP A C   1 
ATOM   462  O O   . ASP A 1 61  ? -4.503  18.797  2.011   1.00 20.66 ? 61  ASP A O   1 
ATOM   463  C CB  . ASP A 1 61  ? -5.755  22.067  2.129   1.00 16.93 ? 61  ASP A CB  1 
ATOM   464  C CG  . ASP A 1 61  ? -4.561  22.406  1.273   1.00 17.81 ? 61  ASP A CG  1 
ATOM   465  O OD1 . ASP A 1 61  ? -3.903  21.491  0.741   1.00 19.99 ? 61  ASP A OD1 1 
ATOM   466  O OD2 . ASP A 1 61  ? -4.295  23.613  1.114   1.00 18.29 ? 61  ASP A OD2 1 
ATOM   467  N N   . ALA A 1 62  ? -6.356  19.468  0.924   1.00 17.29 ? 62  ALA A N   1 
ATOM   468  C CA  . ALA A 1 62  ? -6.314  18.378  -0.040  1.00 15.59 ? 62  ALA A CA  1 
ATOM   469  C C   . ALA A 1 62  ? -5.040  18.303  -0.871  1.00 15.45 ? 62  ALA A C   1 
ATOM   470  O O   . ALA A 1 62  ? -4.765  17.279  -1.492  1.00 15.71 ? 62  ALA A O   1 
ATOM   471  C CB  . ALA A 1 62  ? -7.513  18.463  -0.965  1.00 14.39 ? 62  ALA A CB  1 
ATOM   472  N N   . ARG A 1 63  ? -4.251  19.369  -0.872  1.00 12.91 ? 63  ARG A N   1 
ATOM   473  C CA  . ARG A 1 63  ? -3.046  19.382  -1.683  1.00 15.89 ? 63  ARG A CA  1 
ATOM   474  C C   . ARG A 1 63  ? -1.809  19.880  -0.937  1.00 14.84 ? 63  ARG A C   1 
ATOM   475  O O   . ARG A 1 63  ? -0.813  20.254  -1.561  1.00 12.72 ? 63  ARG A O   1 
ATOM   476  C CB  . ARG A 1 63  ? -3.292  20.261  -2.917  1.00 18.39 ? 63  ARG A CB  1 
ATOM   477  C CG  . ARG A 1 63  ? -3.393  21.752  -2.593  1.00 22.40 ? 63  ARG A CG  1 
ATOM   478  C CD  . ARG A 1 63  ? -4.052  22.552  -3.713  1.00 25.93 ? 63  ARG A CD  1 
ATOM   479  N NE  . ARG A 1 63  ? -5.512  22.471  -3.660  1.00 32.24 ? 63  ARG A NE  1 
ATOM   480  C CZ  . ARG A 1 63  ? -6.260  23.015  -2.705  1.00 33.73 ? 63  ARG A CZ  1 
ATOM   481  N NH1 . ARG A 1 63  ? -5.687  23.686  -1.715  1.00 37.87 ? 63  ARG A NH1 1 
ATOM   482  N NH2 . ARG A 1 63  ? -7.580  22.892  -2.735  1.00 35.63 ? 63  ARG A NH2 1 
ATOM   483  N N   . THR A 1 64  ? -1.859  19.865  0.392   1.00 13.92 ? 64  THR A N   1 
ATOM   484  C CA  . THR A 1 64  ? -0.732  20.349  1.177   1.00 12.89 ? 64  THR A CA  1 
ATOM   485  C C   . THR A 1 64  ? -0.473  19.542  2.444   1.00 13.23 ? 64  THR A C   1 
ATOM   486  O O   . THR A 1 64  ? -1.394  19.240  3.205   1.00 10.16 ? 64  THR A O   1 
ATOM   487  C CB  . THR A 1 64  ? -0.958  21.811  1.583   1.00 14.45 ? 64  THR A CB  1 
ATOM   488  O OG1 . THR A 1 64  ? -1.399  22.554  0.440   1.00 15.74 ? 64  THR A OG1 1 
ATOM   489  C CG2 . THR A 1 64  ? 0.330   22.434  2.120   1.00 12.74 ? 64  THR A CG2 1 
ATOM   490  N N   . LEU A 1 65  ? 0.794   19.203  2.663   1.00 11.89 ? 65  LEU A N   1 
ATOM   491  C CA  . LEU A 1 65  ? 1.204   18.455  3.842   1.00 12.98 ? 65  LEU A CA  1 
ATOM   492  C C   . LEU A 1 65  ? 1.857   19.412  4.844   1.00 13.87 ? 65  LEU A C   1 
ATOM   493  O O   . LEU A 1 65  ? 2.585   20.326  4.456   1.00 12.66 ? 65  LEU A O   1 
ATOM   494  C CB  . LEU A 1 65  ? 2.190   17.355  3.431   1.00 15.59 ? 65  LEU A CB  1 
ATOM   495  C CG  . LEU A 1 65  ? 1.802   15.878  3.597   1.00 15.91 ? 65  LEU A CG  1 
ATOM   496  C CD1 . LEU A 1 65  ? 0.397   15.629  3.122   1.00 17.87 ? 65  LEU A CD1 1 
ATOM   497  C CD2 . LEU A 1 65  ? 2.776   15.019  2.825   1.00 15.07 ? 65  LEU A CD2 1 
ATOM   498  N N   . ALA A 1 66  ? 1.570   19.210  6.127   1.00 12.90 ? 66  ALA A N   1 
ATOM   499  C CA  . ALA A 1 66  ? 2.139   20.030  7.196   1.00 13.01 ? 66  ALA A CA  1 
ATOM   500  C C   . ALA A 1 66  ? 2.864   19.114  8.190   1.00 13.07 ? 66  ALA A C   1 
ATOM   501  O O   . ALA A 1 66  ? 2.251   18.234  8.801   1.00 12.94 ? 66  ALA A O   1 
ATOM   502  C CB  . ALA A 1 66  ? 1.038   20.818  7.904   1.00 12.86 ? 66  ALA A CB  1 
ATOM   503  N N   . ILE A 1 67  ? 4.170   19.317  8.325   1.00 11.78 ? 67  ILE A N   1 
ATOM   504  C CA  . ILE A 1 67  ? 4.996   18.508  9.215   1.00 11.06 ? 67  ILE A CA  1 
ATOM   505  C C   . ILE A 1 67  ? 5.511   19.315  10.402  1.00 12.41 ? 67  ILE A C   1 
ATOM   506  O O   . ILE A 1 67  ? 6.294   20.256  10.234  1.00 11.95 ? 67  ILE A O   1 
ATOM   507  C CB  . ILE A 1 67  ? 6.219   17.938  8.457   1.00 12.32 ? 67  ILE A CB  1 
ATOM   508  C CG1 . ILE A 1 67  ? 5.766   17.259  7.163   1.00 12.54 ? 67  ILE A CG1 1 
ATOM   509  C CG2 . ILE A 1 67  ? 6.952   16.934  9.328   1.00 10.14 ? 67  ILE A CG2 1 
ATOM   510  C CD1 . ILE A 1 67  ? 6.878   17.065  6.157   1.00 13.43 ? 67  ILE A CD1 1 
ATOM   511  N N   . THR A 1 68  ? 5.087   18.937  11.603  1.00 13.45 ? 68  THR A N   1 
ATOM   512  C CA  . THR A 1 68  ? 5.523   19.633  12.808  1.00 14.68 ? 68  THR A CA  1 
ATOM   513  C C   . THR A 1 68  ? 6.576   18.807  13.538  1.00 15.55 ? 68  THR A C   1 
ATOM   514  O O   . THR A 1 68  ? 6.286   17.730  14.050  1.00 17.28 ? 68  THR A O   1 
ATOM   515  C CB  . THR A 1 68  ? 4.335   19.899  13.763  1.00 13.90 ? 68  THR A CB  1 
ATOM   516  O OG1 . THR A 1 68  ? 3.327   20.647  13.073  1.00 13.78 ? 68  THR A OG1 1 
ATOM   517  C CG2 . THR A 1 68  ? 4.791   20.694  14.972  1.00 12.14 ? 68  THR A CG2 1 
ATOM   518  N N   . VAL A 1 69  ? 7.804   19.315  13.570  1.00 16.40 ? 69  VAL A N   1 
ATOM   519  C CA  . VAL A 1 69  ? 8.904   18.636  14.243  1.00 16.77 ? 69  VAL A CA  1 
ATOM   520  C C   . VAL A 1 69  ? 8.870   19.016  15.729  1.00 19.06 ? 69  VAL A C   1 
ATOM   521  O O   . VAL A 1 69  ? 8.907   20.197  16.069  1.00 19.38 ? 69  VAL A O   1 
ATOM   522  C CB  . VAL A 1 69  ? 10.256  19.050  13.627  1.00 16.53 ? 69  VAL A CB  1 
ATOM   523  C CG1 . VAL A 1 69  ? 11.387  18.305  14.299  1.00 17.82 ? 69  VAL A CG1 1 
ATOM   524  C CG2 . VAL A 1 69  ? 10.251  18.759  12.128  1.00 14.69 ? 69  VAL A CG2 1 
ATOM   525  N N   . PHE A 1 70  ? 8.789   18.015  16.603  1.00 19.52 ? 70  PHE A N   1 
ATOM   526  C CA  . PHE A 1 70  ? 8.726   18.245  18.047  1.00 21.98 ? 70  PHE A CA  1 
ATOM   527  C C   . PHE A 1 70  ? 9.970   18.937  18.599  1.00 24.21 ? 70  PHE A C   1 
ATOM   528  O O   . PHE A 1 70  ? 9.870   19.835  19.431  1.00 25.43 ? 70  PHE A O   1 
ATOM   529  C CB  . PHE A 1 70  ? 8.518   16.917  18.780  1.00 21.00 ? 70  PHE A CB  1 
ATOM   530  C CG  . PHE A 1 70  ? 7.329   16.136  18.299  1.00 19.77 ? 70  PHE A CG  1 
ATOM   531  C CD1 . PHE A 1 70  ? 7.463   14.802  17.927  1.00 21.00 ? 70  PHE A CD1 1 
ATOM   532  C CD2 . PHE A 1 70  ? 6.078   16.738  18.189  1.00 19.98 ? 70  PHE A CD2 1 
ATOM   533  C CE1 . PHE A 1 70  ? 6.368   14.073  17.452  1.00 22.17 ? 70  PHE A CE1 1 
ATOM   534  C CE2 . PHE A 1 70  ? 4.975   16.020  17.716  1.00 21.47 ? 70  PHE A CE2 1 
ATOM   535  C CZ  . PHE A 1 70  ? 5.122   14.689  17.344  1.00 20.58 ? 70  PHE A CZ  1 
ATOM   536  N N   . ASP A 1 71  ? 11.139  18.506  18.139  1.00 26.13 ? 71  ASP A N   1 
ATOM   537  C CA  . ASP A 1 71  ? 12.405  19.078  18.581  1.00 28.13 ? 71  ASP A CA  1 
ATOM   538  C C   . ASP A 1 71  ? 12.904  20.073  17.532  1.00 30.25 ? 71  ASP A C   1 
ATOM   539  O O   . ASP A 1 71  ? 13.211  19.690  16.400  1.00 29.44 ? 71  ASP A O   1 
ATOM   540  C CB  . ASP A 1 71  ? 13.427  17.955  18.786  1.00 28.94 ? 71  ASP A CB  1 
ATOM   541  C CG  . ASP A 1 71  ? 14.750  18.452  19.342  1.00 31.36 ? 71  ASP A CG  1 
ATOM   542  O OD1 . ASP A 1 71  ? 15.592  17.598  19.700  1.00 31.35 ? 71  ASP A OD1 1 
ATOM   543  O OD2 . ASP A 1 71  ? 14.957  19.684  19.420  1.00 32.06 ? 71  ASP A OD2 1 
ATOM   544  N N   . LYS A 1 72  ? 12.970  21.349  17.915  1.00 31.36 ? 72  LYS A N   1 
ATOM   545  C CA  . LYS A 1 72  ? 13.420  22.413  17.017  1.00 31.56 ? 72  LYS A CA  1 
ATOM   546  C C   . LYS A 1 72  ? 14.793  22.151  16.418  1.00 31.66 ? 72  LYS A C   1 
ATOM   547  O O   . LYS A 1 72  ? 15.141  22.716  15.387  1.00 30.54 ? 72  LYS A O   1 
ATOM   548  C CB  . LYS A 1 72  ? 13.455  23.763  17.746  1.00 33.96 ? 72  LYS A CB  1 
ATOM   549  C CG  . LYS A 1 72  ? 12.089  24.347  18.084  1.00 36.72 ? 72  LYS A CG  1 
ATOM   550  C CD  . LYS A 1 72  ? 12.144  25.872  18.187  1.00 38.73 ? 72  LYS A CD  1 
ATOM   551  C CE  . LYS A 1 72  ? 10.746  26.475  18.279  1.00 39.67 ? 72  LYS A CE  1 
ATOM   552  N NZ  . LYS A 1 72  ? 10.751  27.965  18.184  1.00 40.04 ? 72  LYS A NZ  1 
ATOM   553  N N   . GLU A 1 73  ? 15.569  21.291  17.062  1.00 32.12 ? 73  GLU A N   1 
ATOM   554  C CA  . GLU A 1 73  ? 16.907  20.977  16.580  1.00 34.18 ? 73  GLU A CA  1 
ATOM   555  C C   . GLU A 1 73  ? 16.897  19.987  15.417  1.00 32.94 ? 73  GLU A C   1 
ATOM   556  O O   . GLU A 1 73  ? 17.944  19.698  14.838  1.00 34.65 ? 73  GLU A O   1 
ATOM   557  C CB  . GLU A 1 73  ? 17.738  20.410  17.730  1.00 37.28 ? 73  GLU A CB  1 
ATOM   558  C CG  . GLU A 1 73  ? 17.741  21.300  18.960  1.00 42.97 ? 73  GLU A CG  1 
ATOM   559  C CD  . GLU A 1 73  ? 18.216  20.579  20.204  1.00 46.67 ? 73  GLU A CD  1 
ATOM   560  O OE1 . GLU A 1 73  ? 19.386  20.137  20.234  1.00 48.82 ? 73  GLU A OE1 1 
ATOM   561  O OE2 . GLU A 1 73  ? 17.410  20.451  21.152  1.00 49.04 ? 73  GLU A OE2 1 
ATOM   562  N N   . LEU A 1 74  ? 15.717  19.482  15.070  1.00 31.09 ? 74  LEU A N   1 
ATOM   563  C CA  . LEU A 1 74  ? 15.583  18.506  13.991  1.00 29.34 ? 74  LEU A CA  1 
ATOM   564  C C   . LEU A 1 74  ? 14.898  19.016  12.727  1.00 26.52 ? 74  LEU A C   1 
ATOM   565  O O   . LEU A 1 74  ? 14.961  18.364  11.685  1.00 25.30 ? 74  LEU A O   1 
ATOM   566  C CB  . LEU A 1 74  ? 14.800  17.287  14.478  1.00 29.99 ? 74  LEU A CB  1 
ATOM   567  C CG  . LEU A 1 74  ? 15.478  16.228  15.341  1.00 32.46 ? 74  LEU A CG  1 
ATOM   568  C CD1 . LEU A 1 74  ? 14.468  15.121  15.613  1.00 32.92 ? 74  LEU A CD1 1 
ATOM   569  C CD2 . LEU A 1 74  ? 16.699  15.668  14.627  1.00 31.15 ? 74  LEU A CD2 1 
ATOM   570  N N   . THR A 1 75  ? 14.241  20.165  12.823  1.00 24.44 ? 75  THR A N   1 
ATOM   571  C CA  . THR A 1 75  ? 13.514  20.729  11.690  1.00 23.23 ? 75  THR A CA  1 
ATOM   572  C C   . THR A 1 75  ? 14.279  20.681  10.366  1.00 23.12 ? 75  THR A C   1 
ATOM   573  O O   . THR A 1 75  ? 13.767  20.164  9.377   1.00 21.59 ? 75  THR A O   1 
ATOM   574  C CB  . THR A 1 75  ? 13.090  22.190  11.969  1.00 22.54 ? 75  THR A CB  1 
ATOM   575  O OG1 . THR A 1 75  ? 12.433  22.264  13.239  1.00 23.96 ? 75  THR A OG1 1 
ATOM   576  C CG2 . THR A 1 75  ? 12.122  22.672  10.906  1.00 20.41 ? 75  THR A CG2 1 
ATOM   577  N N   . GLN A 1 76  ? 15.501  21.210  10.351  1.00 22.99 ? 76  GLN A N   1 
ATOM   578  C CA  . GLN A 1 76  ? 16.304  21.232  9.133   1.00 24.58 ? 76  GLN A CA  1 
ATOM   579  C C   . GLN A 1 76  ? 16.773  19.859  8.653   1.00 22.79 ? 76  GLN A C   1 
ATOM   580  O O   . GLN A 1 76  ? 16.939  19.647  7.456   1.00 22.80 ? 76  GLN A O   1 
ATOM   581  C CB  . GLN A 1 76  ? 17.508  22.160  9.306   1.00 29.15 ? 76  GLN A CB  1 
ATOM   582  C CG  . GLN A 1 76  ? 17.128  23.590  9.663   1.00 34.76 ? 76  GLN A CG  1 
ATOM   583  C CD  . GLN A 1 76  ? 18.298  24.550  9.550   1.00 38.83 ? 76  GLN A CD  1 
ATOM   584  O OE1 . GLN A 1 76  ? 19.404  24.262  10.016  1.00 42.90 ? 76  GLN A OE1 1 
ATOM   585  N NE2 . GLN A 1 76  ? 18.057  25.703  8.937   1.00 40.93 ? 76  GLN A NE2 1 
ATOM   586  N N   . LYS A 1 77  ? 17.001  18.927  9.570   1.00 21.05 ? 77  LYS A N   1 
ATOM   587  C CA  . LYS A 1 77  ? 17.426  17.599  9.150   1.00 19.21 ? 77  LYS A CA  1 
ATOM   588  C C   . LYS A 1 77  ? 16.219  16.926  8.501   1.00 18.24 ? 77  LYS A C   1 
ATOM   589  O O   . LYS A 1 77  ? 16.351  16.217  7.503   1.00 17.19 ? 77  LYS A O   1 
ATOM   590  C CB  . LYS A 1 77  ? 17.937  16.787  10.348  1.00 22.28 ? 77  LYS A CB  1 
ATOM   591  C CG  . LYS A 1 77  ? 19.130  17.449  11.048  1.00 25.09 ? 77  LYS A CG  1 
ATOM   592  C CD  . LYS A 1 77  ? 20.103  16.442  11.660  1.00 27.31 ? 77  LYS A CD  1 
ATOM   593  C CE  . LYS A 1 77  ? 19.557  15.796  12.918  1.00 28.06 ? 77  LYS A CE  1 
ATOM   594  N NZ  . LYS A 1 77  ? 20.585  14.935  13.590  1.00 27.87 ? 77  LYS A NZ  1 
ATOM   595  N N   . VAL A 1 78  ? 15.036  17.173  9.060   1.00 16.79 ? 78  VAL A N   1 
ATOM   596  C CA  . VAL A 1 78  ? 13.807  16.608  8.517   1.00 16.34 ? 78  VAL A CA  1 
ATOM   597  C C   . VAL A 1 78  ? 13.567  17.154  7.109   1.00 15.32 ? 78  VAL A C   1 
ATOM   598  O O   . VAL A 1 78  ? 13.274  16.402  6.178   1.00 16.17 ? 78  VAL A O   1 
ATOM   599  C CB  . VAL A 1 78  ? 12.580  16.965  9.387   1.00 16.37 ? 78  VAL A CB  1 
ATOM   600  C CG1 . VAL A 1 78  ? 11.316  16.395  8.745   1.00 15.45 ? 78  VAL A CG1 1 
ATOM   601  C CG2 . VAL A 1 78  ? 12.756  16.426  10.803  1.00 17.36 ? 78  VAL A CG2 1 
ATOM   602  N N   . GLU A 1 79  ? 13.691  18.471  6.969   1.00 14.05 ? 79  GLU A N   1 
ATOM   603  C CA  . GLU A 1 79  ? 13.497  19.134  5.689   1.00 15.89 ? 79  GLU A CA  1 
ATOM   604  C C   . GLU A 1 79  ? 14.462  18.563  4.655   1.00 15.81 ? 79  GLU A C   1 
ATOM   605  O O   . GLU A 1 79  ? 14.070  18.257  3.524   1.00 16.04 ? 79  GLU A O   1 
ATOM   606  C CB  . GLU A 1 79  ? 13.720  20.644  5.849   1.00 18.44 ? 79  GLU A CB  1 
ATOM   607  C CG  . GLU A 1 79  ? 13.535  21.444  4.569   1.00 21.99 ? 79  GLU A CG  1 
ATOM   608  C CD  . GLU A 1 79  ? 13.635  22.953  4.786   1.00 24.58 ? 79  GLU A CD  1 
ATOM   609  O OE1 . GLU A 1 79  ? 13.744  23.684  3.780   1.00 26.30 ? 79  GLU A OE1 1 
ATOM   610  O OE2 . GLU A 1 79  ? 13.599  23.410  5.949   1.00 21.51 ? 79  GLU A OE2 1 
ATOM   611  N N   . LYS A 1 80  ? 15.724  18.412  5.046   1.00 14.21 ? 80  LYS A N   1 
ATOM   612  C CA  . LYS A 1 80  ? 16.731  17.870  4.141   1.00 16.22 ? 80  LYS A CA  1 
ATOM   613  C C   . LYS A 1 80  ? 16.402  16.431  3.777   1.00 17.06 ? 80  LYS A C   1 
ATOM   614  O O   . LYS A 1 80  ? 16.592  16.014  2.634   1.00 16.74 ? 80  LYS A O   1 
ATOM   615  C CB  . LYS A 1 80  ? 18.122  17.932  4.773   1.00 15.86 ? 80  LYS A CB  1 
ATOM   616  C CG  . LYS A 1 80  ? 19.214  17.425  3.849   1.00 19.50 ? 80  LYS A CG  1 
ATOM   617  C CD  . LYS A 1 80  ? 20.612  17.600  4.442   1.00 21.83 ? 80  LYS A CD  1 
ATOM   618  C CE  . LYS A 1 80  ? 21.671  17.171  3.431   1.00 23.84 ? 80  LYS A CE  1 
ATOM   619  N NZ  . LYS A 1 80  ? 23.059  17.358  3.916   1.00 24.76 ? 80  LYS A NZ  1 
ATOM   620  N N   . ALA A 1 81  ? 15.907  15.671  4.750   1.00 15.98 ? 81  ALA A N   1 
ATOM   621  C CA  . ALA A 1 81  ? 15.547  14.282  4.506   1.00 16.92 ? 81  ALA A CA  1 
ATOM   622  C C   . ALA A 1 81  ? 14.505  14.232  3.403   1.00 17.46 ? 81  ALA A C   1 
ATOM   623  O O   . ALA A 1 81  ? 14.600  13.427  2.486   1.00 18.02 ? 81  ALA A O   1 
ATOM   624  C CB  . ALA A 1 81  ? 14.997  13.649  5.773   1.00 17.95 ? 81  ALA A CB  1 
ATOM   625  N N   . ILE A 1 82  ? 13.510  15.106  3.493   1.00 18.90 ? 82  ILE A N   1 
ATOM   626  C CA  . ILE A 1 82  ? 12.460  15.157  2.484   1.00 22.31 ? 82  ILE A CA  1 
ATOM   627  C C   . ILE A 1 82  ? 13.015  15.511  1.101   1.00 23.14 ? 82  ILE A C   1 
ATOM   628  O O   . ILE A 1 82  ? 12.613  14.932  0.097   1.00 22.50 ? 82  ILE A O   1 
ATOM   629  C CB  . ILE A 1 82  ? 11.375  16.175  2.879   1.00 21.45 ? 82  ILE A CB  1 
ATOM   630  C CG1 . ILE A 1 82  ? 10.718  15.722  4.185   1.00 23.22 ? 82  ILE A CG1 1 
ATOM   631  C CG2 . ILE A 1 82  ? 10.330  16.288  1.776   1.00 22.55 ? 82  ILE A CG2 1 
ATOM   632  C CD1 . ILE A 1 82  ? 9.683   16.667  4.707   1.00 22.88 ? 82  ILE A CD1 1 
ATOM   633  N N   . MET A 1 83  ? 13.944  16.461  1.049   1.00 26.53 ? 83  MET A N   1 
ATOM   634  C CA  . MET A 1 83  ? 14.532  16.857  -0.225  1.00 28.90 ? 83  MET A CA  1 
ATOM   635  C C   . MET A 1 83  ? 15.345  15.705  -0.806  1.00 28.59 ? 83  MET A C   1 
ATOM   636  O O   . MET A 1 83  ? 15.460  15.562  -2.023  1.00 31.00 ? 83  MET A O   1 
ATOM   637  C CB  . MET A 1 83  ? 15.429  18.083  -0.041  1.00 31.62 ? 83  MET A CB  1 
ATOM   638  C CG  . MET A 1 83  ? 14.716  19.299  0.540   1.00 36.85 ? 83  MET A CG  1 
ATOM   639  S SD  . MET A 1 83  ? 15.798  20.751  0.648   1.00 46.11 ? 83  MET A SD  1 
ATOM   640  C CE  . MET A 1 83  ? 16.483  20.568  2.303   1.00 42.05 ? 83  MET A CE  1 
ATOM   641  N N   . MET A 1 84  ? 15.892  14.874  0.074   1.00 27.32 ? 84  MET A N   1 
ATOM   642  C CA  . MET A 1 84  ? 16.706  13.736  -0.336  1.00 27.42 ? 84  MET A CA  1 
ATOM   643  C C   . MET A 1 84  ? 15.880  12.546  -0.820  1.00 26.82 ? 84  MET A C   1 
ATOM   644  O O   . MET A 1 84  ? 16.367  11.712  -1.588  1.00 26.98 ? 84  MET A O   1 
ATOM   645  C CB  . MET A 1 84  ? 17.588  13.296  0.830   1.00 28.73 ? 84  MET A CB  1 
ATOM   646  C CG  . MET A 1 84  ? 18.456  14.403  1.376   1.00 30.73 ? 84  MET A CG  1 
ATOM   647  S SD  . MET A 1 84  ? 19.750  14.886  0.237   1.00 33.02 ? 84  MET A SD  1 
ATOM   648  C CE  . MET A 1 84  ? 21.136  14.360  1.181   1.00 29.69 ? 84  MET A CE  1 
ATOM   649  N N   . SER A 1 85  ? 14.635  12.462  -0.366  1.00 26.28 ? 85  SER A N   1 
ATOM   650  C CA  . SER A 1 85  ? 13.758  11.361  -0.749  1.00 27.32 ? 85  SER A CA  1 
ATOM   651  C C   . SER A 1 85  ? 13.486  11.374  -2.247  1.00 27.07 ? 85  SER A C   1 
ATOM   652  O O   . SER A 1 85  ? 12.909  10.432  -2.793  1.00 28.06 ? 85  SER A O   1 
ATOM   653  C CB  . SER A 1 85  ? 12.437  11.445  0.016   1.00 25.92 ? 85  SER A CB  1 
ATOM   654  O OG  . SER A 1 85  ? 11.734  12.626  -0.315  1.00 26.24 ? 85  SER A OG  1 
ATOM   655  N N   . ASP A 1 86  ? 13.900  12.456  -2.900  1.00 28.11 ? 86  ASP A N   1 
ATOM   656  C CA  . ASP A 1 86  ? 13.729  12.617  -4.341  1.00 28.35 ? 86  ASP A CA  1 
ATOM   657  C C   . ASP A 1 86  ? 12.287  12.377  -4.782  1.00 27.83 ? 86  ASP A C   1 
ATOM   658  O O   . ASP A 1 86  ? 12.029  11.571  -5.677  1.00 26.23 ? 86  ASP A O   1 
ATOM   659  C CB  . ASP A 1 86  ? 14.667  11.661  -5.093  1.00 28.47 ? 86  ASP A CB  1 
ATOM   660  C CG  . ASP A 1 86  ? 14.757  11.970  -6.585  1.00 30.36 ? 86  ASP A CG  1 
ATOM   661  O OD1 . ASP A 1 86  ? 15.195  11.086  -7.347  1.00 28.03 ? 86  ASP A OD1 1 
ATOM   662  O OD2 . ASP A 1 86  ? 14.400  13.094  -6.994  1.00 32.27 ? 86  ASP A OD2 1 
ATOM   663  N N   . LEU A 1 87  ? 11.352  13.071  -4.139  1.00 27.12 ? 87  LEU A N   1 
ATOM   664  C CA  . LEU A 1 87  ? 9.939   12.947  -4.480  1.00 26.35 ? 87  LEU A CA  1 
ATOM   665  C C   . LEU A 1 87  ? 9.488   14.151  -5.302  1.00 26.09 ? 87  LEU A C   1 
ATOM   666  O O   . LEU A 1 87  ? 8.307   14.274  -5.618  1.00 25.38 ? 87  LEU A O   1 
ATOM   667  C CB  . LEU A 1 87  ? 9.067   12.873  -3.218  1.00 28.15 ? 87  LEU A CB  1 
ATOM   668  C CG  . LEU A 1 87  ? 8.579   11.543  -2.621  1.00 30.39 ? 87  LEU A CG  1 
ATOM   669  C CD1 . LEU A 1 87  ? 8.586   10.452  -3.686  1.00 30.22 ? 87  LEU A CD1 1 
ATOM   670  C CD2 . LEU A 1 87  ? 9.447   11.158  -1.436  1.00 28.21 ? 87  LEU A CD2 1 
ATOM   671  N N   . GLY A 1 88  ? 10.425  15.037  -5.641  1.00 25.39 ? 88  GLY A N   1 
ATOM   672  C CA  . GLY A 1 88  ? 10.085  16.227  -6.406  1.00 20.97 ? 88  GLY A CA  1 
ATOM   673  C C   . GLY A 1 88  ? 9.330   17.217  -5.534  1.00 21.21 ? 88  GLY A C   1 
ATOM   674  O O   . GLY A 1 88  ? 8.519   18.012  -6.016  1.00 19.38 ? 88  GLY A O   1 
ATOM   675  N N   . LEU A 1 89  ? 9.607   17.169  -4.235  1.00 19.94 ? 89  LEU A N   1 
ATOM   676  C CA  . LEU A 1 89  ? 8.956   18.044  -3.264  1.00 19.14 ? 89  LEU A CA  1 
ATOM   677  C C   . LEU A 1 89  ? 9.833   19.229  -2.878  1.00 19.42 ? 89  LEU A C   1 
ATOM   678  O O   . LEU A 1 89  ? 11.059  19.121  -2.852  1.00 19.05 ? 89  LEU A O   1 
ATOM   679  C CB  . LEU A 1 89  ? 8.605   17.241  -2.007  1.00 18.13 ? 89  LEU A CB  1 
ATOM   680  C CG  . LEU A 1 89  ? 7.746   15.999  -2.241  1.00 16.86 ? 89  LEU A CG  1 
ATOM   681  C CD1 . LEU A 1 89  ? 7.540   15.258  -0.937  1.00 19.79 ? 89  LEU A CD1 1 
ATOM   682  C CD2 . LEU A 1 89  ? 6.413   16.421  -2.828  1.00 18.78 ? 89  LEU A CD2 1 
ATOM   683  N N   . ASN A 1 90  ? 9.195   20.354  -2.571  1.00 16.83 ? 90  ASN A N   1 
ATOM   684  C CA  . ASN A 1 90  ? 9.912   21.557  -2.177  1.00 17.25 ? 90  ASN A CA  1 
ATOM   685  C C   . ASN A 1 90  ? 9.461   22.000  -0.781  1.00 17.20 ? 90  ASN A C   1 
ATOM   686  O O   . ASN A 1 90  ? 8.693   22.949  -0.640  1.00 15.93 ? 90  ASN A O   1 
ATOM   687  C CB  . ASN A 1 90  ? 9.643   22.674  -3.185  1.00 19.18 ? 90  ASN A CB  1 
ATOM   688  C CG  . ASN A 1 90  ? 10.574  23.855  -3.002  1.00 23.60 ? 90  ASN A CG  1 
ATOM   689  O OD1 . ASN A 1 90  ? 10.130  25.004  -2.921  1.00 23.43 ? 90  ASN A OD1 1 
ATOM   690  N ND2 . ASN A 1 90  ? 11.874  23.580  -2.943  1.00 23.49 ? 90  ASN A ND2 1 
ATOM   691  N N   . PRO A 1 91  ? 9.928   21.307  0.271   1.00 16.93 ? 91  PRO A N   1 
ATOM   692  C CA  . PRO A 1 91  ? 9.551   21.652  1.646   1.00 16.65 ? 91  PRO A CA  1 
ATOM   693  C C   . PRO A 1 91  ? 10.058  23.030  2.063   1.00 17.09 ? 91  PRO A C   1 
ATOM   694  O O   . PRO A 1 91  ? 11.185  23.406  1.739   1.00 17.86 ? 91  PRO A O   1 
ATOM   695  C CB  . PRO A 1 91  ? 10.170  20.522  2.469   1.00 16.56 ? 91  PRO A CB  1 
ATOM   696  C CG  . PRO A 1 91  ? 11.399  20.176  1.681   1.00 17.79 ? 91  PRO A CG  1 
ATOM   697  C CD  . PRO A 1 91  ? 10.890  20.190  0.251   1.00 17.27 ? 91  PRO A CD  1 
ATOM   698  N N   . MET A 1 92  ? 9.208   23.775  2.765   1.00 15.70 ? 92  MET A N   1 
ATOM   699  C CA  . MET A 1 92  ? 9.536   25.114  3.243   1.00 16.50 ? 92  MET A CA  1 
ATOM   700  C C   . MET A 1 92  ? 9.216   25.151  4.726   1.00 16.88 ? 92  MET A C   1 
ATOM   701  O O   . MET A 1 92  ? 8.109   24.801  5.132   1.00 17.88 ? 92  MET A O   1 
ATOM   702  C CB  . MET A 1 92  ? 8.694   26.160  2.504   1.00 15.88 ? 92  MET A CB  1 
ATOM   703  C CG  . MET A 1 92  ? 8.953   26.217  1.011   1.00 16.40 ? 92  MET A CG  1 
ATOM   704  S SD  . MET A 1 92  ? 7.651   27.082  0.131   1.00 21.86 ? 92  MET A SD  1 
ATOM   705  C CE  . MET A 1 92  ? 6.483   25.707  -0.174  1.00 21.10 ? 92  MET A CE  1 
ATOM   706  N N   . SER A 1 93  ? 10.178  25.580  5.538   1.00 16.67 ? 93  SER A N   1 
ATOM   707  C CA  . SER A 1 93  ? 9.964   25.604  6.980   1.00 15.61 ? 93  SER A CA  1 
ATOM   708  C C   . SER A 1 93  ? 9.974   26.975  7.626   1.00 15.65 ? 93  SER A C   1 
ATOM   709  O O   . SER A 1 93  ? 10.410  27.969  7.039   1.00 16.48 ? 93  SER A O   1 
ATOM   710  C CB  . SER A 1 93  ? 11.009  24.734  7.680   1.00 13.84 ? 93  SER A CB  1 
ATOM   711  O OG  . SER A 1 93  ? 12.287  25.348  7.643   1.00 15.21 ? 93  SER A OG  1 
ATOM   712  N N   . ALA A 1 94  ? 9.485   26.995  8.858   1.00 15.91 ? 94  ALA A N   1 
ATOM   713  C CA  . ALA A 1 94  ? 9.410   28.186  9.693   1.00 16.53 ? 94  ALA A CA  1 
ATOM   714  C C   . ALA A 1 94  ? 9.201   27.614  11.081  1.00 16.91 ? 94  ALA A C   1 
ATOM   715  O O   . ALA A 1 94  ? 8.210   26.922  11.335  1.00 18.39 ? 94  ALA A O   1 
ATOM   716  C CB  . ALA A 1 94  ? 8.227   29.051  9.292   1.00 14.66 ? 94  ALA A CB  1 
ATOM   717  N N   . GLY A 1 95  ? 10.136  27.879  11.978  1.00 16.04 ? 95  GLY A N   1 
ATOM   718  C CA  . GLY A 1 95  ? 10.000  27.342  13.310  1.00 19.13 ? 95  GLY A CA  1 
ATOM   719  C C   . GLY A 1 95  ? 10.070  25.835  13.205  1.00 20.33 ? 95  GLY A C   1 
ATOM   720  O O   . GLY A 1 95  ? 11.006  25.298  12.620  1.00 22.34 ? 95  GLY A O   1 
ATOM   721  N N   . THR A 1 96  ? 9.071   25.146  13.747  1.00 21.01 ? 96  THR A N   1 
ATOM   722  C CA  . THR A 1 96  ? 9.049   23.689  13.710  1.00 19.84 ? 96  THR A CA  1 
ATOM   723  C C   . THR A 1 96  ? 8.091   23.134  12.662  1.00 18.21 ? 96  THR A C   1 
ATOM   724  O O   . THR A 1 96  ? 7.880   21.924  12.589  1.00 17.79 ? 96  THR A O   1 
ATOM   725  C CB  . THR A 1 96  ? 8.646   23.114  15.070  1.00 19.23 ? 96  THR A CB  1 
ATOM   726  O OG1 . THR A 1 96  ? 7.363   23.628  15.445  1.00 22.86 ? 96  THR A OG1 1 
ATOM   727  C CG2 . THR A 1 96  ? 9.660   23.505  16.121  1.00 23.23 ? 96  THR A CG2 1 
ATOM   728  N N   . ILE A 1 97  ? 7.514   24.010  11.848  1.00 15.80 ? 97  ILE A N   1 
ATOM   729  C CA  . ILE A 1 97  ? 6.572   23.559  10.830  1.00 14.12 ? 97  ILE A CA  1 
ATOM   730  C C   . ILE A 1 97  ? 7.158   23.558  9.421   1.00 13.94 ? 97  ILE A C   1 
ATOM   731  O O   . ILE A 1 97  ? 7.710   24.554  8.959   1.00 16.29 ? 97  ILE A O   1 
ATOM   732  C CB  . ILE A 1 97  ? 5.297   24.419  10.847  1.00 13.01 ? 97  ILE A CB  1 
ATOM   733  C CG1 . ILE A 1 97  ? 4.666   24.376  12.245  1.00 10.50 ? 97  ILE A CG1 1 
ATOM   734  C CG2 . ILE A 1 97  ? 4.308   23.913  9.791   1.00 12.23 ? 97  ILE A CG2 1 
ATOM   735  C CD1 . ILE A 1 97  ? 3.420   25.216  12.393  1.00 6.69  ? 97  ILE A CD1 1 
ATOM   736  N N   . ILE A 1 98  ? 7.034   22.421  8.748   1.00 14.61 ? 98  ILE A N   1 
ATOM   737  C CA  . ILE A 1 98  ? 7.528   22.266  7.387   1.00 13.50 ? 98  ILE A CA  1 
ATOM   738  C C   . ILE A 1 98  ? 6.331   22.079  6.461   1.00 15.16 ? 98  ILE A C   1 
ATOM   739  O O   . ILE A 1 98  ? 5.631   21.072  6.549   1.00 15.44 ? 98  ILE A O   1 
ATOM   740  C CB  . ILE A 1 98  ? 8.420   21.015  7.245   1.00 13.51 ? 98  ILE A CB  1 
ATOM   741  C CG1 . ILE A 1 98  ? 9.555   21.049  8.271   1.00 11.73 ? 98  ILE A CG1 1 
ATOM   742  C CG2 . ILE A 1 98  ? 8.972   20.937  5.827   1.00 12.06 ? 98  ILE A CG2 1 
ATOM   743  C CD1 . ILE A 1 98  ? 10.393  19.779  8.295   1.00 12.44 ? 98  ILE A CD1 1 
ATOM   744  N N   . ARG A 1 99  ? 6.081   23.053  5.593   1.00 15.04 ? 99  ARG A N   1 
ATOM   745  C CA  . ARG A 1 99  ? 4.970   22.959  4.653   1.00 16.57 ? 99  ARG A CA  1 
ATOM   746  C C   . ARG A 1 99  ? 5.456   22.301  3.371   1.00 15.55 ? 99  ARG A C   1 
ATOM   747  O O   . ARG A 1 99  ? 6.482   22.680  2.816   1.00 15.64 ? 99  ARG A O   1 
ATOM   748  C CB  . ARG A 1 99  ? 4.407   24.336  4.323   1.00 18.25 ? 99  ARG A CB  1 
ATOM   749  C CG  . ARG A 1 99  ? 3.563   24.973  5.416   1.00 23.15 ? 99  ARG A CG  1 
ATOM   750  C CD  . ARG A 1 99  ? 2.241   25.447  4.819   1.00 26.43 ? 99  ARG A CD  1 
ATOM   751  N NE  . ARG A 1 99  ? 2.429   25.932  3.453   1.00 26.83 ? 99  ARG A NE  1 
ATOM   752  C CZ  . ARG A 1 99  ? 1.442   26.184  2.600   1.00 27.28 ? 99  ARG A CZ  1 
ATOM   753  N NH1 . ARG A 1 99  ? 0.183   26.004  2.968   1.00 29.68 ? 99  ARG A NH1 1 
ATOM   754  N NH2 . ARG A 1 99  ? 1.718   26.602  1.371   1.00 27.77 ? 99  ARG A NH2 1 
ATOM   755  N N   . VAL A 1 100 ? 4.713   21.312  2.896   1.00 16.19 ? 100 VAL A N   1 
ATOM   756  C CA  . VAL A 1 100 ? 5.104   20.608  1.689   1.00 15.86 ? 100 VAL A CA  1 
ATOM   757  C C   . VAL A 1 100 ? 3.938   20.503  0.726   1.00 16.60 ? 100 VAL A C   1 
ATOM   758  O O   . VAL A 1 100 ? 3.078   19.634  0.857   1.00 17.00 ? 100 VAL A O   1 
ATOM   759  C CB  . VAL A 1 100 ? 5.629   19.196  2.022   1.00 15.48 ? 100 VAL A CB  1 
ATOM   760  C CG1 . VAL A 1 100 ? 5.984   18.459  0.750   1.00 13.47 ? 100 VAL A CG1 1 
ATOM   761  C CG2 . VAL A 1 100 ? 6.839   19.300  2.944   1.00 11.20 ? 100 VAL A CG2 1 
ATOM   762  N N   . PRO A 1 101 ? 3.893   21.402  -0.264  1.00 17.92 ? 101 PRO A N   1 
ATOM   763  C CA  . PRO A 1 101 ? 2.803   21.371  -1.237  1.00 17.05 ? 101 PRO A CA  1 
ATOM   764  C C   . PRO A 1 101 ? 2.958   20.166  -2.150  1.00 17.31 ? 101 PRO A C   1 
ATOM   765  O O   . PRO A 1 101 ? 4.077   19.737  -2.436  1.00 17.11 ? 101 PRO A O   1 
ATOM   766  C CB  . PRO A 1 101 ? 2.976   22.690  -1.994  1.00 17.86 ? 101 PRO A CB  1 
ATOM   767  C CG  . PRO A 1 101 ? 3.728   23.571  -1.014  1.00 17.78 ? 101 PRO A CG  1 
ATOM   768  C CD  . PRO A 1 101 ? 4.719   22.612  -0.429  1.00 16.25 ? 101 PRO A CD  1 
ATOM   769  N N   . LEU A 1 102 ? 1.833   19.606  -2.581  1.00 15.97 ? 102 LEU A N   1 
ATOM   770  C CA  . LEU A 1 102 ? 1.860   18.474  -3.493  1.00 15.20 ? 102 LEU A CA  1 
ATOM   771  C C   . LEU A 1 102 ? 1.658   19.061  -4.887  1.00 15.84 ? 102 LEU A C   1 
ATOM   772  O O   . LEU A 1 102 ? 0.554   19.472  -5.244  1.00 16.17 ? 102 LEU A O   1 
ATOM   773  C CB  . LEU A 1 102 ? 0.747   17.477  -3.152  1.00 14.99 ? 102 LEU A CB  1 
ATOM   774  C CG  . LEU A 1 102 ? 1.056   16.407  -2.091  1.00 15.49 ? 102 LEU A CG  1 
ATOM   775  C CD1 . LEU A 1 102 ? 2.148   15.482  -2.605  1.00 10.87 ? 102 LEU A CD1 1 
ATOM   776  C CD2 . LEU A 1 102 ? 1.490   17.054  -0.783  1.00 14.30 ? 102 LEU A CD2 1 
ATOM   777  N N   . PRO A 1 103 ? 2.736   19.138  -5.684  1.00 16.50 ? 103 PRO A N   1 
ATOM   778  C CA  . PRO A 1 103 ? 2.629   19.695  -7.035  1.00 16.92 ? 103 PRO A CA  1 
ATOM   779  C C   . PRO A 1 103 ? 1.862   18.794  -7.995  1.00 17.57 ? 103 PRO A C   1 
ATOM   780  O O   . PRO A 1 103 ? 1.892   17.573  -7.865  1.00 18.09 ? 103 PRO A O   1 
ATOM   781  C CB  . PRO A 1 103 ? 4.089   19.878  -7.444  1.00 15.51 ? 103 PRO A CB  1 
ATOM   782  C CG  . PRO A 1 103 ? 4.763   18.731  -6.758  1.00 15.97 ? 103 PRO A CG  1 
ATOM   783  C CD  . PRO A 1 103 ? 4.125   18.738  -5.388  1.00 13.61 ? 103 PRO A CD  1 
ATOM   784  N N   . PRO A 1 104 ? 1.153   19.395  -8.968  1.00 18.89 ? 104 PRO A N   1 
ATOM   785  C CA  . PRO A 1 104 ? 0.379   18.634  -9.952  1.00 18.35 ? 104 PRO A CA  1 
ATOM   786  C C   . PRO A 1 104 ? 1.330   17.784  -10.787 1.00 17.43 ? 104 PRO A C   1 
ATOM   787  O O   . PRO A 1 104 ? 2.504   18.121  -10.939 1.00 16.33 ? 104 PRO A O   1 
ATOM   788  C CB  . PRO A 1 104 ? -0.293  19.720  -10.786 1.00 18.83 ? 104 PRO A CB  1 
ATOM   789  C CG  . PRO A 1 104 ? -0.388  20.876  -9.832  1.00 19.67 ? 104 PRO A CG  1 
ATOM   790  C CD  . PRO A 1 104 ? 0.953   20.841  -9.156  1.00 17.43 ? 104 PRO A CD  1 
ATOM   791  N N   . LEU A 1 105 ? 0.823   16.681  -11.320 1.00 17.93 ? 105 LEU A N   1 
ATOM   792  C CA  . LEU A 1 105 ? 1.642   15.791  -12.131 1.00 17.78 ? 105 LEU A CA  1 
ATOM   793  C C   . LEU A 1 105 ? 1.720   16.273  -13.574 1.00 18.83 ? 105 LEU A C   1 
ATOM   794  O O   . LEU A 1 105 ? 0.744   16.805  -14.109 1.00 17.99 ? 105 LEU A O   1 
ATOM   795  C CB  . LEU A 1 105 ? 1.047   14.383  -12.122 1.00 18.07 ? 105 LEU A CB  1 
ATOM   796  C CG  . LEU A 1 105 ? 0.921   13.642  -10.791 1.00 18.11 ? 105 LEU A CG  1 
ATOM   797  C CD1 . LEU A 1 105 ? 0.208   12.313  -11.026 1.00 17.78 ? 105 LEU A CD1 1 
ATOM   798  C CD2 . LEU A 1 105 ? 2.310   13.411  -10.196 1.00 18.97 ? 105 LEU A CD2 1 
ATOM   799  N N   . THR A 1 106 ? 2.882   16.097  -14.198 1.00 20.00 ? 106 THR A N   1 
ATOM   800  C CA  . THR A 1 106 ? 3.043   16.470  -15.597 1.00 20.00 ? 106 THR A CA  1 
ATOM   801  C C   . THR A 1 106 ? 2.423   15.307  -16.354 1.00 21.57 ? 106 THR A C   1 
ATOM   802  O O   . THR A 1 106 ? 2.258   14.224  -15.789 1.00 20.60 ? 106 THR A O   1 
ATOM   803  C CB  . THR A 1 106 ? 4.522   16.576  -16.009 1.00 18.86 ? 106 THR A CB  1 
ATOM   804  O OG1 . THR A 1 106 ? 5.145   15.289  -15.891 1.00 20.48 ? 106 THR A OG1 1 
ATOM   805  C CG2 . THR A 1 106 ? 5.250   17.578  -15.130 1.00 18.02 ? 106 THR A CG2 1 
ATOM   806  N N   . GLU A 1 107 ? 2.081   15.519  -17.619 1.00 22.51 ? 107 GLU A N   1 
ATOM   807  C CA  . GLU A 1 107 ? 1.481   14.457  -18.414 1.00 24.24 ? 107 GLU A CA  1 
ATOM   808  C C   . GLU A 1 107 ? 2.353   13.210  -18.502 1.00 23.92 ? 107 GLU A C   1 
ATOM   809  O O   . GLU A 1 107 ? 1.892   12.098  -18.224 1.00 21.97 ? 107 GLU A O   1 
ATOM   810  C CB  . GLU A 1 107 ? 1.166   14.953  -19.829 1.00 26.37 ? 107 GLU A CB  1 
ATOM   811  C CG  . GLU A 1 107 ? -0.298  15.275  -20.027 1.00 32.15 ? 107 GLU A CG  1 
ATOM   812  C CD  . GLU A 1 107 ? -1.193  14.101  -19.660 1.00 35.92 ? 107 GLU A CD  1 
ATOM   813  O OE1 . GLU A 1 107 ? -1.220  13.105  -20.418 1.00 36.48 ? 107 GLU A OE1 1 
ATOM   814  O OE2 . GLU A 1 107 ? -1.860  14.171  -18.604 1.00 36.41 ? 107 GLU A OE2 1 
ATOM   815  N N   . GLU A 1 108 ? 3.612   13.389  -18.887 1.00 23.96 ? 108 GLU A N   1 
ATOM   816  C CA  . GLU A 1 108 ? 4.510   12.256  -19.021 1.00 25.22 ? 108 GLU A CA  1 
ATOM   817  C C   . GLU A 1 108 ? 4.612   11.467  -17.730 1.00 24.24 ? 108 GLU A C   1 
ATOM   818  O O   . GLU A 1 108 ? 4.613   10.239  -17.750 1.00 24.70 ? 108 GLU A O   1 
ATOM   819  C CB  . GLU A 1 108 ? 5.905   12.711  -19.465 1.00 27.50 ? 108 GLU A CB  1 
ATOM   820  C CG  . GLU A 1 108 ? 6.562   13.774  -18.597 1.00 32.64 ? 108 GLU A CG  1 
ATOM   821  C CD  . GLU A 1 108 ? 6.292   15.194  -19.083 1.00 36.51 ? 108 GLU A CD  1 
ATOM   822  O OE1 . GLU A 1 108 ? 6.911   16.135  -18.529 1.00 38.02 ? 108 GLU A OE1 1 
ATOM   823  O OE2 . GLU A 1 108 ? 5.467   15.374  -20.012 1.00 35.91 ? 108 GLU A OE2 1 
ATOM   824  N N   . ARG A 1 109 ? 4.678   12.174  -16.608 1.00 22.73 ? 109 ARG A N   1 
ATOM   825  C CA  . ARG A 1 109 ? 4.792   11.532  -15.306 1.00 22.08 ? 109 ARG A CA  1 
ATOM   826  C C   . ARG A 1 109 ? 3.514   10.798  -14.898 1.00 21.10 ? 109 ARG A C   1 
ATOM   827  O O   . ARG A 1 109 ? 3.566   9.766   -14.230 1.00 21.91 ? 109 ARG A O   1 
ATOM   828  C CB  . ARG A 1 109 ? 5.150   12.575  -14.249 1.00 22.76 ? 109 ARG A CB  1 
ATOM   829  C CG  . ARG A 1 109 ? 5.455   11.995  -12.882 1.00 26.19 ? 109 ARG A CG  1 
ATOM   830  C CD  . ARG A 1 109 ? 6.624   11.016  -12.950 1.00 27.79 ? 109 ARG A CD  1 
ATOM   831  N NE  . ARG A 1 109 ? 6.921   10.435  -11.645 1.00 25.79 ? 109 ARG A NE  1 
ATOM   832  C CZ  . ARG A 1 109 ? 7.714   9.389   -11.455 1.00 25.92 ? 109 ARG A CZ  1 
ATOM   833  N NH1 . ARG A 1 109 ? 8.295   8.801   -12.492 1.00 25.47 ? 109 ARG A NH1 1 
ATOM   834  N NH2 . ARG A 1 109 ? 7.921   8.927   -10.229 1.00 25.66 ? 109 ARG A NH2 1 
ATOM   835  N N   . ARG A 1 110 ? 2.369   11.333  -15.303 1.00 18.68 ? 110 ARG A N   1 
ATOM   836  C CA  . ARG A 1 110 ? 1.088   10.726  -14.973 1.00 19.97 ? 110 ARG A CA  1 
ATOM   837  C C   . ARG A 1 110 ? 0.953   9.380   -15.669 1.00 20.42 ? 110 ARG A C   1 
ATOM   838  O O   . ARG A 1 110 ? 0.509   8.397   -15.072 1.00 15.55 ? 110 ARG A O   1 
ATOM   839  C CB  . ARG A 1 110 ? -0.063  11.622  -15.426 1.00 21.55 ? 110 ARG A CB  1 
ATOM   840  C CG  . ARG A 1 110 ? -1.430  11.170  -14.936 1.00 27.08 ? 110 ARG A CG  1 
ATOM   841  C CD  . ARG A 1 110 ? -2.537  11.689  -15.841 1.00 29.22 ? 110 ARG A CD  1 
ATOM   842  N NE  . ARG A 1 110 ? -2.344  13.091  -16.198 1.00 30.94 ? 110 ARG A NE  1 
ATOM   843  C CZ  . ARG A 1 110 ? -2.432  14.105  -15.345 1.00 29.69 ? 110 ARG A CZ  1 
ATOM   844  N NH1 . ARG A 1 110 ? -2.715  13.889  -14.069 1.00 29.04 ? 110 ARG A NH1 1 
ATOM   845  N NH2 . ARG A 1 110 ? -2.233  15.339  -15.773 1.00 30.36 ? 110 ARG A NH2 1 
ATOM   846  N N   . LYS A 1 111 ? 1.332   9.339   -16.942 1.00 20.93 ? 111 LYS A N   1 
ATOM   847  C CA  . LYS A 1 111 ? 1.213   8.106   -17.696 1.00 21.59 ? 111 LYS A CA  1 
ATOM   848  C C   . LYS A 1 111 ? 2.170   7.047   -17.163 1.00 19.71 ? 111 LYS A C   1 
ATOM   849  O O   . LYS A 1 111 ? 1.872   5.860   -17.221 1.00 19.99 ? 111 LYS A O   1 
ATOM   850  C CB  . LYS A 1 111 ? 1.460   8.358   -19.187 1.00 22.89 ? 111 LYS A CB  1 
ATOM   851  C CG  . LYS A 1 111 ? 2.880   8.103   -19.649 1.00 28.37 ? 111 LYS A CG  1 
ATOM   852  C CD  . LYS A 1 111 ? 2.899   7.786   -21.137 1.00 31.71 ? 111 LYS A CD  1 
ATOM   853  C CE  . LYS A 1 111 ? 4.267   7.308   -21.583 1.00 33.88 ? 111 LYS A CE  1 
ATOM   854  N NZ  . LYS A 1 111 ? 4.211   6.761   -22.967 1.00 34.97 ? 111 LYS A NZ  1 
ATOM   855  N N   . ASP A 1 112 ? 3.310   7.476   -16.635 1.00 18.29 ? 112 ASP A N   1 
ATOM   856  C CA  . ASP A 1 112 ? 4.284   6.538   -16.087 1.00 19.54 ? 112 ASP A CA  1 
ATOM   857  C C   . ASP A 1 112 ? 3.827   5.914   -14.774 1.00 18.91 ? 112 ASP A C   1 
ATOM   858  O O   . ASP A 1 112 ? 4.027   4.720   -14.547 1.00 18.38 ? 112 ASP A O   1 
ATOM   859  C CB  . ASP A 1 112 ? 5.626   7.227   -15.852 1.00 22.05 ? 112 ASP A CB  1 
ATOM   860  C CG  . ASP A 1 112 ? 6.426   7.390   -17.122 1.00 24.03 ? 112 ASP A CG  1 
ATOM   861  O OD1 . ASP A 1 112 ? 7.586   7.835   -17.023 1.00 26.61 ? 112 ASP A OD1 1 
ATOM   862  O OD2 . ASP A 1 112 ? 5.900   7.072   -18.213 1.00 25.58 ? 112 ASP A OD2 1 
ATOM   863  N N   . LEU A 1 113 ? 3.225   6.727   -13.910 1.00 16.59 ? 113 LEU A N   1 
ATOM   864  C CA  . LEU A 1 113 ? 2.757   6.254   -12.615 1.00 17.03 ? 113 LEU A CA  1 
ATOM   865  C C   . LEU A 1 113 ? 1.508   5.401   -12.769 1.00 16.58 ? 113 LEU A C   1 
ATOM   866  O O   . LEU A 1 113 ? 1.248   4.515   -11.953 1.00 15.34 ? 113 LEU A O   1 
ATOM   867  C CB  . LEU A 1 113 ? 2.482   7.437   -11.679 1.00 15.23 ? 113 LEU A CB  1 
ATOM   868  C CG  . LEU A 1 113 ? 3.720   8.274   -11.327 1.00 18.83 ? 113 LEU A CG  1 
ATOM   869  C CD1 . LEU A 1 113 ? 3.342   9.377   -10.339 1.00 19.76 ? 113 LEU A CD1 1 
ATOM   870  C CD2 . LEU A 1 113 ? 4.790   7.382   -10.720 1.00 16.75 ? 113 LEU A CD2 1 
ATOM   871  N N   . VAL A 1 114 ? 0.731   5.671   -13.813 1.00 15.69 ? 114 VAL A N   1 
ATOM   872  C CA  . VAL A 1 114 ? -0.468  4.884   -14.053 1.00 17.68 ? 114 VAL A CA  1 
ATOM   873  C C   . VAL A 1 114 ? 0.010   3.480   -14.398 1.00 19.76 ? 114 VAL A C   1 
ATOM   874  O O   . VAL A 1 114 ? -0.510  2.489   -13.879 1.00 19.86 ? 114 VAL A O   1 
ATOM   875  C CB  . VAL A 1 114 ? -1.303  5.445   -15.226 1.00 16.34 ? 114 VAL A CB  1 
ATOM   876  C CG1 . VAL A 1 114 ? -2.315  4.399   -15.697 1.00 15.95 ? 114 VAL A CG1 1 
ATOM   877  C CG2 . VAL A 1 114 ? -2.033  6.710   -14.784 1.00 15.23 ? 114 VAL A CG2 1 
ATOM   878  N N   . LYS A 1 115 ? 1.012   3.408   -15.271 1.00 19.28 ? 115 LYS A N   1 
ATOM   879  C CA  . LYS A 1 115 ? 1.571   2.129   -15.676 1.00 21.10 ? 115 LYS A CA  1 
ATOM   880  C C   . LYS A 1 115 ? 2.034   1.371   -14.439 1.00 19.97 ? 115 LYS A C   1 
ATOM   881  O O   . LYS A 1 115 ? 1.757   0.181   -14.288 1.00 19.85 ? 115 LYS A O   1 
ATOM   882  C CB  . LYS A 1 115 ? 2.761   2.329   -16.616 1.00 22.50 ? 115 LYS A CB  1 
ATOM   883  C CG  . LYS A 1 115 ? 2.404   2.780   -18.016 1.00 25.72 ? 115 LYS A CG  1 
ATOM   884  C CD  . LYS A 1 115 ? 3.631   2.694   -18.914 1.00 30.27 ? 115 LYS A CD  1 
ATOM   885  C CE  . LYS A 1 115 ? 3.306   3.004   -20.365 1.00 30.88 ? 115 LYS A CE  1 
ATOM   886  N NZ  . LYS A 1 115 ? 4.520   2.843   -21.216 1.00 33.53 ? 115 LYS A NZ  1 
ATOM   887  N N   . ILE A 1 116 ? 2.730   2.075   -13.554 1.00 18.75 ? 116 ILE A N   1 
ATOM   888  C CA  . ILE A 1 116 ? 3.241   1.471   -12.332 1.00 18.41 ? 116 ILE A CA  1 
ATOM   889  C C   . ILE A 1 116 ? 2.146   0.946   -11.413 1.00 16.68 ? 116 ILE A C   1 
ATOM   890  O O   . ILE A 1 116 ? 2.246   -0.171  -10.917 1.00 16.39 ? 116 ILE A O   1 
ATOM   891  C CB  . ILE A 1 116 ? 4.098   2.470   -11.513 1.00 19.42 ? 116 ILE A CB  1 
ATOM   892  C CG1 . ILE A 1 116 ? 5.300   2.944   -12.335 1.00 21.31 ? 116 ILE A CG1 1 
ATOM   893  C CG2 . ILE A 1 116 ? 4.561   1.813   -10.217 1.00 18.57 ? 116 ILE A CG2 1 
ATOM   894  C CD1 . ILE A 1 116 ? 6.247   1.850   -12.726 1.00 23.29 ? 116 ILE A CD1 1 
ATOM   895  N N   . VAL A 1 117 ? 1.107   1.741   -11.168 1.00 14.91 ? 117 VAL A N   1 
ATOM   896  C CA  . VAL A 1 117 ? 0.059   1.279   -10.265 1.00 14.94 ? 117 VAL A CA  1 
ATOM   897  C C   . VAL A 1 117 ? -0.762  0.145   -10.864 1.00 14.96 ? 117 VAL A C   1 
ATOM   898  O O   . VAL A 1 117 ? -1.186  -0.761  -10.147 1.00 12.42 ? 117 VAL A O   1 
ATOM   899  C CB  . VAL A 1 117 ? -0.885  2.426   -9.829  1.00 13.99 ? 117 VAL A CB  1 
ATOM   900  C CG1 . VAL A 1 117 ? -0.062  3.582   -9.279  1.00 13.74 ? 117 VAL A CG1 1 
ATOM   901  C CG2 . VAL A 1 117 ? -1.772  2.863   -10.983 1.00 14.68 ? 117 VAL A CG2 1 
ATOM   902  N N   . ARG A 1 118 ? -0.975  0.184   -12.176 1.00 13.97 ? 118 ARG A N   1 
ATOM   903  C CA  . ARG A 1 118 ? -1.733  -0.876  -12.824 1.00 16.48 ? 118 ARG A CA  1 
ATOM   904  C C   . ARG A 1 118 ? -0.904  -2.155  -12.791 1.00 17.62 ? 118 ARG A C   1 
ATOM   905  O O   . ARG A 1 118 ? -1.449  -3.255  -12.713 1.00 16.92 ? 118 ARG A O   1 
ATOM   906  C CB  . ARG A 1 118 ? -2.082  -0.476  -14.257 1.00 18.28 ? 118 ARG A CB  1 
ATOM   907  C CG  . ARG A 1 118 ? -2.938  0.779   -14.308 1.00 20.20 ? 118 ARG A CG  1 
ATOM   908  C CD  . ARG A 1 118 ? -3.318  1.183   -15.720 1.00 24.65 ? 118 ARG A CD  1 
ATOM   909  N NE  . ARG A 1 118 ? -4.362  0.335   -16.275 1.00 31.09 ? 118 ARG A NE  1 
ATOM   910  C CZ  . ARG A 1 118 ? -5.282  0.756   -17.139 1.00 35.76 ? 118 ARG A CZ  1 
ATOM   911  N NH1 . ARG A 1 118 ? -5.284  2.021   -17.548 1.00 36.33 ? 118 ARG A NH1 1 
ATOM   912  N NH2 . ARG A 1 118 ? -6.207  -0.085  -17.587 1.00 37.11 ? 118 ARG A NH2 1 
ATOM   913  N N   . GLY A 1 119 ? 0.418   -1.996  -12.824 1.00 17.72 ? 119 GLY A N   1 
ATOM   914  C CA  . GLY A 1 119 ? 1.312   -3.139  -12.779 1.00 18.63 ? 119 GLY A CA  1 
ATOM   915  C C   . GLY A 1 119 ? 1.326   -3.742  -11.386 1.00 19.28 ? 119 GLY A C   1 
ATOM   916  O O   . GLY A 1 119 ? 1.369   -4.961  -11.224 1.00 17.89 ? 119 GLY A O   1 
ATOM   917  N N   . GLU A 1 120 ? 1.292   -2.881  -10.374 1.00 20.15 ? 120 GLU A N   1 
ATOM   918  C CA  . GLU A 1 120 ? 1.280   -3.335  -8.985  1.00 21.74 ? 120 GLU A CA  1 
ATOM   919  C C   . GLU A 1 120 ? -0.023  -4.077  -8.696  1.00 20.64 ? 120 GLU A C   1 
ATOM   920  O O   . GLU A 1 120 ? -0.038  -5.084  -7.993  1.00 22.65 ? 120 GLU A O   1 
ATOM   921  C CB  . GLU A 1 120 ? 1.385   -2.141  -8.043  1.00 25.18 ? 120 GLU A CB  1 
ATOM   922  C CG  . GLU A 1 120 ? 2.518   -2.223  -7.046  1.00 32.38 ? 120 GLU A CG  1 
ATOM   923  C CD  . GLU A 1 120 ? 3.867   -2.133  -7.716  1.00 33.87 ? 120 GLU A CD  1 
ATOM   924  O OE1 . GLU A 1 120 ? 4.036   -1.244  -8.576  1.00 35.06 ? 120 GLU A OE1 1 
ATOM   925  O OE2 . GLU A 1 120 ? 4.757   -2.946  -7.384  1.00 37.31 ? 120 GLU A OE2 1 
ATOM   926  N N   . ALA A 1 121 ? -1.124  -3.558  -9.228  1.00 18.48 ? 121 ALA A N   1 
ATOM   927  C CA  . ALA A 1 121 ? -2.425  -4.183  -9.025  1.00 16.72 ? 121 ALA A CA  1 
ATOM   928  C C   . ALA A 1 121 ? -2.398  -5.601  -9.591  1.00 14.98 ? 121 ALA A C   1 
ATOM   929  O O   . ALA A 1 121 ? -2.800  -6.551  -8.927  1.00 12.10 ? 121 ALA A O   1 
ATOM   930  C CB  . ALA A 1 121 ? -3.513  -3.362  -9.713  1.00 17.10 ? 121 ALA A CB  1 
ATOM   931  N N   . GLU A 1 122 ? -1.909  -5.735  -10.818 1.00 15.05 ? 122 GLU A N   1 
ATOM   932  C CA  . GLU A 1 122 ? -1.827  -7.037  -11.466 1.00 16.43 ? 122 GLU A CA  1 
ATOM   933  C C   . GLU A 1 122 ? -1.015  -8.005  -10.606 1.00 16.27 ? 122 GLU A C   1 
ATOM   934  O O   . GLU A 1 122 ? -1.326  -9.200  -10.535 1.00 16.56 ? 122 GLU A O   1 
ATOM   935  C CB  . GLU A 1 122 ? -1.205  -6.890  -12.858 1.00 17.50 ? 122 GLU A CB  1 
ATOM   936  C CG  . GLU A 1 122 ? -1.200  -8.163  -13.691 1.00 19.82 ? 122 GLU A CG  1 
ATOM   937  C CD  . GLU A 1 122 ? -2.532  -8.896  -13.669 1.00 20.55 ? 122 GLU A CD  1 
ATOM   938  O OE1 . GLU A 1 122 ? -3.592  -8.238  -13.631 1.00 22.49 ? 122 GLU A OE1 1 
ATOM   939  O OE2 . GLU A 1 122 ? -2.517  -10.140 -13.705 1.00 23.30 ? 122 GLU A OE2 1 
ATOM   940  N N   . GLY A 1 123 ? 0.014   -7.484  -9.948  1.00 15.47 ? 123 GLY A N   1 
ATOM   941  C CA  . GLY A 1 123 ? 0.835   -8.316  -9.083  1.00 14.95 ? 123 GLY A CA  1 
ATOM   942  C C   . GLY A 1 123 ? 0.002   -8.817  -7.915  1.00 16.16 ? 123 GLY A C   1 
ATOM   943  O O   . GLY A 1 123 ? 0.103   -9.975  -7.506  1.00 13.75 ? 123 GLY A O   1 
ATOM   944  N N   . GLY A 1 124 ? -0.833  -7.938  -7.372  1.00 13.04 ? 124 GLY A N   1 
ATOM   945  C CA  . GLY A 1 124 ? -1.678  -8.348  -6.269  1.00 13.36 ? 124 GLY A CA  1 
ATOM   946  C C   . GLY A 1 124 ? -2.625  -9.446  -6.719  1.00 13.43 ? 124 GLY A C   1 
ATOM   947  O O   . GLY A 1 124 ? -2.856  -10.413 -5.996  1.00 14.17 ? 124 GLY A O   1 
ATOM   948  N N   . ARG A 1 125 ? -3.166  -9.307  -7.924  1.00 12.15 ? 125 ARG A N   1 
ATOM   949  C CA  . ARG A 1 125 ? -4.099  -10.295 -8.448  1.00 11.92 ? 125 ARG A CA  1 
ATOM   950  C C   . ARG A 1 125 ? -3.447  -11.653 -8.684  1.00 12.77 ? 125 ARG A C   1 
ATOM   951  O O   . ARG A 1 125 ? -4.054  -12.688 -8.416  1.00 12.58 ? 125 ARG A O   1 
ATOM   952  C CB  . ARG A 1 125 ? -4.748  -9.786  -9.736  1.00 12.06 ? 125 ARG A CB  1 
ATOM   953  C CG  . ARG A 1 125 ? -5.824  -8.721  -9.514  1.00 13.89 ? 125 ARG A CG  1 
ATOM   954  C CD  . ARG A 1 125 ? -6.665  -8.510  -10.780 1.00 17.72 ? 125 ARG A CD  1 
ATOM   955  N NE  . ARG A 1 125 ? -5.930  -7.762  -11.787 1.00 22.82 ? 125 ARG A NE  1 
ATOM   956  C CZ  . ARG A 1 125 ? -5.954  -6.438  -11.910 1.00 22.37 ? 125 ARG A CZ  1 
ATOM   957  N NH1 . ARG A 1 125 ? -6.694  -5.696  -11.097 1.00 21.49 ? 125 ARG A NH1 1 
ATOM   958  N NH2 . ARG A 1 125 ? -5.209  -5.853  -12.836 1.00 23.85 ? 125 ARG A NH2 1 
ATOM   959  N N   . VAL A 1 126 ? -2.214  -11.663 -9.174  1.00 13.77 ? 126 VAL A N   1 
ATOM   960  C CA  . VAL A 1 126 ? -1.543  -12.935 -9.401  1.00 15.47 ? 126 VAL A CA  1 
ATOM   961  C C   . VAL A 1 126 ? -1.212  -13.557 -8.057  1.00 14.69 ? 126 VAL A C   1 
ATOM   962  O O   . VAL A 1 126 ? -1.229  -14.777 -7.911  1.00 14.25 ? 126 VAL A O   1 
ATOM   963  C CB  . VAL A 1 126 ? -0.253  -12.778 -10.227 1.00 16.39 ? 126 VAL A CB  1 
ATOM   964  C CG1 . VAL A 1 126 ? -0.565  -12.074 -11.528 1.00 17.83 ? 126 VAL A CG1 1 
ATOM   965  C CG2 . VAL A 1 126 ? 0.794   -12.023 -9.434  1.00 22.66 ? 126 VAL A CG2 1 
ATOM   966  N N   . ALA A 1 127 ? -0.919  -12.718 -7.068  1.00 13.60 ? 127 ALA A N   1 
ATOM   967  C CA  . ALA A 1 127 ? -0.614  -13.224 -5.734  1.00 13.94 ? 127 ALA A CA  1 
ATOM   968  C C   . ALA A 1 127 ? -1.835  -13.956 -5.192  1.00 14.22 ? 127 ALA A C   1 
ATOM   969  O O   . ALA A 1 127 ? -1.738  -15.102 -4.757  1.00 16.13 ? 127 ALA A O   1 
ATOM   970  C CB  . ALA A 1 127 ? -0.236  -12.075 -4.797  1.00 14.34 ? 127 ALA A CB  1 
ATOM   971  N N   . VAL A 1 128 ? -2.990  -13.296 -5.229  1.00 13.31 ? 128 VAL A N   1 
ATOM   972  C CA  . VAL A 1 128 ? -4.218  -13.900 -4.731  1.00 12.36 ? 128 VAL A CA  1 
ATOM   973  C C   . VAL A 1 128 ? -4.598  -15.149 -5.525  1.00 12.11 ? 128 VAL A C   1 
ATOM   974  O O   . VAL A 1 128 ? -5.124  -16.110 -4.966  1.00 11.03 ? 128 VAL A O   1 
ATOM   975  C CB  . VAL A 1 128 ? -5.398  -12.898 -4.757  1.00 13.21 ? 128 VAL A CB  1 
ATOM   976  C CG1 . VAL A 1 128 ? -5.090  -11.694 -3.858  1.00 14.18 ? 128 VAL A CG1 1 
ATOM   977  C CG2 . VAL A 1 128 ? -5.656  -12.442 -6.160  1.00 17.68 ? 128 VAL A CG2 1 
ATOM   978  N N   . ARG A 1 129 ? -4.333  -15.139 -6.826  1.00 11.50 ? 129 ARG A N   1 
ATOM   979  C CA  . ARG A 1 129 ? -4.659  -16.296 -7.640  1.00 13.21 ? 129 ARG A CA  1 
ATOM   980  C C   . ARG A 1 129 ? -3.710  -17.448 -7.348  1.00 12.37 ? 129 ARG A C   1 
ATOM   981  O O   . ARG A 1 129 ? -4.077  -18.613 -7.505  1.00 11.94 ? 129 ARG A O   1 
ATOM   982  C CB  . ARG A 1 129 ? -4.648  -15.935 -9.129  1.00 14.48 ? 129 ARG A CB  1 
ATOM   983  C CG  . ARG A 1 129 ? -5.898  -15.176 -9.543  1.00 16.35 ? 129 ARG A CG  1 
ATOM   984  C CD  . ARG A 1 129 ? -6.026  -15.078 -11.042 1.00 21.84 ? 129 ARG A CD  1 
ATOM   985  N NE  . ARG A 1 129 ? -5.547  -13.806 -11.566 1.00 26.55 ? 129 ARG A NE  1 
ATOM   986  C CZ  . ARG A 1 129 ? -6.335  -12.802 -11.938 1.00 26.94 ? 129 ARG A CZ  1 
ATOM   987  N NH1 . ARG A 1 129 ? -7.654  -12.911 -11.845 1.00 27.65 ? 129 ARG A NH1 1 
ATOM   988  N NH2 . ARG A 1 129 ? -5.800  -11.689 -12.417 1.00 27.77 ? 129 ARG A NH2 1 
ATOM   989  N N   . ASN A 1 130 ? -2.492  -17.128 -6.916  1.00 11.32 ? 130 ASN A N   1 
ATOM   990  C CA  . ASN A 1 130 ? -1.532  -18.169 -6.572  1.00 14.24 ? 130 ASN A CA  1 
ATOM   991  C C   . ASN A 1 130 ? -1.991  -18.817 -5.265  1.00 13.49 ? 130 ASN A C   1 
ATOM   992  O O   . ASN A 1 130 ? -1.797  -20.012 -5.056  1.00 12.22 ? 130 ASN A O   1 
ATOM   993  C CB  . ASN A 1 130 ? -0.125  -17.595 -6.369  1.00 16.37 ? 130 ASN A CB  1 
ATOM   994  C CG  . ASN A 1 130 ? 0.589   -17.311 -7.673  1.00 21.24 ? 130 ASN A CG  1 
ATOM   995  O OD1 . ASN A 1 130 ? 0.491   -18.085 -8.629  1.00 23.44 ? 130 ASN A OD1 1 
ATOM   996  N ND2 . ASN A 1 130 ? 1.332   -16.206 -7.715  1.00 21.44 ? 130 ASN A ND2 1 
ATOM   997  N N   . ILE A 1 131 ? -2.590  -18.011 -4.388  1.00 11.69 ? 131 ILE A N   1 
ATOM   998  C CA  . ILE A 1 131 ? -3.079  -18.497 -3.107  1.00 12.80 ? 131 ILE A CA  1 
ATOM   999  C C   . ILE A 1 131 ? -4.290  -19.405 -3.327  1.00 13.28 ? 131 ILE A C   1 
ATOM   1000 O O   . ILE A 1 131 ? -4.442  -20.416 -2.648  1.00 14.00 ? 131 ILE A O   1 
ATOM   1001 C CB  . ILE A 1 131 ? -3.469  -17.321 -2.174  1.00 14.93 ? 131 ILE A CB  1 
ATOM   1002 C CG1 . ILE A 1 131 ? -2.238  -16.457 -1.882  1.00 14.03 ? 131 ILE A CG1 1 
ATOM   1003 C CG2 . ILE A 1 131 ? -4.028  -17.851 -0.861  1.00 13.48 ? 131 ILE A CG2 1 
ATOM   1004 C CD1 . ILE A 1 131 ? -2.554  -15.179 -1.119  1.00 14.75 ? 131 ILE A CD1 1 
ATOM   1005 N N   . ARG A 1 132 ? -5.152  -19.050 -4.275  1.00 13.21 ? 132 ARG A N   1 
ATOM   1006 C CA  . ARG A 1 132 ? -6.315  -19.884 -4.572  1.00 14.54 ? 132 ARG A CA  1 
ATOM   1007 C C   . ARG A 1 132 ? -5.821  -21.223 -5.106  1.00 14.12 ? 132 ARG A C   1 
ATOM   1008 O O   . ARG A 1 132 ? -6.324  -22.279 -4.730  1.00 13.39 ? 132 ARG A O   1 
ATOM   1009 C CB  . ARG A 1 132 ? -7.204  -19.249 -5.644  1.00 15.41 ? 132 ARG A CB  1 
ATOM   1010 C CG  . ARG A 1 132 ? -8.397  -20.127 -6.034  1.00 17.28 ? 132 ARG A CG  1 
ATOM   1011 C CD  . ARG A 1 132 ? -9.101  -19.636 -7.296  1.00 18.50 ? 132 ARG A CD  1 
ATOM   1012 N NE  . ARG A 1 132 ? -8.434  -20.132 -8.492  1.00 23.79 ? 132 ARG A NE  1 
ATOM   1013 C CZ  . ARG A 1 132 ? -8.920  -21.071 -9.299  1.00 21.64 ? 132 ARG A CZ  1 
ATOM   1014 N NH1 . ARG A 1 132 ? -10.096 -21.629 -9.060  1.00 24.78 ? 132 ARG A NH1 1 
ATOM   1015 N NH2 . ARG A 1 132 ? -8.206  -21.470 -10.339 1.00 23.79 ? 132 ARG A NH2 1 
ATOM   1016 N N   . ARG A 1 133 ? -4.835  -21.158 -5.996  1.00 13.00 ? 133 ARG A N   1 
ATOM   1017 C CA  . ARG A 1 133 ? -4.262  -22.348 -6.606  1.00 12.77 ? 133 ARG A CA  1 
ATOM   1018 C C   . ARG A 1 133 ? -3.602  -23.227 -5.543  1.00 13.53 ? 133 ARG A C   1 
ATOM   1019 O O   . ARG A 1 133 ? -3.730  -24.453 -5.567  1.00 11.44 ? 133 ARG A O   1 
ATOM   1020 C CB  . ARG A 1 133 ? -3.245  -21.935 -7.677  1.00 13.31 ? 133 ARG A CB  1 
ATOM   1021 C CG  . ARG A 1 133 ? -2.529  -23.088 -8.362  1.00 20.20 ? 133 ARG A CG  1 
ATOM   1022 C CD  . ARG A 1 133 ? -1.673  -22.610 -9.529  1.00 21.94 ? 133 ARG A CD  1 
ATOM   1023 N NE  . ARG A 1 133 ? -2.499  -22.176 -10.654 1.00 29.34 ? 133 ARG A NE  1 
ATOM   1024 C CZ  . ARG A 1 133 ? -2.731  -20.909 -10.988 1.00 31.55 ? 133 ARG A CZ  1 
ATOM   1025 N NH1 . ARG A 1 133 ? -3.507  -20.634 -12.031 1.00 32.60 ? 133 ARG A NH1 1 
ATOM   1026 N NH2 . ARG A 1 133 ? -2.176  -19.917 -10.298 1.00 33.95 ? 133 ARG A NH2 1 
ATOM   1027 N N   . ASP A 1 134 ? -2.908  -22.589 -4.606  1.00 12.22 ? 134 ASP A N   1 
ATOM   1028 C CA  . ASP A 1 134 ? -2.226  -23.297 -3.530  1.00 13.30 ? 134 ASP A CA  1 
ATOM   1029 C C   . ASP A 1 134 ? -3.226  -23.950 -2.570  1.00 11.87 ? 134 ASP A C   1 
ATOM   1030 O O   . ASP A 1 134 ? -3.013  -25.076 -2.114  1.00 11.33 ? 134 ASP A O   1 
ATOM   1031 C CB  . ASP A 1 134 ? -1.312  -22.322 -2.776  1.00 15.48 ? 134 ASP A CB  1 
ATOM   1032 C CG  . ASP A 1 134 ? -0.387  -23.017 -1.798  1.00 19.33 ? 134 ASP A CG  1 
ATOM   1033 O OD1 . ASP A 1 134 ? 0.085   -24.135 -2.096  1.00 20.84 ? 134 ASP A OD1 1 
ATOM   1034 O OD2 . ASP A 1 134 ? -0.108  -22.428 -0.730  1.00 25.74 ? 134 ASP A OD2 1 
ATOM   1035 N N   . ALA A 1 135 ? -4.319  -23.250 -2.277  1.00 9.72  ? 135 ALA A N   1 
ATOM   1036 C CA  . ALA A 1 135 ? -5.349  -23.777 -1.381  1.00 8.14  ? 135 ALA A CA  1 
ATOM   1037 C C   . ALA A 1 135 ? -6.122  -24.930 -2.024  1.00 10.27 ? 135 ALA A C   1 
ATOM   1038 O O   . ALA A 1 135 ? -6.398  -25.942 -1.373  1.00 7.83  ? 135 ALA A O   1 
ATOM   1039 C CB  . ALA A 1 135 ? -6.312  -22.675 -0.989  1.00 5.60  ? 135 ALA A CB  1 
ATOM   1040 N N   . ASN A 1 136 ? -6.474  -24.773 -3.299  1.00 9.72  ? 136 ASN A N   1 
ATOM   1041 C CA  . ASN A 1 136 ? -7.213  -25.805 -4.017  1.00 10.62 ? 136 ASN A CA  1 
ATOM   1042 C C   . ASN A 1 136 ? -6.398  -27.081 -4.176  1.00 10.57 ? 136 ASN A C   1 
ATOM   1043 O O   . ASN A 1 136 ? -6.955  -28.179 -4.224  1.00 11.23 ? 136 ASN A O   1 
ATOM   1044 C CB  . ASN A 1 136 ? -7.647  -25.287 -5.391  1.00 11.74 ? 136 ASN A CB  1 
ATOM   1045 C CG  . ASN A 1 136 ? -8.875  -24.409 -5.317  1.00 12.43 ? 136 ASN A CG  1 
ATOM   1046 O OD1 . ASN A 1 136 ? -9.184  -23.666 -6.252  1.00 13.98 ? 136 ASN A OD1 1 
ATOM   1047 N ND2 . ASN A 1 136 ? -9.589  -24.495 -4.205  1.00 10.43 ? 136 ASN A ND2 1 
ATOM   1048 N N   . ASN A 1 137 ? -5.078  -26.942 -4.250  1.00 10.24 ? 137 ASN A N   1 
ATOM   1049 C CA  . ASN A 1 137 ? -4.219  -28.109 -4.391  1.00 11.61 ? 137 ASN A CA  1 
ATOM   1050 C C   . ASN A 1 137 ? -4.157  -28.837 -3.052  1.00 14.21 ? 137 ASN A C   1 
ATOM   1051 O O   . ASN A 1 137 ? -4.052  -30.060 -3.004  1.00 14.78 ? 137 ASN A O   1 
ATOM   1052 C CB  . ASN A 1 137 ? -2.813  -27.695 -4.815  1.00 11.27 ? 137 ASN A CB  1 
ATOM   1053 C CG  . ASN A 1 137 ? -1.917  -28.886 -5.098  1.00 12.20 ? 137 ASN A CG  1 
ATOM   1054 O OD1 . ASN A 1 137 ? -0.774  -28.934 -4.657  1.00 15.57 ? 137 ASN A OD1 1 
ATOM   1055 N ND2 . ASN A 1 137 ? -2.431  -29.845 -5.847  1.00 11.62 ? 137 ASN A ND2 1 
ATOM   1056 N N   . ASP A 1 138 ? -4.216  -28.074 -1.962  1.00 15.41 ? 138 ASP A N   1 
ATOM   1057 C CA  . ASP A 1 138 ? -4.195  -28.662 -0.626  1.00 16.08 ? 138 ASP A CA  1 
ATOM   1058 C C   . ASP A 1 138 ? -5.470  -29.466 -0.408  1.00 14.39 ? 138 ASP A C   1 
ATOM   1059 O O   . ASP A 1 138 ? -5.446  -30.532 0.213   1.00 13.37 ? 138 ASP A O   1 
ATOM   1060 C CB  . ASP A 1 138 ? -4.079  -27.570 0.438   1.00 18.01 ? 138 ASP A CB  1 
ATOM   1061 C CG  . ASP A 1 138 ? -2.685  -26.984 0.515   1.00 19.95 ? 138 ASP A CG  1 
ATOM   1062 O OD1 . ASP A 1 138 ? -2.518  -25.926 1.161   1.00 20.86 ? 138 ASP A OD1 1 
ATOM   1063 O OD2 . ASP A 1 138 ? -1.757  -27.590 -0.065  1.00 19.03 ? 138 ASP A OD2 1 
ATOM   1064 N N   . LEU A 1 139 ? -6.583  -28.960 -0.927  1.00 13.88 ? 139 LEU A N   1 
ATOM   1065 C CA  . LEU A 1 139 ? -7.854  -29.666 -0.785  1.00 15.06 ? 139 LEU A CA  1 
ATOM   1066 C C   . LEU A 1 139 ? -7.804  -30.964 -1.583  1.00 15.98 ? 139 LEU A C   1 
ATOM   1067 O O   . LEU A 1 139 ? -8.316  -31.999 -1.146  1.00 15.27 ? 139 LEU A O   1 
ATOM   1068 C CB  . LEU A 1 139 ? -9.015  -28.802 -1.292  1.00 13.46 ? 139 LEU A CB  1 
ATOM   1069 C CG  . LEU A 1 139 ? -9.432  -27.588 -0.449  1.00 16.79 ? 139 LEU A CG  1 
ATOM   1070 C CD1 . LEU A 1 139 ? -10.482 -26.773 -1.209  1.00 15.40 ? 139 LEU A CD1 1 
ATOM   1071 C CD2 . LEU A 1 139 ? -9.973  -28.051 0.907   1.00 12.01 ? 139 LEU A CD2 1 
ATOM   1072 N N   . LYS A 1 140 ? -7.180  -30.894 -2.757  1.00 17.21 ? 140 LYS A N   1 
ATOM   1073 C CA  . LYS A 1 140 ? -7.056  -32.046 -3.642  1.00 17.79 ? 140 LYS A CA  1 
ATOM   1074 C C   . LYS A 1 140 ? -6.276  -33.157 -2.944  1.00 18.14 ? 140 LYS A C   1 
ATOM   1075 O O   . LYS A 1 140 ? -6.635  -34.331 -3.035  1.00 16.95 ? 140 LYS A O   1 
ATOM   1076 C CB  . LYS A 1 140 ? -6.347  -31.629 -4.933  1.00 18.54 ? 140 LYS A CB  1 
ATOM   1077 C CG  . LYS A 1 140 ? -6.175  -32.737 -5.958  1.00 20.96 ? 140 LYS A CG  1 
ATOM   1078 C CD  . LYS A 1 140 ? -5.263  -32.280 -7.087  1.00 24.41 ? 140 LYS A CD  1 
ATOM   1079 C CE  . LYS A 1 140 ? -5.086  -33.358 -8.142  1.00 26.34 ? 140 LYS A CE  1 
ATOM   1080 N NZ  . LYS A 1 140 ? -4.586  -34.635 -7.551  1.00 31.94 ? 140 LYS A NZ  1 
ATOM   1081 N N   . ALA A 1 141 ? -5.206  -32.779 -2.250  1.00 18.01 ? 141 ALA A N   1 
ATOM   1082 C CA  . ALA A 1 141 ? -4.390  -33.740 -1.526  1.00 17.04 ? 141 ALA A CA  1 
ATOM   1083 C C   . ALA A 1 141 ? -5.264  -34.488 -0.522  1.00 16.95 ? 141 ALA A C   1 
ATOM   1084 O O   . ALA A 1 141 ? -5.159  -35.706 -0.382  1.00 18.53 ? 141 ALA A O   1 
ATOM   1085 C CB  . ALA A 1 141 ? -3.256  -33.025 -0.802  1.00 16.43 ? 141 ALA A CB  1 
ATOM   1086 N N   . LEU A 1 142 ? -6.125  -33.755 0.175   1.00 14.14 ? 142 LEU A N   1 
ATOM   1087 C CA  . LEU A 1 142 ? -7.016  -34.361 1.158   1.00 13.22 ? 142 LEU A CA  1 
ATOM   1088 C C   . LEU A 1 142 ? -7.990  -35.309 0.464   1.00 13.95 ? 142 LEU A C   1 
ATOM   1089 O O   . LEU A 1 142 ? -8.160  -36.457 0.876   1.00 13.31 ? 142 LEU A O   1 
ATOM   1090 C CB  . LEU A 1 142 ? -7.802  -33.282 1.904   1.00 9.96  ? 142 LEU A CB  1 
ATOM   1091 C CG  . LEU A 1 142 ? -7.027  -32.287 2.767   1.00 12.77 ? 142 LEU A CG  1 
ATOM   1092 C CD1 . LEU A 1 142 ? -8.023  -31.345 3.437   1.00 11.96 ? 142 LEU A CD1 1 
ATOM   1093 C CD2 . LEU A 1 142 ? -6.190  -33.018 3.815   1.00 12.07 ? 142 LEU A CD2 1 
ATOM   1094 N N   . LEU A 1 143 ? -8.629  -34.811 -0.590  1.00 13.80 ? 143 LEU A N   1 
ATOM   1095 C CA  . LEU A 1 143 ? -9.587  -35.592 -1.358  1.00 14.94 ? 143 LEU A CA  1 
ATOM   1096 C C   . LEU A 1 143 ? -8.966  -36.918 -1.765  1.00 18.22 ? 143 LEU A C   1 
ATOM   1097 O O   . LEU A 1 143 ? -9.505  -37.987 -1.484  1.00 18.05 ? 143 LEU A O   1 
ATOM   1098 C CB  . LEU A 1 143 ? -9.996  -34.820 -2.611  1.00 15.70 ? 143 LEU A CB  1 
ATOM   1099 C CG  . LEU A 1 143 ? -10.872 -35.541 -3.637  1.00 14.47 ? 143 LEU A CG  1 
ATOM   1100 C CD1 . LEU A 1 143 ? -12.193 -35.949 -3.000  1.00 14.29 ? 143 LEU A CD1 1 
ATOM   1101 C CD2 . LEU A 1 143 ? -11.111 -34.616 -4.824  1.00 13.80 ? 143 LEU A CD2 1 
ATOM   1102 N N   . LYS A 1 144 ? -7.814  -36.831 -2.417  1.00 20.53 ? 144 LYS A N   1 
ATOM   1103 C CA  . LYS A 1 144 ? -7.102  -38.003 -2.889  1.00 23.38 ? 144 LYS A CA  1 
ATOM   1104 C C   . LYS A 1 144 ? -6.641  -38.940 -1.774  1.00 24.18 ? 144 LYS A C   1 
ATOM   1105 O O   . LYS A 1 144 ? -6.500  -40.142 -1.997  1.00 23.80 ? 144 LYS A O   1 
ATOM   1106 C CB  . LYS A 1 144 ? -5.926  -37.558 -3.756  1.00 24.15 ? 144 LYS A CB  1 
ATOM   1107 C CG  . LYS A 1 144 ? -6.225  -37.628 -5.243  1.00 28.05 ? 144 LYS A CG  1 
ATOM   1108 C CD  . LYS A 1 144 ? -7.493  -36.888 -5.623  1.00 28.99 ? 144 LYS A CD  1 
ATOM   1109 C CE  . LYS A 1 144 ? -7.962  -37.309 -7.012  1.00 32.11 ? 144 LYS A CE  1 
ATOM   1110 N NZ  . LYS A 1 144 ? -6.868  -37.205 -8.035  1.00 36.43 ? 144 LYS A NZ  1 
ATOM   1111 N N   . ASP A 1 145 ? -6.398  -38.400 -0.583  1.00 24.85 ? 145 ASP A N   1 
ATOM   1112 C CA  . ASP A 1 145 ? -5.998  -39.243 0.542   1.00 26.53 ? 145 ASP A CA  1 
ATOM   1113 C C   . ASP A 1 145 ? -7.271  -39.809 1.160   1.00 25.64 ? 145 ASP A C   1 
ATOM   1114 O O   . ASP A 1 145 ? -7.221  -40.555 2.133   1.00 26.44 ? 145 ASP A O   1 
ATOM   1115 C CB  . ASP A 1 145 ? -5.239  -38.446 1.615   1.00 27.20 ? 145 ASP A CB  1 
ATOM   1116 C CG  . ASP A 1 145 ? -3.821  -38.091 1.203   1.00 29.87 ? 145 ASP A CG  1 
ATOM   1117 O OD1 . ASP A 1 145 ? -3.193  -38.868 0.454   1.00 29.13 ? 145 ASP A OD1 1 
ATOM   1118 O OD2 . ASP A 1 145 ? -3.324  -37.036 1.653   1.00 32.84 ? 145 ASP A OD2 1 
ATOM   1119 N N   . LYS A 1 146 ? -8.411  -39.436 0.586   1.00 26.07 ? 146 LYS A N   1 
ATOM   1120 C CA  . LYS A 1 146 ? -9.709  -39.886 1.067   1.00 26.44 ? 146 LYS A CA  1 
ATOM   1121 C C   . LYS A 1 146 ? -10.018 -39.371 2.471   1.00 25.34 ? 146 LYS A C   1 
ATOM   1122 O O   . LYS A 1 146 ? -10.708 -40.027 3.250   1.00 26.18 ? 146 LYS A O   1 
ATOM   1123 C CB  . LYS A 1 146 ? -9.784  -41.415 1.029   1.00 28.37 ? 146 LYS A CB  1 
ATOM   1124 C CG  . LYS A 1 146 ? -9.944  -41.982 -0.377  1.00 31.51 ? 146 LYS A CG  1 
ATOM   1125 C CD  . LYS A 1 146 ? -11.248 -41.502 -1.002  1.00 33.80 ? 146 LYS A CD  1 
ATOM   1126 C CE  . LYS A 1 146 ? -11.481 -42.090 -2.386  1.00 37.35 ? 146 LYS A CE  1 
ATOM   1127 N NZ  . LYS A 1 146 ? -12.786 -41.632 -2.967  1.00 39.16 ? 146 LYS A NZ  1 
ATOM   1128 N N   . GLU A 1 147 ? -9.503  -38.185 2.782   1.00 24.96 ? 147 GLU A N   1 
ATOM   1129 C CA  . GLU A 1 147 ? -9.724  -37.555 4.078   1.00 21.21 ? 147 GLU A CA  1 
ATOM   1130 C C   . GLU A 1 147 ? -10.984 -36.695 4.058   1.00 19.14 ? 147 GLU A C   1 
ATOM   1131 O O   . GLU A 1 147 ? -11.588 -36.435 5.102   1.00 16.33 ? 147 GLU A O   1 
ATOM   1132 C CB  . GLU A 1 147 ? -8.502  -36.729 4.459   1.00 23.55 ? 147 GLU A CB  1 
ATOM   1133 C CG  . GLU A 1 147 ? -7.389  -37.585 5.043   1.00 29.82 ? 147 GLU A CG  1 
ATOM   1134 C CD  . GLU A 1 147 ? -6.053  -36.882 5.075   1.00 33.18 ? 147 GLU A CD  1 
ATOM   1135 O OE1 . GLU A 1 147 ? -5.204  -37.266 5.899   1.00 37.53 ? 147 GLU A OE1 1 
ATOM   1136 O OE2 . GLU A 1 147 ? -5.841  -35.959 4.266   1.00 39.19 ? 147 GLU A OE2 1 
ATOM   1137 N N   . ILE A 1 148 ? -11.377 -36.253 2.867   1.00 14.73 ? 148 ILE A N   1 
ATOM   1138 C CA  . ILE A 1 148 ? -12.595 -35.463 2.711   1.00 15.07 ? 148 ILE A CA  1 
ATOM   1139 C C   . ILE A 1 148 ? -13.372 -36.034 1.524   1.00 16.69 ? 148 ILE A C   1 
ATOM   1140 O O   . ILE A 1 148 ? -12.796 -36.713 0.672   1.00 17.23 ? 148 ILE A O   1 
ATOM   1141 C CB  . ILE A 1 148 ? -12.299 -33.963 2.443   1.00 14.00 ? 148 ILE A CB  1 
ATOM   1142 C CG1 . ILE A 1 148 ? -11.486 -33.802 1.155   1.00 12.88 ? 148 ILE A CG1 1 
ATOM   1143 C CG2 . ILE A 1 148 ? -11.556 -33.356 3.623   1.00 11.74 ? 148 ILE A CG2 1 
ATOM   1144 C CD1 . ILE A 1 148 ? -11.183 -32.352 0.813   1.00 17.15 ? 148 ILE A CD1 1 
ATOM   1145 N N   . SER A 1 149 ? -14.674 -35.769 1.474   1.00 17.03 ? 149 SER A N   1 
ATOM   1146 C CA  . SER A 1 149 ? -15.511 -36.262 0.388   1.00 19.31 ? 149 SER A CA  1 
ATOM   1147 C C   . SER A 1 149 ? -15.420 -35.320 -0.813  1.00 21.19 ? 149 SER A C   1 
ATOM   1148 O O   . SER A 1 149 ? -14.911 -34.201 -0.703  1.00 21.74 ? 149 SER A O   1 
ATOM   1149 C CB  . SER A 1 149 ? -16.969 -36.375 0.847   1.00 18.10 ? 149 SER A CB  1 
ATOM   1150 O OG  . SER A 1 149 ? -17.530 -35.099 1.099   1.00 19.55 ? 149 SER A OG  1 
ATOM   1151 N N   . GLU A 1 150 ? -15.911 -35.784 -1.959  1.00 21.14 ? 150 GLU A N   1 
ATOM   1152 C CA  . GLU A 1 150 ? -15.889 -34.997 -3.183  1.00 21.83 ? 150 GLU A CA  1 
ATOM   1153 C C   . GLU A 1 150 ? -16.766 -33.756 -3.003  1.00 20.65 ? 150 GLU A C   1 
ATOM   1154 O O   . GLU A 1 150 ? -16.415 -32.668 -3.451  1.00 19.47 ? 150 GLU A O   1 
ATOM   1155 C CB  . GLU A 1 150 ? -16.399 -35.850 -4.350  1.00 26.20 ? 150 GLU A CB  1 
ATOM   1156 C CG  . GLU A 1 150 ? -15.808 -35.496 -5.709  1.00 32.24 ? 150 GLU A CG  1 
ATOM   1157 C CD  . GLU A 1 150 ? -16.234 -36.473 -6.798  1.00 38.01 ? 150 GLU A CD  1 
ATOM   1158 O OE1 . GLU A 1 150 ? -15.666 -36.421 -7.913  1.00 38.62 ? 150 GLU A OE1 1 
ATOM   1159 O OE2 . GLU A 1 150 ? -17.142 -37.294 -6.538  1.00 40.10 ? 150 GLU A OE2 1 
ATOM   1160 N N   . ASP A 1 151 ? -17.900 -33.925 -2.332  1.00 18.24 ? 151 ASP A N   1 
ATOM   1161 C CA  . ASP A 1 151 ? -18.816 -32.818 -2.086  1.00 20.22 ? 151 ASP A CA  1 
ATOM   1162 C C   . ASP A 1 151 ? -18.206 -31.757 -1.164  1.00 20.50 ? 151 ASP A C   1 
ATOM   1163 O O   . ASP A 1 151 ? -18.406 -30.553 -1.363  1.00 19.88 ? 151 ASP A O   1 
ATOM   1164 C CB  . ASP A 1 151 ? -20.124 -33.349 -1.494  1.00 22.83 ? 151 ASP A CB  1 
ATOM   1165 C CG  . ASP A 1 151 ? -19.903 -34.217 -0.265  1.00 28.23 ? 151 ASP A CG  1 
ATOM   1166 O OD1 . ASP A 1 151 ? -19.568 -33.665 0.805   1.00 32.26 ? 151 ASP A OD1 1 
ATOM   1167 O OD2 . ASP A 1 151 ? -20.059 -35.458 -0.367  1.00 30.19 ? 151 ASP A OD2 1 
ATOM   1168 N N   . GLU A 1 152 ? -17.464 -32.202 -0.155  1.00 19.96 ? 152 GLU A N   1 
ATOM   1169 C CA  . GLU A 1 152 ? -16.817 -31.281 0.770   1.00 18.55 ? 152 GLU A CA  1 
ATOM   1170 C C   . GLU A 1 152 ? -15.738 -30.518 0.009   1.00 18.14 ? 152 GLU A C   1 
ATOM   1171 O O   . GLU A 1 152 ? -15.532 -29.323 0.232   1.00 17.45 ? 152 GLU A O   1 
ATOM   1172 C CB  . GLU A 1 152 ? -16.194 -32.049 1.942   1.00 18.03 ? 152 GLU A CB  1 
ATOM   1173 C CG  . GLU A 1 152 ? -17.209 -32.493 2.994   1.00 19.82 ? 152 GLU A CG  1 
ATOM   1174 C CD  . GLU A 1 152 ? -16.634 -33.451 4.030   1.00 21.45 ? 152 GLU A CD  1 
ATOM   1175 O OE1 . GLU A 1 152 ? -17.188 -33.509 5.149   1.00 23.88 ? 152 GLU A OE1 1 
ATOM   1176 O OE2 . GLU A 1 152 ? -15.648 -34.155 3.731   1.00 20.39 ? 152 GLU A OE2 1 
ATOM   1177 N N   . ASP A 1 153 ? -15.063 -31.212 -0.901  1.00 16.45 ? 153 ASP A N   1 
ATOM   1178 C CA  . ASP A 1 153 ? -14.007 -30.589 -1.688  1.00 16.90 ? 153 ASP A CA  1 
ATOM   1179 C C   . ASP A 1 153 ? -14.607 -29.504 -2.557  1.00 17.02 ? 153 ASP A C   1 
ATOM   1180 O O   . ASP A 1 153 ? -14.117 -28.375 -2.587  1.00 16.17 ? 153 ASP A O   1 
ATOM   1181 C CB  . ASP A 1 153 ? -13.305 -31.619 -2.576  1.00 17.84 ? 153 ASP A CB  1 
ATOM   1182 C CG  . ASP A 1 153 ? -12.275 -30.984 -3.499  1.00 19.26 ? 153 ASP A CG  1 
ATOM   1183 O OD1 . ASP A 1 153 ? -11.267 -30.438 -3.000  1.00 15.52 ? 153 ASP A OD1 1 
ATOM   1184 O OD2 . ASP A 1 153 ? -12.481 -31.023 -4.730  1.00 23.75 ? 153 ASP A OD2 1 
ATOM   1185 N N   . ARG A 1 154 ? -15.683 -29.848 -3.256  1.00 18.28 ? 154 ARG A N   1 
ATOM   1186 C CA  . ARG A 1 154 ? -16.353 -28.904 -4.136  1.00 19.09 ? 154 ARG A CA  1 
ATOM   1187 C C   . ARG A 1 154 ? -16.905 -27.689 -3.392  1.00 19.26 ? 154 ARG A C   1 
ATOM   1188 O O   . ARG A 1 154 ? -16.816 -26.566 -3.893  1.00 17.88 ? 154 ARG A O   1 
ATOM   1189 C CB  . ARG A 1 154 ? -17.463 -29.614 -4.913  1.00 20.99 ? 154 ARG A CB  1 
ATOM   1190 C CG  . ARG A 1 154 ? -16.934 -30.640 -5.918  1.00 25.20 ? 154 ARG A CG  1 
ATOM   1191 C CD  . ARG A 1 154 ? -18.058 -31.228 -6.765  1.00 29.88 ? 154 ARG A CD  1 
ATOM   1192 N NE  . ARG A 1 154 ? -17.560 -31.990 -7.909  1.00 30.73 ? 154 ARG A NE  1 
ATOM   1193 C CZ  . ARG A 1 154 ? -18.303 -32.313 -8.965  1.00 32.15 ? 154 ARG A CZ  1 
ATOM   1194 N NH1 . ARG A 1 154 ? -19.574 -31.940 -9.020  1.00 31.84 ? 154 ARG A NH1 1 
ATOM   1195 N NH2 . ARG A 1 154 ? -17.776 -32.993 -9.974  1.00 30.30 ? 154 ARG A NH2 1 
ATOM   1196 N N   . LYS A 1 155 ? -17.478 -27.903 -2.208  1.00 18.86 ? 155 LYS A N   1 
ATOM   1197 C CA  . LYS A 1 155 ? -18.010 -26.783 -1.430  1.00 18.34 ? 155 LYS A CA  1 
ATOM   1198 C C   . LYS A 1 155 ? -16.850 -25.882 -1.019  1.00 16.71 ? 155 LYS A C   1 
ATOM   1199 O O   . LYS A 1 155 ? -16.955 -24.653 -1.048  1.00 15.38 ? 155 LYS A O   1 
ATOM   1200 C CB  . LYS A 1 155 ? -18.729 -27.277 -0.174  1.00 20.60 ? 155 LYS A CB  1 
ATOM   1201 C CG  . LYS A 1 155 ? -20.102 -27.877 -0.419  1.00 26.22 ? 155 LYS A CG  1 
ATOM   1202 C CD  . LYS A 1 155 ? -21.097 -26.823 -0.903  1.00 33.95 ? 155 LYS A CD  1 
ATOM   1203 C CE  . LYS A 1 155 ? -21.345 -25.745 0.155   1.00 36.69 ? 155 LYS A CE  1 
ATOM   1204 N NZ  . LYS A 1 155 ? -22.301 -24.693 -0.309  1.00 40.19 ? 155 LYS A NZ  1 
ATOM   1205 N N   . ALA A 1 156 ? -15.743 -26.514 -0.641  1.00 15.84 ? 156 ALA A N   1 
ATOM   1206 C CA  . ALA A 1 156 ? -14.551 -25.799 -0.220  1.00 15.94 ? 156 ALA A CA  1 
ATOM   1207 C C   . ALA A 1 156 ? -14.015 -24.931 -1.347  1.00 15.98 ? 156 ALA A C   1 
ATOM   1208 O O   . ALA A 1 156 ? -13.668 -23.774 -1.128  1.00 17.36 ? 156 ALA A O   1 
ATOM   1209 C CB  . ALA A 1 156 ? -13.487 -26.784 0.233   1.00 14.12 ? 156 ALA A CB  1 
ATOM   1210 N N   . GLN A 1 157 ? -13.957 -25.490 -2.554  1.00 17.02 ? 157 GLN A N   1 
ATOM   1211 C CA  . GLN A 1 157 ? -13.466 -24.750 -3.717  1.00 18.22 ? 157 GLN A CA  1 
ATOM   1212 C C   . GLN A 1 157 ? -14.342 -23.529 -3.939  1.00 18.35 ? 157 GLN A C   1 
ATOM   1213 O O   . GLN A 1 157 ? -13.854 -22.444 -4.257  1.00 15.40 ? 157 GLN A O   1 
ATOM   1214 C CB  . GLN A 1 157 ? -13.496 -25.637 -4.962  1.00 18.56 ? 157 GLN A CB  1 
ATOM   1215 C CG  . GLN A 1 157 ? -12.716 -26.922 -4.801  1.00 21.05 ? 157 GLN A CG  1 
ATOM   1216 C CD  . GLN A 1 157 ? -12.920 -27.885 -5.954  1.00 25.22 ? 157 GLN A CD  1 
ATOM   1217 O OE1 . GLN A 1 157 ? -13.933 -27.829 -6.660  1.00 27.17 ? 157 GLN A OE1 1 
ATOM   1218 N NE2 . GLN A 1 157 ? -11.963 -28.790 -6.142  1.00 24.24 ? 157 GLN A NE2 1 
ATOM   1219 N N   . GLU A 1 158 ? -15.645 -23.721 -3.774  1.00 18.99 ? 158 GLU A N   1 
ATOM   1220 C CA  . GLU A 1 158 ? -16.607 -22.646 -3.936  1.00 21.18 ? 158 GLU A CA  1 
ATOM   1221 C C   . GLU A 1 158 ? -16.223 -21.515 -2.990  1.00 22.20 ? 158 GLU A C   1 
ATOM   1222 O O   . GLU A 1 158 ? -16.146 -20.350 -3.393  1.00 21.21 ? 158 GLU A O   1 
ATOM   1223 C CB  . GLU A 1 158 ? -18.009 -23.151 -3.599  1.00 26.07 ? 158 GLU A CB  1 
ATOM   1224 C CG  . GLU A 1 158 ? -19.037 -22.057 -3.416  1.00 31.91 ? 158 GLU A CG  1 
ATOM   1225 C CD  . GLU A 1 158 ? -19.706 -21.669 -4.708  1.00 36.59 ? 158 GLU A CD  1 
ATOM   1226 O OE1 . GLU A 1 158 ? -20.554 -22.451 -5.195  1.00 41.52 ? 158 GLU A OE1 1 
ATOM   1227 O OE2 . GLU A 1 158 ? -19.384 -20.587 -5.241  1.00 37.74 ? 158 GLU A OE2 1 
ATOM   1228 N N   . GLU A 1 159 ? -15.983 -21.864 -1.728  1.00 20.87 ? 159 GLU A N   1 
ATOM   1229 C CA  . GLU A 1 159 ? -15.599 -20.870 -0.731  1.00 20.16 ? 159 GLU A CA  1 
ATOM   1230 C C   . GLU A 1 159 ? -14.310 -20.196 -1.175  1.00 17.41 ? 159 GLU A C   1 
ATOM   1231 O O   . GLU A 1 159 ? -14.210 -18.971 -1.159  1.00 16.95 ? 159 GLU A O   1 
ATOM   1232 C CB  . GLU A 1 159 ? -15.378 -21.521 0.636   1.00 22.50 ? 159 GLU A CB  1 
ATOM   1233 C CG  . GLU A 1 159 ? -16.519 -22.400 1.125   1.00 26.04 ? 159 GLU A CG  1 
ATOM   1234 C CD  . GLU A 1 159 ? -17.761 -21.616 1.521   1.00 30.53 ? 159 GLU A CD  1 
ATOM   1235 O OE1 . GLU A 1 159 ? -18.626 -22.210 2.203   1.00 33.47 ? 159 GLU A OE1 1 
ATOM   1236 O OE2 . GLU A 1 159 ? -17.878 -20.423 1.155   1.00 29.18 ? 159 GLU A OE2 1 
ATOM   1237 N N   . ILE A 1 160 ? -13.320 -20.999 -1.564  1.00 14.31 ? 160 ILE A N   1 
ATOM   1238 C CA  . ILE A 1 160 ? -12.043 -20.453 -2.018  1.00 11.79 ? 160 ILE A CA  1 
ATOM   1239 C C   . ILE A 1 160 ? -12.317 -19.464 -3.149  1.00 12.36 ? 160 ILE A C   1 
ATOM   1240 O O   . ILE A 1 160 ? -11.749 -18.374 -3.191  1.00 10.53 ? 160 ILE A O   1 
ATOM   1241 C CB  . ILE A 1 160 ? -11.105 -21.559 -2.544  1.00 12.39 ? 160 ILE A CB  1 
ATOM   1242 C CG1 . ILE A 1 160 ? -10.810 -22.577 -1.438  1.00 10.70 ? 160 ILE A CG1 1 
ATOM   1243 C CG2 . ILE A 1 160 ? -9.800  -20.940 -3.034  1.00 14.10 ? 160 ILE A CG2 1 
ATOM   1244 C CD1 . ILE A 1 160 ? -10.021 -22.013 -0.275  1.00 8.60  ? 160 ILE A CD1 1 
ATOM   1245 N N   . GLN A 1 161 ? -13.198 -19.857 -4.063  1.00 14.40 ? 161 GLN A N   1 
ATOM   1246 C CA  . GLN A 1 161 ? -13.569 -19.007 -5.191  1.00 16.94 ? 161 GLN A CA  1 
ATOM   1247 C C   . GLN A 1 161 ? -14.081 -17.653 -4.703  1.00 15.62 ? 161 GLN A C   1 
ATOM   1248 O O   . GLN A 1 161 ? -13.684 -16.606 -5.218  1.00 14.97 ? 161 GLN A O   1 
ATOM   1249 C CB  . GLN A 1 161 ? -14.652 -19.692 -6.032  1.00 21.34 ? 161 GLN A CB  1 
ATOM   1250 C CG  . GLN A 1 161 ? -15.419 -18.754 -6.970  1.00 29.12 ? 161 GLN A CG  1 
ATOM   1251 C CD  . GLN A 1 161 ? -16.734 -19.363 -7.453  1.00 34.86 ? 161 GLN A CD  1 
ATOM   1252 O OE1 . GLN A 1 161 ? -17.575 -19.766 -6.645  1.00 36.76 ? 161 GLN A OE1 1 
ATOM   1253 N NE2 . GLN A 1 161 ? -16.917 -19.429 -8.771  1.00 35.27 ? 161 GLN A NE2 1 
ATOM   1254 N N   . LYS A 1 162 ? -14.959 -17.676 -3.707  1.00 13.62 ? 162 LYS A N   1 
ATOM   1255 C CA  . LYS A 1 162 ? -15.522 -16.441 -3.175  1.00 15.82 ? 162 LYS A CA  1 
ATOM   1256 C C   . LYS A 1 162 ? -14.465 -15.548 -2.537  1.00 14.75 ? 162 LYS A C   1 
ATOM   1257 O O   . LYS A 1 162 ? -14.480 -14.329 -2.719  1.00 13.00 ? 162 LYS A O   1 
ATOM   1258 C CB  . LYS A 1 162 ? -16.630 -16.754 -2.167  1.00 18.13 ? 162 LYS A CB  1 
ATOM   1259 C CG  . LYS A 1 162 ? -17.868 -17.346 -2.819  1.00 22.53 ? 162 LYS A CG  1 
ATOM   1260 C CD  . LYS A 1 162 ? -18.927 -17.724 -1.807  1.00 24.83 ? 162 LYS A CD  1 
ATOM   1261 C CE  . LYS A 1 162 ? -20.146 -18.299 -2.509  1.00 27.42 ? 162 LYS A CE  1 
ATOM   1262 N NZ  . LYS A 1 162 ? -21.167 -18.774 -1.534  1.00 30.91 ? 162 LYS A NZ  1 
ATOM   1263 N N   . LEU A 1 163 ? -13.552 -16.153 -1.786  1.00 13.26 ? 163 LEU A N   1 
ATOM   1264 C CA  . LEU A 1 163 ? -12.482 -15.399 -1.141  1.00 12.45 ? 163 LEU A CA  1 
ATOM   1265 C C   . LEU A 1 163 ? -11.654 -14.747 -2.240  1.00 12.16 ? 163 LEU A C   1 
ATOM   1266 O O   . LEU A 1 163 ? -11.234 -13.601 -2.129  1.00 9.43  ? 163 LEU A O   1 
ATOM   1267 C CB  . LEU A 1 163 ? -11.598 -16.335 -0.305  1.00 10.66 ? 163 LEU A CB  1 
ATOM   1268 C CG  . LEU A 1 163 ? -12.244 -16.917 0.956   1.00 10.34 ? 163 LEU A CG  1 
ATOM   1269 C CD1 . LEU A 1 163 ? -11.335 -17.959 1.584   1.00 7.31  ? 163 LEU A CD1 1 
ATOM   1270 C CD2 . LEU A 1 163 ? -12.521 -15.783 1.933   1.00 10.63 ? 163 LEU A CD2 1 
ATOM   1271 N N   . THR A 1 164 ? -11.435 -15.497 -3.311  1.00 13.04 ? 164 THR A N   1 
ATOM   1272 C CA  . THR A 1 164 ? -10.661 -15.005 -4.436  1.00 13.35 ? 164 THR A CA  1 
ATOM   1273 C C   . THR A 1 164 ? -11.345 -13.793 -5.078  1.00 13.12 ? 164 THR A C   1 
ATOM   1274 O O   . THR A 1 164 ? -10.726 -12.737 -5.242  1.00 11.18 ? 164 THR A O   1 
ATOM   1275 C CB  . THR A 1 164 ? -10.473 -16.109 -5.496  1.00 11.56 ? 164 THR A CB  1 
ATOM   1276 O OG1 . THR A 1 164 ? -9.831  -17.241 -4.891  1.00 15.15 ? 164 THR A OG1 1 
ATOM   1277 C CG2 . THR A 1 164 ? -9.612  -15.611 -6.638  1.00 10.84 ? 164 THR A CG2 1 
ATOM   1278 N N   . ASP A 1 165 ? -12.616 -13.948 -5.435  1.00 11.74 ? 165 ASP A N   1 
ATOM   1279 C CA  . ASP A 1 165 ? -13.368 -12.862 -6.061  1.00 13.45 ? 165 ASP A CA  1 
ATOM   1280 C C   . ASP A 1 165 ? -13.421 -11.598 -5.210  1.00 13.40 ? 165 ASP A C   1 
ATOM   1281 O O   . ASP A 1 165 ? -13.332 -10.491 -5.734  1.00 12.96 ? 165 ASP A O   1 
ATOM   1282 C CB  . ASP A 1 165 ? -14.794 -13.312 -6.390  1.00 13.83 ? 165 ASP A CB  1 
ATOM   1283 C CG  . ASP A 1 165 ? -14.832 -14.387 -7.452  1.00 16.30 ? 165 ASP A CG  1 
ATOM   1284 O OD1 . ASP A 1 165 ? -13.777 -14.660 -8.059  1.00 18.21 ? 165 ASP A OD1 1 
ATOM   1285 O OD2 . ASP A 1 165 ? -15.916 -14.956 -7.687  1.00 17.52 ? 165 ASP A OD2 1 
ATOM   1286 N N   . VAL A 1 166 ? -13.568 -11.758 -3.899  1.00 14.64 ? 166 VAL A N   1 
ATOM   1287 C CA  . VAL A 1 166 ? -13.623 -10.602 -3.013  1.00 13.75 ? 166 VAL A CA  1 
ATOM   1288 C C   . VAL A 1 166 ? -12.275 -9.894  -2.989  1.00 15.49 ? 166 VAL A C   1 
ATOM   1289 O O   . VAL A 1 166 ? -12.203 -8.673  -3.146  1.00 16.47 ? 166 VAL A O   1 
ATOM   1290 C CB  . VAL A 1 166 ? -14.008 -11.015 -1.576  1.00 14.85 ? 166 VAL A CB  1 
ATOM   1291 C CG1 . VAL A 1 166 ? -13.785 -9.850  -0.618  1.00 10.94 ? 166 VAL A CG1 1 
ATOM   1292 C CG2 . VAL A 1 166 ? -15.474 -11.443 -1.541  1.00 15.71 ? 166 VAL A CG2 1 
ATOM   1293 N N   . ALA A 1 167 ? -11.203 -10.659 -2.807  1.00 14.14 ? 167 ALA A N   1 
ATOM   1294 C CA  . ALA A 1 167 ? -9.867  -10.069 -2.770  1.00 14.13 ? 167 ALA A CA  1 
ATOM   1295 C C   . ALA A 1 167 ? -9.580  -9.332  -4.074  1.00 13.38 ? 167 ALA A C   1 
ATOM   1296 O O   . ALA A 1 167 ? -9.113  -8.203  -4.058  1.00 13.23 ? 167 ALA A O   1 
ATOM   1297 C CB  . ALA A 1 167 ? -8.815  -11.145 -2.531  1.00 12.46 ? 167 ALA A CB  1 
ATOM   1298 N N   . VAL A 1 168 ? -9.872  -9.974  -5.202  1.00 15.01 ? 168 VAL A N   1 
ATOM   1299 C CA  . VAL A 1 168 ? -9.634  -9.362  -6.507  1.00 15.64 ? 168 VAL A CA  1 
ATOM   1300 C C   . VAL A 1 168 ? -10.479 -8.099  -6.684  1.00 16.53 ? 168 VAL A C   1 
ATOM   1301 O O   . VAL A 1 168 ? -10.010 -7.104  -7.237  1.00 15.06 ? 168 VAL A O   1 
ATOM   1302 C CB  . VAL A 1 168 ? -9.950  -10.348 -7.659  1.00 15.48 ? 168 VAL A CB  1 
ATOM   1303 C CG1 . VAL A 1 168 ? -9.807  -9.646  -9.016  1.00 16.79 ? 168 VAL A CG1 1 
ATOM   1304 C CG2 . VAL A 1 168 ? -9.007  -11.541 -7.581  1.00 16.53 ? 168 VAL A CG2 1 
ATOM   1305 N N   . LYS A 1 169 ? -11.724 -8.132  -6.222  1.00 16.81 ? 169 LYS A N   1 
ATOM   1306 C CA  . LYS A 1 169 ? -12.570 -6.953  -6.351  1.00 17.86 ? 169 LYS A CA  1 
ATOM   1307 C C   . LYS A 1 169 ? -11.956 -5.834  -5.515  1.00 17.11 ? 169 LYS A C   1 
ATOM   1308 O O   . LYS A 1 169 ? -11.906 -4.681  -5.943  1.00 16.42 ? 169 LYS A O   1 
ATOM   1309 C CB  . LYS A 1 169 ? -13.994 -7.238  -5.873  1.00 20.01 ? 169 LYS A CB  1 
ATOM   1310 C CG  . LYS A 1 169 ? -14.911 -6.023  -6.007  1.00 25.51 ? 169 LYS A CG  1 
ATOM   1311 C CD  . LYS A 1 169 ? -16.312 -6.288  -5.486  1.00 29.62 ? 169 LYS A CD  1 
ATOM   1312 C CE  . LYS A 1 169 ? -17.164 -5.034  -5.607  1.00 31.91 ? 169 LYS A CE  1 
ATOM   1313 N NZ  . LYS A 1 169 ? -18.538 -5.234  -5.063  1.00 36.57 ? 169 LYS A NZ  1 
ATOM   1314 N N   . LYS A 1 170 ? -11.491 -6.182  -4.318  1.00 16.06 ? 170 LYS A N   1 
ATOM   1315 C CA  . LYS A 1 170 ? -10.859 -5.206  -3.438  1.00 17.16 ? 170 LYS A CA  1 
ATOM   1316 C C   . LYS A 1 170 ? -9.674  -4.580  -4.175  1.00 16.03 ? 170 LYS A C   1 
ATOM   1317 O O   . LYS A 1 170 ? -9.488  -3.361  -4.164  1.00 15.17 ? 170 LYS A O   1 
ATOM   1318 C CB  . LYS A 1 170 ? -10.381 -5.895  -2.157  1.00 19.88 ? 170 LYS A CB  1 
ATOM   1319 C CG  . LYS A 1 170 ? -11.116 -5.464  -0.887  1.00 25.84 ? 170 LYS A CG  1 
ATOM   1320 C CD  . LYS A 1 170 ? -12.632 -5.374  -1.089  1.00 29.75 ? 170 LYS A CD  1 
ATOM   1321 C CE  . LYS A 1 170 ? -13.232 -6.717  -1.475  1.00 32.47 ? 170 LYS A CE  1 
ATOM   1322 N NZ  . LYS A 1 170 ? -14.686 -6.651  -1.807  1.00 32.02 ? 170 LYS A NZ  1 
ATOM   1323 N N   . ILE A 1 171 ? -8.876  -5.420  -4.824  1.00 13.63 ? 171 ILE A N   1 
ATOM   1324 C CA  . ILE A 1 171 ? -7.729  -4.936  -5.571  1.00 13.02 ? 171 ILE A CA  1 
ATOM   1325 C C   . ILE A 1 171 ? -8.166  -3.998  -6.697  1.00 12.52 ? 171 ILE A C   1 
ATOM   1326 O O   . ILE A 1 171 ? -7.556  -2.953  -6.911  1.00 10.95 ? 171 ILE A O   1 
ATOM   1327 C CB  . ILE A 1 171 ? -6.922  -6.110  -6.163  1.00 12.51 ? 171 ILE A CB  1 
ATOM   1328 C CG1 . ILE A 1 171 ? -6.225  -6.873  -5.031  1.00 11.63 ? 171 ILE A CG1 1 
ATOM   1329 C CG2 . ILE A 1 171 ? -5.914  -5.591  -7.184  1.00 11.53 ? 171 ILE A CG2 1 
ATOM   1330 C CD1 . ILE A 1 171 ? -5.493  -8.122  -5.480  1.00 10.50 ? 171 ILE A CD1 1 
ATOM   1331 N N   . ASP A 1 172 ? -9.226  -4.361  -7.411  1.00 12.61 ? 172 ASP A N   1 
ATOM   1332 C CA  . ASP A 1 172 ? -9.706  -3.518  -8.499  1.00 13.95 ? 172 ASP A CA  1 
ATOM   1333 C C   . ASP A 1 172 ? -10.175 -2.158  -7.982  1.00 13.67 ? 172 ASP A C   1 
ATOM   1334 O O   . ASP A 1 172 ? -9.926  -1.126  -8.608  1.00 13.70 ? 172 ASP A O   1 
ATOM   1335 C CB  . ASP A 1 172 ? -10.837 -4.225  -9.251  1.00 16.35 ? 172 ASP A CB  1 
ATOM   1336 C CG  . ASP A 1 172 ? -10.353 -5.446  -10.011 1.00 16.55 ? 172 ASP A CG  1 
ATOM   1337 O OD1 . ASP A 1 172 ? -11.186 -6.267  -10.437 1.00 18.14 ? 172 ASP A OD1 1 
ATOM   1338 O OD2 . ASP A 1 172 ? -9.127  -5.584  -10.186 1.00 20.74 ? 172 ASP A OD2 1 
ATOM   1339 N N   . GLU A 1 173 ? -10.839 -2.153  -6.831  1.00 14.47 ? 173 GLU A N   1 
ATOM   1340 C CA  . GLU A 1 173 ? -11.332 -0.907  -6.256  1.00 16.98 ? 173 GLU A CA  1 
ATOM   1341 C C   . GLU A 1 173 ? -10.195 -0.008  -5.799  1.00 15.09 ? 173 GLU A C   1 
ATOM   1342 O O   . GLU A 1 173 ? -10.219 1.202   -6.007  1.00 15.57 ? 173 GLU A O   1 
ATOM   1343 C CB  . GLU A 1 173 ? -12.263 -1.188  -5.074  1.00 19.67 ? 173 GLU A CB  1 
ATOM   1344 C CG  . GLU A 1 173 ? -13.675 -1.538  -5.474  1.00 27.88 ? 173 GLU A CG  1 
ATOM   1345 C CD  . GLU A 1 173 ? -14.592 -1.685  -4.276  1.00 33.35 ? 173 GLU A CD  1 
ATOM   1346 O OE1 . GLU A 1 173 ? -14.472 -0.868  -3.335  1.00 36.44 ? 173 GLU A OE1 1 
ATOM   1347 O OE2 . GLU A 1 173 ? -15.438 -2.608  -4.280  1.00 35.52 ? 173 GLU A OE2 1 
ATOM   1348 N N   . VAL A 1 174 ? -9.201  -0.603  -5.164  1.00 14.17 ? 174 VAL A N   1 
ATOM   1349 C CA  . VAL A 1 174 ? -8.065  0.167   -4.691  1.00 15.38 ? 174 VAL A CA  1 
ATOM   1350 C C   . VAL A 1 174 ? -7.331  0.779   -5.880  1.00 14.30 ? 174 VAL A C   1 
ATOM   1351 O O   . VAL A 1 174 ? -6.837  1.903   -5.801  1.00 13.88 ? 174 VAL A O   1 
ATOM   1352 C CB  . VAL A 1 174 ? -7.116  -0.734  -3.867  1.00 16.07 ? 174 VAL A CB  1 
ATOM   1353 C CG1 . VAL A 1 174 ? -5.727  -0.125  -3.790  1.00 16.53 ? 174 VAL A CG1 1 
ATOM   1354 C CG2 . VAL A 1 174 ? -7.691  -0.921  -2.469  1.00 13.99 ? 174 VAL A CG2 1 
ATOM   1355 N N   . LEU A 1 175 ? -7.281  0.038   -6.984  1.00 13.18 ? 175 LEU A N   1 
ATOM   1356 C CA  . LEU A 1 175 ? -6.607  0.507   -8.192  1.00 14.47 ? 175 LEU A CA  1 
ATOM   1357 C C   . LEU A 1 175 ? -7.373  1.701   -8.761  1.00 14.67 ? 175 LEU A C   1 
ATOM   1358 O O   . LEU A 1 175 ? -6.792  2.749   -9.048  1.00 14.59 ? 175 LEU A O   1 
ATOM   1359 C CB  . LEU A 1 175 ? -6.569  -0.601  -9.248  1.00 12.06 ? 175 LEU A CB  1 
ATOM   1360 C CG  . LEU A 1 175 ? -5.478  -0.580  -10.332 1.00 15.93 ? 175 LEU A CG  1 
ATOM   1361 C CD1 . LEU A 1 175 ? -6.058  -1.189  -11.607 1.00 13.40 ? 175 LEU A CD1 1 
ATOM   1362 C CD2 . LEU A 1 175 ? -4.977  0.829   -10.607 1.00 13.19 ? 175 LEU A CD2 1 
ATOM   1363 N N   . ALA A 1 176 ? -8.683  1.520   -8.920  1.00 14.47 ? 176 ALA A N   1 
ATOM   1364 C CA  . ALA A 1 176 ? -9.563  2.551   -9.456  1.00 13.21 ? 176 ALA A CA  1 
ATOM   1365 C C   . ALA A 1 176 ? -9.402  3.868   -8.717  1.00 12.22 ? 176 ALA A C   1 
ATOM   1366 O O   . ALA A 1 176 ? -9.218  4.914   -9.331  1.00 13.84 ? 176 ALA A O   1 
ATOM   1367 C CB  . ALA A 1 176 ? -11.003 2.087   -9.371  1.00 14.03 ? 176 ALA A CB  1 
ATOM   1368 N N   . ALA A 1 177 ? -9.480  3.813   -7.392  1.00 12.53 ? 177 ALA A N   1 
ATOM   1369 C CA  . ALA A 1 177 ? -9.344  5.009   -6.574  1.00 10.55 ? 177 ALA A CA  1 
ATOM   1370 C C   . ALA A 1 177 ? -7.995  5.666   -6.811  1.00 11.78 ? 177 ALA A C   1 
ATOM   1371 O O   . ALA A 1 177 ? -7.902  6.887   -6.903  1.00 11.80 ? 177 ALA A O   1 
ATOM   1372 C CB  . ALA A 1 177 ? -9.492  4.654   -5.112  1.00 12.92 ? 177 ALA A CB  1 
ATOM   1373 N N   . LYS A 1 178 ? -6.949  4.853   -6.909  1.00 10.79 ? 178 LYS A N   1 
ATOM   1374 C CA  . LYS A 1 178 ? -5.607  5.381   -7.126  1.00 12.39 ? 178 LYS A CA  1 
ATOM   1375 C C   . LYS A 1 178 ? -5.494  6.017   -8.512  1.00 12.97 ? 178 LYS A C   1 
ATOM   1376 O O   . LYS A 1 178 ? -4.915  7.097   -8.653  1.00 13.89 ? 178 LYS A O   1 
ATOM   1377 C CB  . LYS A 1 178 ? -4.554  4.281   -6.973  1.00 11.65 ? 178 LYS A CB  1 
ATOM   1378 C CG  . LYS A 1 178 ? -3.110  4.785   -7.011  1.00 12.88 ? 178 LYS A CG  1 
ATOM   1379 C CD  . LYS A 1 178 ? -2.774  5.647   -5.781  1.00 12.69 ? 178 LYS A CD  1 
ATOM   1380 C CE  . LYS A 1 178 ? -1.292  6.009   -5.739  1.00 9.65  ? 178 LYS A CE  1 
ATOM   1381 N NZ  . LYS A 1 178 ? -0.891  6.697   -4.486  1.00 10.55 ? 178 LYS A NZ  1 
ATOM   1382 N N   . GLU A 1 179 ? -6.042  5.356   -9.531  1.00 11.54 ? 179 GLU A N   1 
ATOM   1383 C CA  . GLU A 1 179 ? -5.993  5.913   -10.880 1.00 11.76 ? 179 GLU A CA  1 
ATOM   1384 C C   . GLU A 1 179 ? -6.794  7.210   -10.939 1.00 11.23 ? 179 GLU A C   1 
ATOM   1385 O O   . GLU A 1 179 ? -6.404  8.158   -11.619 1.00 10.57 ? 179 GLU A O   1 
ATOM   1386 C CB  . GLU A 1 179 ? -6.576  4.948   -11.917 1.00 11.31 ? 179 GLU A CB  1 
ATOM   1387 C CG  . GLU A 1 179 ? -5.756  3.706   -12.195 1.00 19.48 ? 179 GLU A CG  1 
ATOM   1388 C CD  . GLU A 1 179 ? -5.943  3.191   -13.622 1.00 19.83 ? 179 GLU A CD  1 
ATOM   1389 O OE1 . GLU A 1 179 ? -5.872  1.962   -13.826 1.00 19.12 ? 179 GLU A OE1 1 
ATOM   1390 O OE2 . GLU A 1 179 ? -6.150  4.019   -14.538 1.00 20.14 ? 179 GLU A OE2 1 
ATOM   1391 N N   . LYS A 1 180 ? -7.926  7.242   -10.243 1.00 12.41 ? 180 LYS A N   1 
ATOM   1392 C CA  . LYS A 1 180 ? -8.767  8.436   -10.243 1.00 14.78 ? 180 LYS A CA  1 
ATOM   1393 C C   . LYS A 1 180 ? -7.966  9.632   -9.749  1.00 13.98 ? 180 LYS A C   1 
ATOM   1394 O O   . LYS A 1 180 ? -8.051  10.726  -10.301 1.00 15.55 ? 180 LYS A O   1 
ATOM   1395 C CB  . LYS A 1 180 ? -9.993  8.240   -9.348  1.00 15.38 ? 180 LYS A CB  1 
ATOM   1396 C CG  . LYS A 1 180 ? -10.997 9.389   -9.424  1.00 22.19 ? 180 LYS A CG  1 
ATOM   1397 C CD  . LYS A 1 180 ? -12.210 9.164   -8.516  1.00 27.04 ? 180 LYS A CD  1 
ATOM   1398 C CE  . LYS A 1 180 ? -11.829 9.257   -7.038  1.00 33.24 ? 180 LYS A CE  1 
ATOM   1399 N NZ  . LYS A 1 180 ? -12.970 9.028   -6.091  1.00 36.32 ? 180 LYS A NZ  1 
ATOM   1400 N N   . GLU A 1 181 ? -7.184  9.416   -8.703  1.00 13.43 ? 181 GLU A N   1 
ATOM   1401 C CA  . GLU A 1 181 ? -6.379  10.481  -8.138  1.00 12.65 ? 181 GLU A CA  1 
ATOM   1402 C C   . GLU A 1 181 ? -5.298  10.873  -9.137  1.00 12.43 ? 181 GLU A C   1 
ATOM   1403 O O   . GLU A 1 181 ? -5.077  12.056  -9.389  1.00 13.45 ? 181 GLU A O   1 
ATOM   1404 C CB  . GLU A 1 181 ? -5.759  10.014  -6.819  1.00 13.65 ? 181 GLU A CB  1 
ATOM   1405 C CG  . GLU A 1 181 ? -5.625  11.119  -5.787  1.00 16.61 ? 181 GLU A CG  1 
ATOM   1406 C CD  . GLU A 1 181 ? -5.274  10.601  -4.405  1.00 20.05 ? 181 GLU A CD  1 
ATOM   1407 O OE1 . GLU A 1 181 ? -4.091  10.254  -4.183  1.00 20.44 ? 181 GLU A OE1 1 
ATOM   1408 O OE2 . GLU A 1 181 ? -6.186  10.536  -3.546  1.00 19.33 ? 181 GLU A OE2 1 
ATOM   1409 N N   . LEU A 1 182 ? -4.642  9.878   -9.720  1.00 10.14 ? 182 LEU A N   1 
ATOM   1410 C CA  . LEU A 1 182 ? -3.588  10.134  -10.696 1.00 12.77 ? 182 LEU A CA  1 
ATOM   1411 C C   . LEU A 1 182 ? -4.101  10.894  -11.916 1.00 12.70 ? 182 LEU A C   1 
ATOM   1412 O O   . LEU A 1 182 ? -3.362  11.667  -12.517 1.00 13.69 ? 182 LEU A O   1 
ATOM   1413 C CB  . LEU A 1 182 ? -2.937  8.820   -11.154 1.00 8.85  ? 182 LEU A CB  1 
ATOM   1414 C CG  . LEU A 1 182 ? -2.020  8.081   -10.173 1.00 11.38 ? 182 LEU A CG  1 
ATOM   1415 C CD1 . LEU A 1 182 ? -1.591  6.730   -10.775 1.00 7.41  ? 182 LEU A CD1 1 
ATOM   1416 C CD2 . LEU A 1 182 ? -0.794  8.932   -9.872  1.00 9.62  ? 182 LEU A CD2 1 
ATOM   1417 N N   . MET A 1 183 ? -5.359  10.673  -12.285 1.00 14.28 ? 183 MET A N   1 
ATOM   1418 C CA  . MET A 1 183 ? -5.925  11.356  -13.441 1.00 15.73 ? 183 MET A CA  1 
ATOM   1419 C C   . MET A 1 183 ? -6.317  12.796  -13.149 1.00 16.91 ? 183 MET A C   1 
ATOM   1420 O O   . MET A 1 183 ? -6.553  13.579  -14.071 1.00 17.11 ? 183 MET A O   1 
ATOM   1421 C CB  . MET A 1 183 ? -7.140  10.596  -13.980 1.00 16.58 ? 183 MET A CB  1 
ATOM   1422 C CG  . MET A 1 183 ? -6.787  9.240   -14.566 1.00 15.74 ? 183 MET A CG  1 
ATOM   1423 S SD  . MET A 1 183 ? -5.363  9.361   -15.670 1.00 19.53 ? 183 MET A SD  1 
ATOM   1424 C CE  . MET A 1 183 ? -6.176  9.894   -17.178 1.00 17.33 ? 183 MET A CE  1 
ATOM   1425 N N   . GLU A 1 184 ? -6.405  13.147  -11.872 1.00 19.76 ? 184 GLU A N   1 
ATOM   1426 C CA  . GLU A 1 184 ? -6.762  14.514  -11.503 1.00 23.11 ? 184 GLU A CA  1 
ATOM   1427 C C   . GLU A 1 184 ? -5.691  15.447  -12.068 1.00 24.31 ? 184 GLU A C   1 
ATOM   1428 O O   . GLU A 1 184 ? -4.497  15.193  -11.935 1.00 23.73 ? 184 GLU A O   1 
ATOM   1429 C CB  . GLU A 1 184 ? -6.856  14.646  -9.980  1.00 22.74 ? 184 GLU A CB  1 
ATOM   1430 C CG  . GLU A 1 184 ? -8.018  13.865  -9.371  1.00 25.32 ? 184 GLU A CG  1 
ATOM   1431 C CD  . GLU A 1 184 ? -8.032  13.903  -7.847  1.00 27.88 ? 184 GLU A CD  1 
ATOM   1432 O OE1 . GLU A 1 184 ? -8.974  13.337  -7.248  1.00 28.20 ? 184 GLU A OE1 1 
ATOM   1433 O OE2 . GLU A 1 184 ? -7.108  14.495  -7.250  1.00 28.42 ? 184 GLU A OE2 1 
ATOM   1434 N N   . VAL A 1 185 ? -6.124  16.518  -12.720 1.00 27.55 ? 185 VAL A N   1 
ATOM   1435 C CA  . VAL A 1 185 ? -5.192  17.465  -13.325 1.00 30.48 ? 185 VAL A CA  1 
ATOM   1436 C C   . VAL A 1 185 ? -5.223  18.839  -12.676 1.00 32.24 ? 185 VAL A C   1 
ATOM   1437 O O   . VAL A 1 185 ? -4.182  19.269  -12.134 1.00 33.14 ? 185 VAL A O   1 
ATOM   1438 C CB  . VAL A 1 185 ? -5.477  17.629  -14.834 1.00 30.55 ? 185 VAL A CB  1 
ATOM   1439 C CG1 . VAL A 1 185 ? -6.968  17.771  -15.069 1.00 30.83 ? 185 VAL A CG1 1 
ATOM   1440 C CG2 . VAL A 1 185 ? -4.742  18.846  -15.376 1.00 30.23 ? 185 VAL A CG2 1 
ATOM   1441 O OXT . VAL A 1 185 ? -6.290  19.482  -12.732 1.00 36.56 ? 185 VAL A OXT 1 
HETATM 1442 O O   . HOH B 2 .   ? -12.774 -18.749 -8.140  1.00 23.20 ? 186 HOH A O   1 
HETATM 1443 O O   . HOH B 2 .   ? -16.423 -28.233 2.616   1.00 9.47  ? 187 HOH A O   1 
HETATM 1444 O O   . HOH B 2 .   ? 8.807   22.175  19.939  1.00 42.95 ? 188 HOH A O   1 
HETATM 1445 O O   . HOH B 2 .   ? 10.115  29.217  4.797   1.00 5.08  ? 189 HOH A O   1 
HETATM 1446 O O   . HOH B 2 .   ? 0.284   9.356   -2.603  1.00 14.36 ? 190 HOH A O   1 
HETATM 1447 O O   . HOH B 2 .   ? -12.808 -31.142 7.226   1.00 15.27 ? 191 HOH A O   1 
HETATM 1448 O O   . HOH B 2 .   ? 6.898   7.442   9.943   1.00 16.18 ? 192 HOH A O   1 
HETATM 1449 O O   . HOH B 2 .   ? 1.346   12.994  -0.211  1.00 6.60  ? 193 HOH A O   1 
HETATM 1450 O O   . HOH B 2 .   ? 12.814  25.858  3.973   1.00 16.67 ? 194 HOH A O   1 
HETATM 1451 O O   . HOH B 2 .   ? 11.476  16.060  16.973  1.00 12.48 ? 195 HOH A O   1 
HETATM 1452 O O   . HOH B 2 .   ? -3.924  -3.780  -13.322 1.00 10.29 ? 196 HOH A O   1 
HETATM 1453 O O   . HOH B 2 .   ? 5.478   1.257   -4.714  1.00 23.26 ? 197 HOH A O   1 
HETATM 1454 O O   . HOH B 2 .   ? -16.445 -25.586 2.981   1.00 19.77 ? 198 HOH A O   1 
HETATM 1455 O O   . HOH B 2 .   ? -16.823 -13.247 -3.761  1.00 35.77 ? 199 HOH A O   1 
HETATM 1456 O O   . HOH B 2 .   ? -1.631  -31.760 -3.128  1.00 44.22 ? 200 HOH A O   1 
HETATM 1457 O O   . HOH B 2 .   ? -0.367  -26.846 -2.579  1.00 20.06 ? 201 HOH A O   1 
HETATM 1458 O O   . HOH B 2 .   ? 0.787   12.296  -2.862  1.00 8.68  ? 202 HOH A O   1 
HETATM 1459 O O   . HOH B 2 .   ? 0.801   8.111   0.011   1.00 15.49 ? 203 HOH A O   1 
HETATM 1460 O O   . HOH B 2 .   ? -1.405  -32.065 -7.063  1.00 12.61 ? 204 HOH A O   1 
HETATM 1461 O O   . HOH B 2 .   ? -16.118 -29.435 4.874   1.00 13.27 ? 205 HOH A O   1 
HETATM 1462 O O   . HOH B 2 .   ? 15.794  11.020  2.880   1.00 22.08 ? 206 HOH A O   1 
HETATM 1463 O O   . HOH B 2 .   ? -3.495  -30.833 2.188   1.00 13.36 ? 207 HOH A O   1 
HETATM 1464 O O   . HOH B 2 .   ? 18.731  14.753  7.135   1.00 18.56 ? 208 HOH A O   1 
HETATM 1465 O O   . HOH B 2 .   ? 8.060   4.422   14.478  1.00 21.86 ? 209 HOH A O   1 
HETATM 1466 O O   . HOH B 2 .   ? -13.505 -10.326 -8.704  1.00 11.58 ? 210 HOH A O   1 
HETATM 1467 O O   . HOH B 2 .   ? 0.981   12.898  13.137  1.00 35.02 ? 211 HOH A O   1 
HETATM 1468 O O   . HOH B 2 .   ? -2.717  18.204  -8.892  1.00 34.53 ? 212 HOH A O   1 
HETATM 1469 O O   . HOH B 2 .   ? 6.938   28.725  6.147   1.00 41.28 ? 213 HOH A O   1 
HETATM 1470 O O   . HOH B 2 .   ? -6.345  -12.035 -16.572 1.00 25.90 ? 214 HOH A O   1 
HETATM 1471 O O   . HOH B 2 .   ? -9.828  -1.037  -11.124 1.00 27.46 ? 215 HOH A O   1 
HETATM 1472 O O   . HOH B 2 .   ? -5.052  -28.308 6.716   1.00 18.35 ? 216 HOH A O   1 
HETATM 1473 O O   . HOH B 2 .   ? 6.222   8.226   -5.883  1.00 17.49 ? 217 HOH A O   1 
HETATM 1474 O O   . HOH B 2 .   ? -2.621  -23.443 0.883   1.00 19.34 ? 218 HOH A O   1 
HETATM 1475 O O   . HOH B 2 .   ? -6.047  -22.198 11.666  1.00 15.70 ? 219 HOH A O   1 
HETATM 1476 O O   . HOH B 2 .   ? -3.154  -24.727 3.738   1.00 32.82 ? 220 HOH A O   1 
HETATM 1477 O O   . HOH B 2 .   ? -21.183 -33.115 3.008   1.00 26.79 ? 221 HOH A O   1 
HETATM 1478 O O   . HOH B 2 .   ? -2.165  9.000   4.699   1.00 18.10 ? 222 HOH A O   1 
HETATM 1479 O O   . HOH B 2 .   ? -11.006 -28.244 11.407  1.00 25.08 ? 223 HOH A O   1 
HETATM 1480 O O   . HOH B 2 .   ? -9.607  8.336   -5.503  1.00 17.32 ? 224 HOH A O   1 
HETATM 1481 O O   . HOH B 2 .   ? 3.834   11.628  15.088  1.00 22.45 ? 225 HOH A O   1 
HETATM 1482 O O   . HOH B 2 .   ? -11.478 12.903  -8.035  1.00 14.80 ? 226 HOH A O   1 
HETATM 1483 O O   . HOH B 2 .   ? -10.667 -7.509  1.783   1.00 34.54 ? 227 HOH A O   1 
HETATM 1484 O O   . HOH B 2 .   ? 20.765  14.841  16.472  1.00 33.06 ? 228 HOH A O   1 
HETATM 1485 O O   . HOH B 2 .   ? 2.619   15.689  -6.050  1.00 11.70 ? 229 HOH A O   1 
HETATM 1486 O O   . HOH B 2 .   ? -2.320  3.164   -0.678  1.00 20.27 ? 230 HOH A O   1 
HETATM 1487 O O   . HOH B 2 .   ? 24.285  10.191  8.243   1.00 30.79 ? 231 HOH A O   1 
HETATM 1488 O O   . HOH B 2 .   ? -7.161  20.258  -4.601  1.00 21.86 ? 232 HOH A O   1 
HETATM 1489 O O   . HOH B 2 .   ? 5.798   26.587  7.442   1.00 15.49 ? 233 HOH A O   1 
HETATM 1490 O O   . HOH B 2 .   ? -6.600  -29.894 11.251  1.00 30.71 ? 234 HOH A O   1 
HETATM 1491 O O   . HOH B 2 .   ? -6.565  -9.617  -14.667 1.00 50.26 ? 235 HOH A O   1 
HETATM 1492 O O   . HOH B 2 .   ? -6.009  22.726  7.902   1.00 20.40 ? 236 HOH A O   1 
HETATM 1493 O O   . HOH B 2 .   ? -4.149  14.429  8.113   1.00 21.34 ? 237 HOH A O   1 
HETATM 1494 O O   . HOH B 2 .   ? 0.230   -23.077 1.634   1.00 27.89 ? 238 HOH A O   1 
HETATM 1495 O O   . HOH B 2 .   ? -12.385 -28.489 8.601   1.00 17.76 ? 239 HOH A O   1 
HETATM 1496 O O   . HOH B 2 .   ? 24.196  16.695  13.315  1.00 40.83 ? 240 HOH A O   1 
HETATM 1497 O O   . HOH B 2 .   ? -1.704  18.925  -6.449  1.00 12.63 ? 241 HOH A O   1 
HETATM 1498 O O   . HOH B 2 .   ? -1.207  -10.474 7.073   1.00 47.82 ? 242 HOH A O   1 
HETATM 1499 O O   . HOH B 2 .   ? 0.661   4.716   -21.788 1.00 24.21 ? 243 HOH A O   1 
HETATM 1500 O O   . HOH B 2 .   ? -1.882  -1.165  4.245   1.00 44.42 ? 244 HOH A O   1 
HETATM 1501 O O   . HOH B 2 .   ? -12.193 -38.674 -0.974  1.00 30.00 ? 245 HOH A O   1 
HETATM 1502 O O   . HOH B 2 .   ? 1.059   -10.875 -0.708  1.00 54.00 ? 246 HOH A O   1 
HETATM 1503 O O   . HOH B 2 .   ? 21.571  8.202   10.329  1.00 36.09 ? 247 HOH A O   1 
HETATM 1504 O O   . HOH B 2 .   ? -15.378 -33.652 -9.158  1.00 47.07 ? 248 HOH A O   1 
HETATM 1505 O O   . HOH B 2 .   ? -4.649  16.168  13.391  1.00 27.70 ? 249 HOH A O   1 
HETATM 1506 O O   . HOH B 2 .   ? 1.522   -1.355  -16.410 1.00 19.85 ? 250 HOH A O   1 
HETATM 1507 O O   . HOH B 2 .   ? -10.865 -21.697 11.061  1.00 34.57 ? 251 HOH A O   1 
HETATM 1508 O O   . HOH B 2 .   ? -19.738 -36.601 -2.470  0.50 21.54 ? 252 HOH A O   1 
HETATM 1509 O O   . HOH B 2 .   ? -12.564 2.741   -5.627  1.00 21.09 ? 253 HOH A O   1 
HETATM 1510 O O   . HOH B 2 .   ? 19.039  16.078  17.968  1.00 47.27 ? 254 HOH A O   1 
HETATM 1511 O O   . HOH B 2 .   ? 14.988  3.562   11.350  1.00 53.39 ? 255 HOH A O   1 
HETATM 1512 O O   . HOH B 2 .   ? -2.667  8.046   -3.289  1.00 16.51 ? 256 HOH A O   1 
HETATM 1513 O O   . HOH B 2 .   ? -5.170  -22.012 9.139   1.00 17.28 ? 257 HOH A O   1 
HETATM 1514 O O   . HOH B 2 .   ? 1.087   -20.501 -9.358  1.00 37.88 ? 258 HOH A O   1 
HETATM 1515 O O   . HOH B 2 .   ? 18.858  8.480   8.511   1.00 22.90 ? 259 HOH A O   1 
HETATM 1516 O O   . HOH B 2 .   ? 6.575   0.357   -0.588  1.00 45.86 ? 260 HOH A O   1 
HETATM 1517 O O   . HOH B 2 .   ? -5.797  17.763  -4.449  1.00 44.50 ? 261 HOH A O   1 
HETATM 1518 O O   . HOH B 2 .   ? -0.466  -30.076 -1.168  1.00 36.00 ? 262 HOH A O   1 
HETATM 1519 O O   . HOH B 2 .   ? -3.488  1.038   6.227   1.00 54.87 ? 263 HOH A O   1 
HETATM 1520 O O   . HOH B 2 .   ? 7.787   18.511  -8.715  1.00 32.59 ? 264 HOH A O   1 
HETATM 1521 O O   . HOH B 2 .   ? 2.844   0.562   -6.514  1.00 48.87 ? 265 HOH A O   1 
HETATM 1522 O O   . HOH B 2 .   ? 1.600   19.128  11.218  1.00 19.71 ? 266 HOH A O   1 
HETATM 1523 O O   . HOH B 2 .   ? -4.370  -8.502  6.151   1.00 25.95 ? 267 HOH A O   1 
HETATM 1524 O O   . HOH B 2 .   ? 14.814  9.089   4.557   1.00 25.02 ? 268 HOH A O   1 
HETATM 1525 O O   . HOH B 2 .   ? 6.342   15.346  -23.020 1.00 39.81 ? 269 HOH A O   1 
HETATM 1526 O O   . HOH B 2 .   ? 0.426   -7.039  4.433   1.00 28.63 ? 270 HOH A O   1 
HETATM 1527 O O   . HOH B 2 .   ? 8.631   7.381   2.199   1.00 44.41 ? 271 HOH A O   1 
HETATM 1528 O O   . HOH B 2 .   ? 6.008   0.336   -7.122  1.00 34.85 ? 272 HOH A O   1 
HETATM 1529 O O   . HOH B 2 .   ? 4.810   17.198  -10.024 1.00 19.98 ? 273 HOH A O   1 
HETATM 1530 O O   . HOH B 2 .   ? 0.944   -20.669 5.087   1.00 40.94 ? 274 HOH A O   1 
HETATM 1531 O O   . HOH B 2 .   ? 21.357  21.532  4.407   1.00 48.77 ? 275 HOH A O   1 
HETATM 1532 O O   . HOH B 2 .   ? 4.752   3.182   13.432  1.00 20.70 ? 276 HOH A O   1 
HETATM 1533 O O   . HOH B 2 .   ? 13.337  20.949  22.074  1.00 38.54 ? 277 HOH A O   1 
HETATM 1534 O O   . HOH B 2 .   ? -12.755 -14.021 9.187   1.00 32.45 ? 278 HOH A O   1 
HETATM 1535 O O   . HOH B 2 .   ? 18.899  17.351  -1.870  1.00 49.77 ? 279 HOH A O   1 
HETATM 1536 O O   . HOH B 2 .   ? -10.062 -16.837 -9.998  1.00 34.44 ? 280 HOH A O   1 
HETATM 1537 O O   . HOH B 2 .   ? 1.844   -4.644  -5.400  1.00 38.21 ? 281 HOH A O   1 
HETATM 1538 O O   . HOH B 2 .   ? -13.473 -27.171 12.175  1.00 14.12 ? 282 HOH A O   1 
HETATM 1539 O O   . HOH B 2 .   ? 10.280  6.062   8.411   1.00 29.04 ? 283 HOH A O   1 
HETATM 1540 O O   . HOH B 2 .   ? 3.515   4.740   3.003   1.00 32.83 ? 284 HOH A O   1 
HETATM 1541 O O   . HOH B 2 .   ? -6.678  25.286  7.186   1.00 34.08 ? 285 HOH A O   1 
HETATM 1542 O O   . HOH B 2 .   ? -7.602  5.322   -15.911 1.00 21.82 ? 286 HOH A O   1 
HETATM 1543 O O   . HOH B 2 .   ? -2.805  13.573  -9.047  1.00 17.77 ? 287 HOH A O   1 
HETATM 1544 O O   . HOH B 2 .   ? -4.899  10.229  3.415   1.00 31.48 ? 288 HOH A O   1 
HETATM 1545 O O   . HOH B 2 .   ? 0.868   -15.794 -3.524  1.00 37.27 ? 289 HOH A O   1 
HETATM 1546 O O   . HOH B 2 .   ? -2.370  -15.395 -12.225 1.00 29.40 ? 290 HOH A O   1 
HETATM 1547 O O   . HOH B 2 .   ? 19.303  12.893  9.069   1.00 27.13 ? 291 HOH A O   1 
HETATM 1548 O O   . HOH B 2 .   ? -10.966 -39.380 -3.926  1.00 42.58 ? 292 HOH A O   1 
HETATM 1549 O O   . HOH B 2 .   ? -3.309  -37.129 -1.687  1.00 15.75 ? 293 HOH A O   1 
HETATM 1550 O O   . HOH B 2 .   ? -19.992 -36.114 2.675   1.00 29.20 ? 294 HOH A O   1 
HETATM 1551 O O   . HOH B 2 .   ? -21.533 -30.912 -2.393  1.00 30.58 ? 295 HOH A O   1 
HETATM 1552 O O   . HOH B 2 .   ? 12.338  26.169  10.582  1.00 46.80 ? 296 HOH A O   1 
HETATM 1553 O O   . HOH B 2 .   ? 3.206   9.704   8.162   1.00 48.14 ? 297 HOH A O   1 
HETATM 1554 O O   . HOH B 2 .   ? 1.487   -27.928 1.000   1.00 40.49 ? 298 HOH A O   1 
HETATM 1555 O O   . HOH B 2 .   ? 7.339   19.189  21.250  0.50 33.40 ? 299 HOH A O   1 
HETATM 1556 O O   . HOH B 2 .   ? 24.568  10.493  19.698  1.00 35.70 ? 300 HOH A O   1 
HETATM 1557 O O   . HOH B 2 .   ? -3.402  -24.409 8.908   0.50 33.27 ? 301 HOH A O   1 
HETATM 1558 O O   . HOH B 2 .   ? -9.492  7.155   -13.363 1.00 31.73 ? 302 HOH A O   1 
HETATM 1559 O O   . HOH B 2 .   ? 4.894   14.938  -12.139 1.00 32.95 ? 303 HOH A O   1 
HETATM 1560 O O   . HOH B 2 .   ? -11.725 -22.272 -6.486  1.00 16.22 ? 304 HOH A O   1 
HETATM 1561 O O   . HOH B 2 .   ? -2.477  9.506   -18.727 1.00 29.43 ? 305 HOH A O   1 
HETATM 1562 O O   . HOH B 2 .   ? -0.991  -6.947  7.031   1.00 36.88 ? 306 HOH A O   1 
HETATM 1563 O O   . HOH B 2 .   ? -0.491  5.056   -18.867 1.00 20.12 ? 307 HOH A O   1 
HETATM 1564 O O   . HOH B 2 .   ? -12.272 -25.139 13.473  1.00 27.78 ? 308 HOH A O   1 
HETATM 1565 O O   . HOH B 2 .   ? -10.889 -2.688  -0.138  1.00 41.40 ? 309 HOH A O   1 
HETATM 1566 O O   . HOH B 2 .   ? 22.351  15.319  19.667  1.00 44.26 ? 310 HOH A O   1 
HETATM 1567 O O   . HOH B 2 .   ? -2.188  5.185   -2.280  1.00 3.42  ? 311 HOH A O   1 
HETATM 1568 O O   . HOH B 2 .   ? -23.406 -19.528 -0.348  1.00 37.18 ? 312 HOH A O   1 
HETATM 1569 O O   . HOH B 2 .   ? 18.181  9.845   1.242   1.00 55.77 ? 313 HOH A O   1 
HETATM 1570 O O   . HOH B 2 .   ? -4.106  -7.421  -15.989 0.50 46.16 ? 314 HOH A O   1 
HETATM 1571 O O   . HOH B 2 .   ? -12.520 5.731   -6.276  1.00 41.91 ? 315 HOH A O   1 
HETATM 1572 O O   . HOH B 2 .   ? -12.968 3.010   -3.094  1.00 32.50 ? 316 HOH A O   1 
HETATM 1573 O O   . HOH B 2 .   ? -19.002 -29.367 2.505   1.00 49.05 ? 317 HOH A O   1 
HETATM 1574 O O   . HOH B 2 .   ? -26.100 -27.204 2.456   1.00 48.13 ? 318 HOH A O   1 
HETATM 1575 O O   . HOH B 2 .   ? -15.994 -4.652  -2.837  1.00 60.51 ? 319 HOH A O   1 
HETATM 1576 O O   . HOH B 2 .   ? -0.493  -0.193  -19.116 1.00 19.08 ? 320 HOH A O   1 
HETATM 1577 O O   . HOH B 2 .   ? -2.764  -23.431 5.772   1.00 52.48 ? 321 HOH A O   1 
HETATM 1578 O O   . HOH B 2 .   ? 14.426  26.365  9.234   1.00 48.56 ? 322 HOH A O   1 
HETATM 1579 O O   . HOH B 2 .   ? 2.392   7.500   -25.020 1.00 31.79 ? 323 HOH A O   1 
HETATM 1580 O O   . HOH B 2 .   ? 1.149   -15.817 -0.081  1.00 46.50 ? 324 HOH A O   1 
HETATM 1581 O O   . HOH B 2 .   ? -14.472 1.219   -8.016  1.00 25.32 ? 325 HOH A O   1 
HETATM 1582 O O   . HOH B 2 .   ? -9.585  20.305  0.876   1.00 37.01 ? 326 HOH A O   1 
HETATM 1583 O O   . HOH B 2 .   ? -4.259  20.359  -9.534  1.00 34.75 ? 327 HOH A O   1 
HETATM 1584 O O   . HOH B 2 .   ? -16.647 -21.376 4.200   1.00 28.76 ? 328 HOH A O   1 
HETATM 1585 O O   . HOH B 2 .   ? 0.032   -7.867  -3.365  1.00 26.54 ? 329 HOH A O   1 
HETATM 1586 O O   . HOH B 2 .   ? -2.114  16.306  14.163  1.00 24.77 ? 330 HOH A O   1 
HETATM 1587 O O   . HOH B 2 .   ? -8.658  1.012   -12.428 1.00 29.56 ? 331 HOH A O   1 
HETATM 1588 O O   . HOH B 2 .   ? -19.296 -23.538 -0.393  1.00 25.82 ? 332 HOH A O   1 
HETATM 1589 O O   . HOH B 2 .   ? 11.053  10.132  -10.109 0.50 50.21 ? 333 HOH A O   1 
HETATM 1590 O O   . HOH B 2 .   ? 6.427   20.577  -2.777  1.00 21.57 ? 334 HOH A O   1 
HETATM 1591 O O   . HOH B 2 .   ? -4.163  -29.630 4.635   1.00 31.42 ? 335 HOH A O   1 
HETATM 1592 O O   . HOH B 2 .   ? -19.314 -14.119 -1.792  1.00 60.05 ? 336 HOH A O   1 
HETATM 1593 O O   . HOH B 2 .   ? -12.397 10.330  -3.303  1.00 43.73 ? 337 HOH A O   1 
HETATM 1594 O O   . HOH B 2 .   ? -1.568  -7.849  9.797   1.00 35.12 ? 338 HOH A O   1 
HETATM 1595 O O   . HOH B 2 .   ? 13.516  16.194  -6.983  1.00 39.54 ? 339 HOH A O   1 
HETATM 1596 O O   . HOH B 2 .   ? -7.970  -18.040 -11.334 1.00 29.14 ? 340 HOH A O   1 
HETATM 1597 O O   . HOH B 2 .   ? 19.164  8.251   4.481   1.00 41.82 ? 341 HOH A O   1 
HETATM 1598 O O   . HOH B 2 .   ? 2.636   18.037  -18.455 1.00 27.84 ? 342 HOH A O   1 
HETATM 1599 O O   . HOH B 2 .   ? -13.452 -7.088  -9.689  1.00 46.70 ? 343 HOH A O   1 
HETATM 1600 O O   . HOH B 2 .   ? 6.224   3.856   -17.211 1.00 35.37 ? 344 HOH A O   1 
HETATM 1601 O O   . HOH B 2 .   ? -7.540  22.901  10.246  1.00 28.82 ? 345 HOH A O   1 
HETATM 1602 O O   . HOH B 2 .   ? -3.864  -19.496 9.098   1.00 30.41 ? 346 HOH A O   1 
HETATM 1603 O O   . HOH B 2 .   ? -20.902 -4.794  -6.270  1.00 51.40 ? 347 HOH A O   1 
HETATM 1604 O O   . HOH B 2 .   ? -5.828  14.663  -0.289  1.00 40.97 ? 348 HOH A O   1 
HETATM 1605 O O   . HOH B 2 .   ? 2.552   -23.944 2.170   1.00 33.19 ? 349 HOH A O   1 
HETATM 1606 O O   . HOH B 2 .   ? -0.036  -11.019 -14.954 1.00 25.24 ? 350 HOH A O   1 
HETATM 1607 O O   . HOH B 2 .   ? -11.093 -12.449 0.465   1.00 20.33 ? 351 HOH A O   1 
HETATM 1608 O O   . HOH B 2 .   ? 0.753   13.817  18.042  0.50 36.77 ? 352 HOH A O   1 
HETATM 1609 O O   . HOH B 2 .   ? 14.145  22.867  1.404   1.00 28.72 ? 353 HOH A O   1 
HETATM 1610 O O   . HOH B 2 .   ? 11.658  15.436  -2.895  1.00 25.07 ? 354 HOH A O   1 
HETATM 1611 O O   . HOH B 2 .   ? -4.921  -22.147 2.275   1.00 24.27 ? 355 HOH A O   1 
HETATM 1612 O O   . HOH B 2 .   ? -10.599 5.072   -11.613 1.00 23.34 ? 356 HOH A O   1 
HETATM 1613 O O   . HOH B 2 .   ? -1.468  2.198   -18.972 1.00 33.48 ? 357 HOH A O   1 
HETATM 1614 O O   . HOH B 2 .   ? 11.204  27.999  2.324   1.00 39.84 ? 358 HOH A O   1 
HETATM 1615 O O   . HOH B 2 .   ? -8.278  18.755  -6.223  1.00 36.53 ? 359 HOH A O   1 
HETATM 1616 O O   . HOH B 2 .   ? -13.424 -22.857 12.584  1.00 28.89 ? 360 HOH A O   1 
HETATM 1617 O O   . HOH B 2 .   ? -7.075  -6.768  3.275   1.00 31.77 ? 361 HOH A O   1 
HETATM 1618 O O   . HOH B 2 .   ? 18.005  20.337  12.375  1.00 35.79 ? 362 HOH A O   1 
HETATM 1619 O O   . HOH B 2 .   ? 12.949  29.101  11.631  1.00 34.42 ? 363 HOH A O   1 
HETATM 1620 O O   . HOH B 2 .   ? -13.310 -31.222 -7.128  1.00 41.05 ? 364 HOH A O   1 
HETATM 1621 O O   . HOH B 2 .   ? 18.856  10.547  6.713   1.00 36.66 ? 365 HOH A O   1 
HETATM 1622 O O   . HOH B 2 .   ? 23.992  18.604  6.207   1.00 35.08 ? 366 HOH A O   1 
HETATM 1623 O O   . HOH B 2 .   ? -15.356 -28.028 6.923   1.00 29.57 ? 367 HOH A O   1 
HETATM 1624 O O   . HOH B 2 .   ? 23.239  18.474  11.340  1.00 32.37 ? 368 HOH A O   1 
HETATM 1625 O O   . HOH B 2 .   ? -22.672 -32.442 -0.685  1.00 51.58 ? 369 HOH A O   1 
HETATM 1626 O O   . HOH B 2 .   ? -7.004  -41.519 -4.068  1.00 44.50 ? 370 HOH A O   1 
HETATM 1627 O O   . HOH B 2 .   ? -5.700  -19.935 -9.325  1.00 29.41 ? 371 HOH A O   1 
HETATM 1628 O O   . HOH B 2 .   ? -6.847  -7.841  5.869   1.00 43.47 ? 372 HOH A O   1 
HETATM 1629 O O   . HOH B 2 .   ? -10.567 3.106   -13.317 1.00 37.82 ? 373 HOH A O   1 
HETATM 1630 O O   . HOH B 2 .   ? -19.693 -18.018 2.006   1.00 44.95 ? 374 HOH A O   1 
HETATM 1631 O O   . HOH B 2 .   ? 12.958  17.632  -3.646  1.00 44.00 ? 375 HOH A O   1 
HETATM 1632 O O   . HOH B 2 .   ? -3.347  -12.903 -12.505 1.00 38.94 ? 376 HOH A O   1 
HETATM 1633 O O   . HOH B 2 .   ? 22.519  12.673  15.266  1.00 48.92 ? 377 HOH A O   1 
HETATM 1634 O O   . HOH B 2 .   ? -2.946  -1.432  -19.005 1.00 36.86 ? 378 HOH A O   1 
HETATM 1635 O O   . HOH B 2 .   ? -3.240  21.078  -6.978  1.00 27.63 ? 379 HOH A O   1 
HETATM 1636 O O   . HOH B 2 .   ? -8.396  14.655  -0.173  1.00 45.70 ? 380 HOH A O   1 
HETATM 1637 O O   . HOH B 2 .   ? 7.077   16.017  -13.051 1.00 36.78 ? 381 HOH A O   1 
HETATM 1638 O O   . HOH B 2 .   ? 25.663  7.437   14.814  1.00 28.94 ? 382 HOH A O   1 
HETATM 1639 O O   . HOH B 2 .   ? -0.323  -36.921 0.746   1.00 40.35 ? 383 HOH A O   1 
HETATM 1640 O O   . HOH B 2 .   ? -2.588  6.923   -19.131 1.00 33.57 ? 384 HOH A O   1 
HETATM 1641 O O   . HOH B 2 .   ? -4.775  6.136   -3.167  1.00 54.52 ? 385 HOH A O   1 
HETATM 1642 O O   . HOH B 2 .   ? -1.966  16.175  -10.671 1.00 26.04 ? 386 HOH A O   1 
HETATM 1643 O O   . HOH B 2 .   ? -16.811 -25.891 -6.470  1.00 25.99 ? 387 HOH A O   1 
HETATM 1644 O O   . HOH B 2 .   ? -2.286  -33.279 2.774   1.00 35.99 ? 388 HOH A O   1 
HETATM 1645 O O   . HOH B 2 .   ? -4.470  15.857  -7.520  1.00 29.18 ? 389 HOH A O   1 
HETATM 1646 O O   . HOH B 2 .   ? 19.881  16.044  25.309  1.00 35.85 ? 390 HOH A O   1 
HETATM 1647 O O   . HOH B 2 .   ? 12.830  6.767   2.390   1.00 32.53 ? 391 HOH A O   1 
HETATM 1648 O O   . HOH B 2 .   ? -12.792 -13.437 4.520   1.00 24.64 ? 392 HOH A O   1 
HETATM 1649 O O   . HOH B 2 .   ? -20.786 -31.481 1.076   1.00 36.55 ? 393 HOH A O   1 
HETATM 1650 O O   . HOH B 2 .   ? -9.596  -25.112 13.570  1.00 36.89 ? 394 HOH A O   1 
HETATM 1651 O O   . HOH B 2 .   ? -17.463 -15.822 -5.663  1.00 38.29 ? 395 HOH A O   1 
HETATM 1652 O O   . HOH B 2 .   ? 1.726   5.598   8.223   1.00 36.72 ? 396 HOH A O   1 
HETATM 1653 O O   . HOH B 2 .   ? -6.175  3.676   -3.593  1.00 33.76 ? 397 HOH A O   1 
HETATM 1654 O O   . HOH B 2 .   ? -1.136  -12.790 9.538   1.00 45.36 ? 398 HOH A O   1 
HETATM 1655 O O   . HOH B 2 .   ? -16.692 -16.980 -9.382  1.00 35.03 ? 399 HOH A O   1 
HETATM 1656 O O   . HOH B 2 .   ? -5.614  2.695   7.377   1.00 39.33 ? 400 HOH A O   1 
HETATM 1657 O O   . HOH B 2 .   ? -7.889  8.171   -3.369  1.00 32.24 ? 401 HOH A O   1 
HETATM 1658 O O   . HOH B 2 .   ? -1.890  16.502  -13.275 1.00 48.47 ? 402 HOH A O   1 
HETATM 1659 O O   . HOH B 2 .   ? 7.170   5.838   -7.000  1.00 43.45 ? 403 HOH A O   1 
HETATM 1660 O O   . HOH B 2 .   ? -0.014  -13.081 1.111   1.00 32.66 ? 404 HOH A O   1 
HETATM 1661 O O   . HOH B 2 .   ? 3.974   -3.604  0.711   1.00 40.82 ? 405 HOH A O   1 
HETATM 1662 O O   . HOH B 2 .   ? -22.185 -30.794 3.844   1.00 37.25 ? 406 HOH A O   1 
HETATM 1663 O O   . HOH B 2 .   ? -7.207  13.527  -16.656 1.00 45.40 ? 407 HOH A O   1 
HETATM 1664 O O   . HOH B 2 .   ? -2.343  6.481   2.062   1.00 45.19 ? 408 HOH A O   1 
HETATM 1665 O O   . HOH B 2 .   ? -10.303 11.297  -5.639  1.00 37.10 ? 409 HOH A O   1 
HETATM 1666 O O   . HOH B 2 .   ? -4.913  -18.554 11.701  1.00 48.61 ? 410 HOH A O   1 
HETATM 1667 O O   . HOH B 2 .   ? -14.421 -25.887 -8.322  1.00 51.07 ? 411 HOH A O   1 
HETATM 1668 O O   . HOH B 2 .   ? 2.132   3.253   13.950  1.00 31.70 ? 412 HOH A O   1 
# 
